data_6VSI
# 
_entry.id   6VSI 
# 
_audit_conform.dict_name       mmcif_pdbx.dic 
_audit_conform.dict_version    5.380 
_audit_conform.dict_location   http://mmcif.pdb.org/dictionaries/ascii/mmcif_pdbx.dic 
# 
loop_
_database_2.database_id 
_database_2.database_code 
_database_2.pdbx_database_accession 
_database_2.pdbx_DOI 
PDB   6VSI         pdb_00006vsi 10.2210/pdb6vsi/pdb 
WWPDB D_1000247008 ?            ?                   
# 
_pdbx_database_status.status_code                     REL 
_pdbx_database_status.status_code_sf                  REL 
_pdbx_database_status.status_code_mr                  ? 
_pdbx_database_status.entry_id                        6VSI 
_pdbx_database_status.recvd_initial_deposition_date   2020-02-11 
_pdbx_database_status.SG_entry                        N 
_pdbx_database_status.deposit_site                    RCSB 
_pdbx_database_status.process_site                    RCSB 
_pdbx_database_status.status_code_cs                  ? 
_pdbx_database_status.status_code_nmr_data            ? 
_pdbx_database_status.methods_development_category    ? 
_pdbx_database_status.pdb_format_compatible           Y 
# 
loop_
_audit_author.name 
_audit_author.pdbx_ordinal 
_audit_author.identifier_ORCID 
'Li, Z.'        1 0000-0002-1039-7000 
'Li, H.'        2 0000-0002-8684-5308 
'Hernandez, G.' 3 0000-0002-7557-8806 
'LeMaster, D.'  4 0000-0003-2810-9465 
# 
_citation.abstract                  ? 
_citation.abstract_id_CAS           ? 
_citation.book_id_ISBN              ? 
_citation.book_publisher            ? 
_citation.book_publisher_city       ? 
_citation.book_title                ? 
_citation.coordinate_linkage        ? 
_citation.country                   US 
_citation.database_id_Medline       ? 
_citation.details                   ? 
_citation.id                        primary 
_citation.journal_abbrev            Biochem.Biophys.Res.Commun. 
_citation.journal_id_ASTM           BBRCA9 
_citation.journal_id_CSD            0146 
_citation.journal_id_ISSN           1090-2104 
_citation.journal_full              ? 
_citation.journal_issue             ? 
_citation.journal_volume            525 
_citation.language                  ? 
_citation.page_first                1103 
_citation.page_last                 1108 
_citation.title                     
'Crystal structure and transient dimerization for the FKBP12 protein from the pathogenic fungus Candida auris.' 
_citation.year                      2020 
_citation.database_id_CSD           ? 
_citation.pdbx_database_id_DOI      10.1016/j.bbrc.2020.03.059 
_citation.pdbx_database_id_PubMed   32184021 
_citation.unpublished_flag          ? 
# 
loop_
_citation_author.citation_id 
_citation_author.name 
_citation_author.ordinal 
_citation_author.identifier_ORCID 
primary 'Bashir, Q.'     1 ? 
primary 'Li, Z.'         2 ? 
primary 'Li, H.'         3 ? 
primary 'LeMaster, D.M.' 4 ? 
primary 'Hernandez, G.'  5 ? 
# 
_cell.angle_alpha                  90.000 
_cell.angle_alpha_esd              ? 
_cell.angle_beta                   90.000 
_cell.angle_beta_esd               ? 
_cell.angle_gamma                  90.000 
_cell.angle_gamma_esd              ? 
_cell.entry_id                     6VSI 
_cell.details                      ? 
_cell.formula_units_Z              ? 
_cell.length_a                     74.800 
_cell.length_a_esd                 ? 
_cell.length_b                     74.800 
_cell.length_b_esd                 ? 
_cell.length_c                     72.290 
_cell.length_c_esd                 ? 
_cell.volume                       ? 
_cell.volume_esd                   ? 
_cell.Z_PDB                        8 
_cell.reciprocal_angle_alpha       ? 
_cell.reciprocal_angle_beta        ? 
_cell.reciprocal_angle_gamma       ? 
_cell.reciprocal_angle_alpha_esd   ? 
_cell.reciprocal_angle_beta_esd    ? 
_cell.reciprocal_angle_gamma_esd   ? 
_cell.reciprocal_length_a          ? 
_cell.reciprocal_length_b          ? 
_cell.reciprocal_length_c          ? 
_cell.reciprocal_length_a_esd      ? 
_cell.reciprocal_length_b_esd      ? 
_cell.reciprocal_length_c_esd      ? 
_cell.pdbx_unique_axis             ? 
# 
_symmetry.entry_id                         6VSI 
_symmetry.cell_setting                     ? 
_symmetry.Int_Tables_number                95 
_symmetry.space_group_name_Hall            ? 
_symmetry.space_group_name_H-M             'P 43 2 2' 
_symmetry.pdbx_full_space_group_name_H-M   ? 
# 
loop_
_entity.id 
_entity.type 
_entity.src_method 
_entity.pdbx_description 
_entity.formula_weight 
_entity.pdbx_number_of_molecules 
_entity.pdbx_ec 
_entity.pdbx_mutation 
_entity.pdbx_fragment 
_entity.details 
1 polymer     man 'Peptidylprolyl isomerase' 11821.423 1  5.2.1.8 ? ? ? 
2 non-polymer syn 'SULFATE ION'              96.063    1  ?       ? ? ? 
3 water       nat water                      18.015    78 ?       ? ? ? 
# 
_entity_name_com.entity_id   1 
_entity_name_com.name        'FK506-binding protein FKBP12' 
# 
_entity_poly.entity_id                      1 
_entity_poly.type                           'polypeptide(L)' 
_entity_poly.nstd_linkage                   no 
_entity_poly.nstd_monomer                   no 
_entity_poly.pdbx_seq_one_letter_code       
;MAPNTTEVEIISEGDGKVFPKVGDTVTIHYTGTLENGKKFDSSRDRGKPFQCTIGVGHVIKGWDIGIPKLSVGSQAKLTI
PGHEAYGSRGFPGLIPPDATLIFDVELLGVN
;
_entity_poly.pdbx_seq_one_letter_code_can   
;MAPNTTEVEIISEGDGKVFPKVGDTVTIHYTGTLENGKKFDSSRDRGKPFQCTIGVGHVIKGWDIGIPKLSVGSQAKLTI
PGHEAYGSRGFPGLIPPDATLIFDVELLGVN
;
_entity_poly.pdbx_strand_id                 A 
_entity_poly.pdbx_target_identifier         ? 
# 
loop_
_entity_poly_seq.entity_id 
_entity_poly_seq.num 
_entity_poly_seq.mon_id 
_entity_poly_seq.hetero 
1 1   MET n 
1 2   ALA n 
1 3   PRO n 
1 4   ASN n 
1 5   THR n 
1 6   THR n 
1 7   GLU n 
1 8   VAL n 
1 9   GLU n 
1 10  ILE n 
1 11  ILE n 
1 12  SER n 
1 13  GLU n 
1 14  GLY n 
1 15  ASP n 
1 16  GLY n 
1 17  LYS n 
1 18  VAL n 
1 19  PHE n 
1 20  PRO n 
1 21  LYS n 
1 22  VAL n 
1 23  GLY n 
1 24  ASP n 
1 25  THR n 
1 26  VAL n 
1 27  THR n 
1 28  ILE n 
1 29  HIS n 
1 30  TYR n 
1 31  THR n 
1 32  GLY n 
1 33  THR n 
1 34  LEU n 
1 35  GLU n 
1 36  ASN n 
1 37  GLY n 
1 38  LYS n 
1 39  LYS n 
1 40  PHE n 
1 41  ASP n 
1 42  SER n 
1 43  SER n 
1 44  ARG n 
1 45  ASP n 
1 46  ARG n 
1 47  GLY n 
1 48  LYS n 
1 49  PRO n 
1 50  PHE n 
1 51  GLN n 
1 52  CYS n 
1 53  THR n 
1 54  ILE n 
1 55  GLY n 
1 56  VAL n 
1 57  GLY n 
1 58  HIS n 
1 59  VAL n 
1 60  ILE n 
1 61  LYS n 
1 62  GLY n 
1 63  TRP n 
1 64  ASP n 
1 65  ILE n 
1 66  GLY n 
1 67  ILE n 
1 68  PRO n 
1 69  LYS n 
1 70  LEU n 
1 71  SER n 
1 72  VAL n 
1 73  GLY n 
1 74  SER n 
1 75  GLN n 
1 76  ALA n 
1 77  LYS n 
1 78  LEU n 
1 79  THR n 
1 80  ILE n 
1 81  PRO n 
1 82  GLY n 
1 83  HIS n 
1 84  GLU n 
1 85  ALA n 
1 86  TYR n 
1 87  GLY n 
1 88  SER n 
1 89  ARG n 
1 90  GLY n 
1 91  PHE n 
1 92  PRO n 
1 93  GLY n 
1 94  LEU n 
1 95  ILE n 
1 96  PRO n 
1 97  PRO n 
1 98  ASP n 
1 99  ALA n 
1 100 THR n 
1 101 LEU n 
1 102 ILE n 
1 103 PHE n 
1 104 ASP n 
1 105 VAL n 
1 106 GLU n 
1 107 LEU n 
1 108 LEU n 
1 109 GLY n 
1 110 VAL n 
1 111 ASN n 
# 
_entity_src_gen.entity_id                          1 
_entity_src_gen.pdbx_src_id                        1 
_entity_src_gen.pdbx_alt_source_flag               sample 
_entity_src_gen.pdbx_seq_type                      'Biological sequence' 
_entity_src_gen.pdbx_beg_seq_num                   1 
_entity_src_gen.pdbx_end_seq_num                   111 
_entity_src_gen.gene_src_common_name               Yeast 
_entity_src_gen.gene_src_genus                     ? 
_entity_src_gen.pdbx_gene_src_gene                 CJJ09_002997 
_entity_src_gen.gene_src_species                   ? 
_entity_src_gen.gene_src_strain                    ? 
_entity_src_gen.gene_src_tissue                    ? 
_entity_src_gen.gene_src_tissue_fraction           ? 
_entity_src_gen.gene_src_details                   ? 
_entity_src_gen.pdbx_gene_src_fragment             ? 
_entity_src_gen.pdbx_gene_src_scientific_name      'Candida auris' 
_entity_src_gen.pdbx_gene_src_ncbi_taxonomy_id     498019 
_entity_src_gen.pdbx_gene_src_variant              ? 
_entity_src_gen.pdbx_gene_src_cell_line            ? 
_entity_src_gen.pdbx_gene_src_atcc                 ? 
_entity_src_gen.pdbx_gene_src_organ                ? 
_entity_src_gen.pdbx_gene_src_organelle            ? 
_entity_src_gen.pdbx_gene_src_cell                 ? 
_entity_src_gen.pdbx_gene_src_cellular_location    ? 
_entity_src_gen.host_org_common_name               ? 
_entity_src_gen.pdbx_host_org_scientific_name      'Escherichia coli BL21(DE3)' 
_entity_src_gen.pdbx_host_org_ncbi_taxonomy_id     469008 
_entity_src_gen.host_org_genus                     ? 
_entity_src_gen.pdbx_host_org_gene                 ? 
_entity_src_gen.pdbx_host_org_organ                ? 
_entity_src_gen.host_org_species                   ? 
_entity_src_gen.pdbx_host_org_tissue               ? 
_entity_src_gen.pdbx_host_org_tissue_fraction      ? 
_entity_src_gen.pdbx_host_org_strain               ? 
_entity_src_gen.pdbx_host_org_variant              ? 
_entity_src_gen.pdbx_host_org_cell_line            ? 
_entity_src_gen.pdbx_host_org_atcc                 ? 
_entity_src_gen.pdbx_host_org_culture_collection   ? 
_entity_src_gen.pdbx_host_org_cell                 ? 
_entity_src_gen.pdbx_host_org_organelle            ? 
_entity_src_gen.pdbx_host_org_cellular_location    ? 
_entity_src_gen.pdbx_host_org_vector_type          plasmid 
_entity_src_gen.pdbx_host_org_vector               ? 
_entity_src_gen.host_org_details                   ? 
_entity_src_gen.expression_system_id               ? 
_entity_src_gen.plasmid_name                       pET11a 
_entity_src_gen.plasmid_details                    ? 
_entity_src_gen.pdbx_description                   ? 
# 
_struct_ref.id                         1 
_struct_ref.db_name                    UNP 
_struct_ref.db_code                    A0A5C1DY09_CANAR 
_struct_ref.pdbx_db_accession          A0A5C1DY09 
_struct_ref.pdbx_db_isoform            ? 
_struct_ref.entity_id                  1 
_struct_ref.pdbx_seq_one_letter_code   
;MAPNTTEVEIISEGDGKVFPKVGDTVTIHYTGTLENGKKFDSSRDRGKPFQCTIGVGHVIKGWDIGIPKLSVGSQAKLTI
PGHEAYGSRGFPGLIPPDATLIFDVELLGVN
;
_struct_ref.pdbx_align_begin           1 
# 
_struct_ref_seq.align_id                      1 
_struct_ref_seq.ref_id                        1 
_struct_ref_seq.pdbx_PDB_id_code              6VSI 
_struct_ref_seq.pdbx_strand_id                A 
_struct_ref_seq.seq_align_beg                 1 
_struct_ref_seq.pdbx_seq_align_beg_ins_code   ? 
_struct_ref_seq.seq_align_end                 111 
_struct_ref_seq.pdbx_seq_align_end_ins_code   ? 
_struct_ref_seq.pdbx_db_accession             A0A5C1DY09 
_struct_ref_seq.db_align_beg                  1 
_struct_ref_seq.pdbx_db_align_beg_ins_code    ? 
_struct_ref_seq.db_align_end                  111 
_struct_ref_seq.pdbx_db_align_end_ins_code    ? 
_struct_ref_seq.pdbx_auth_seq_align_beg       1 
_struct_ref_seq.pdbx_auth_seq_align_end       111 
# 
loop_
_chem_comp.id 
_chem_comp.type 
_chem_comp.mon_nstd_flag 
_chem_comp.name 
_chem_comp.pdbx_synonyms 
_chem_comp.formula 
_chem_comp.formula_weight 
ALA 'L-peptide linking' y ALANINE         ? 'C3 H7 N O2'     89.093  
ARG 'L-peptide linking' y ARGININE        ? 'C6 H15 N4 O2 1' 175.209 
ASN 'L-peptide linking' y ASPARAGINE      ? 'C4 H8 N2 O3'    132.118 
ASP 'L-peptide linking' y 'ASPARTIC ACID' ? 'C4 H7 N O4'     133.103 
CYS 'L-peptide linking' y CYSTEINE        ? 'C3 H7 N O2 S'   121.158 
GLN 'L-peptide linking' y GLUTAMINE       ? 'C5 H10 N2 O3'   146.144 
GLU 'L-peptide linking' y 'GLUTAMIC ACID' ? 'C5 H9 N O4'     147.129 
GLY 'peptide linking'   y GLYCINE         ? 'C2 H5 N O2'     75.067  
HIS 'L-peptide linking' y HISTIDINE       ? 'C6 H10 N3 O2 1' 156.162 
HOH non-polymer         . WATER           ? 'H2 O'           18.015  
ILE 'L-peptide linking' y ISOLEUCINE      ? 'C6 H13 N O2'    131.173 
LEU 'L-peptide linking' y LEUCINE         ? 'C6 H13 N O2'    131.173 
LYS 'L-peptide linking' y LYSINE          ? 'C6 H15 N2 O2 1' 147.195 
MET 'L-peptide linking' y METHIONINE      ? 'C5 H11 N O2 S'  149.211 
PHE 'L-peptide linking' y PHENYLALANINE   ? 'C9 H11 N O2'    165.189 
PRO 'L-peptide linking' y PROLINE         ? 'C5 H9 N O2'     115.130 
SER 'L-peptide linking' y SERINE          ? 'C3 H7 N O3'     105.093 
SO4 non-polymer         . 'SULFATE ION'   ? 'O4 S -2'        96.063  
THR 'L-peptide linking' y THREONINE       ? 'C4 H9 N O3'     119.119 
TRP 'L-peptide linking' y TRYPTOPHAN      ? 'C11 H12 N2 O2'  204.225 
TYR 'L-peptide linking' y TYROSINE        ? 'C9 H11 N O3'    181.189 
VAL 'L-peptide linking' y VALINE          ? 'C5 H11 N O2'    117.146 
# 
_exptl.absorpt_coefficient_mu     ? 
_exptl.absorpt_correction_T_max   ? 
_exptl.absorpt_correction_T_min   ? 
_exptl.absorpt_correction_type    ? 
_exptl.absorpt_process_details    ? 
_exptl.entry_id                   6VSI 
_exptl.crystals_number            1 
_exptl.details                    ? 
_exptl.method                     'X-RAY DIFFRACTION' 
_exptl.method_details             ? 
# 
_exptl_crystal.colour                      ? 
_exptl_crystal.density_diffrn              ? 
_exptl_crystal.density_Matthews            4.05 
_exptl_crystal.density_method              ? 
_exptl_crystal.density_percent_sol         70.0 
_exptl_crystal.description                 'long rod' 
_exptl_crystal.F_000                       ? 
_exptl_crystal.id                          1 
_exptl_crystal.preparation                 ? 
_exptl_crystal.size_max                    ? 
_exptl_crystal.size_mid                    ? 
_exptl_crystal.size_min                    ? 
_exptl_crystal.size_rad                    ? 
_exptl_crystal.colour_lustre               ? 
_exptl_crystal.colour_modifier             ? 
_exptl_crystal.colour_primary              ? 
_exptl_crystal.density_meas                ? 
_exptl_crystal.density_meas_esd            ? 
_exptl_crystal.density_meas_gt             ? 
_exptl_crystal.density_meas_lt             ? 
_exptl_crystal.density_meas_temp           ? 
_exptl_crystal.density_meas_temp_esd       ? 
_exptl_crystal.density_meas_temp_gt        ? 
_exptl_crystal.density_meas_temp_lt        ? 
_exptl_crystal.pdbx_crystal_image_url      ? 
_exptl_crystal.pdbx_crystal_image_format   ? 
_exptl_crystal.pdbx_mosaicity              ? 
_exptl_crystal.pdbx_mosaicity_esd          ? 
# 
_exptl_crystal_grow.apparatus       ? 
_exptl_crystal_grow.atmosphere      ? 
_exptl_crystal_grow.crystal_id      1 
_exptl_crystal_grow.details         ? 
_exptl_crystal_grow.method          EVAPORATION 
_exptl_crystal_grow.method_ref      ? 
_exptl_crystal_grow.pH              7.5 
_exptl_crystal_grow.pressure        ? 
_exptl_crystal_grow.pressure_esd    ? 
_exptl_crystal_grow.seeding         ? 
_exptl_crystal_grow.seeding_ref     ? 
_exptl_crystal_grow.temp            298 
_exptl_crystal_grow.temp_details    ? 
_exptl_crystal_grow.temp_esd        ? 
_exptl_crystal_grow.time            ? 
_exptl_crystal_grow.pdbx_details    
;2 uL 21.5 mg/mL protein in 20 mM Tris-HCl, pH 8.0, 200 mM sodium chloride + 2 uL 54% saturated ammonium sulfate, 0.1 M HEPES, pH 7.5, 2% isopropanol
;
_exptl_crystal_grow.pdbx_pH_range   ? 
# 
_diffrn.ambient_environment              ? 
_diffrn.ambient_temp                     100 
_diffrn.ambient_temp_details             ? 
_diffrn.ambient_temp_esd                 ? 
_diffrn.crystal_id                       1 
_diffrn.crystal_support                  ? 
_diffrn.crystal_treatment                ? 
_diffrn.details                          ? 
_diffrn.id                               1 
_diffrn.ambient_pressure                 ? 
_diffrn.ambient_pressure_esd             ? 
_diffrn.ambient_pressure_gt              ? 
_diffrn.ambient_pressure_lt              ? 
_diffrn.ambient_temp_gt                  ? 
_diffrn.ambient_temp_lt                  ? 
_diffrn.pdbx_serial_crystal_experiment   N 
# 
_diffrn_detector.details                      ? 
_diffrn_detector.detector                     PIXEL 
_diffrn_detector.diffrn_id                    1 
_diffrn_detector.type                         'ADSC HF-4M' 
_diffrn_detector.area_resol_mean              ? 
_diffrn_detector.dtime                        ? 
_diffrn_detector.pdbx_frames_total            ? 
_diffrn_detector.pdbx_collection_time_total   ? 
_diffrn_detector.pdbx_collection_date         2019-10-30 
_diffrn_detector.pdbx_frequency               ? 
# 
_diffrn_radiation.collimation                      ? 
_diffrn_radiation.diffrn_id                        1 
_diffrn_radiation.filter_edge                      ? 
_diffrn_radiation.inhomogeneity                    ? 
_diffrn_radiation.monochromator                    ? 
_diffrn_radiation.polarisn_norm                    ? 
_diffrn_radiation.polarisn_ratio                   ? 
_diffrn_radiation.probe                            ? 
_diffrn_radiation.type                             ? 
_diffrn_radiation.xray_symbol                      ? 
_diffrn_radiation.wavelength_id                    1 
_diffrn_radiation.pdbx_monochromatic_or_laue_m_l   M 
_diffrn_radiation.pdbx_wavelength_list             ? 
_diffrn_radiation.pdbx_wavelength                  ? 
_diffrn_radiation.pdbx_diffrn_protocol             'SINGLE WAVELENGTH' 
_diffrn_radiation.pdbx_analyzer                    ? 
_diffrn_radiation.pdbx_scattering_type             x-ray 
# 
_diffrn_radiation_wavelength.id           1 
_diffrn_radiation_wavelength.wavelength   0.9796 
_diffrn_radiation_wavelength.wt           1.0 
# 
_diffrn_source.current                     ? 
_diffrn_source.details                     ? 
_diffrn_source.diffrn_id                   1 
_diffrn_source.power                       ? 
_diffrn_source.size                        ? 
_diffrn_source.source                      SYNCHROTRON 
_diffrn_source.target                      ? 
_diffrn_source.type                        'NSLS-II BEAMLINE 19-ID' 
_diffrn_source.voltage                     ? 
_diffrn_source.take-off_angle              ? 
_diffrn_source.pdbx_wavelength_list        0.9796 
_diffrn_source.pdbx_wavelength             ? 
_diffrn_source.pdbx_synchrotron_beamline   19-ID 
_diffrn_source.pdbx_synchrotron_site       NSLS-II 
# 
_reflns.B_iso_Wilson_estimate            45.5 
_reflns.entry_id                         6VSI 
_reflns.data_reduction_details           ? 
_reflns.data_reduction_method            ? 
_reflns.d_resolution_high                1.87 
_reflns.d_resolution_low                 37.400 
_reflns.details                          ? 
_reflns.limit_h_max                      ? 
_reflns.limit_h_min                      ? 
_reflns.limit_k_max                      ? 
_reflns.limit_k_min                      ? 
_reflns.limit_l_max                      ? 
_reflns.limit_l_min                      ? 
_reflns.number_all                       ? 
_reflns.number_obs                       17303 
_reflns.observed_criterion               ? 
_reflns.observed_criterion_F_max         ? 
_reflns.observed_criterion_F_min         ? 
_reflns.observed_criterion_I_max         ? 
_reflns.observed_criterion_I_min         ? 
_reflns.observed_criterion_sigma_F       ? 
_reflns.observed_criterion_sigma_I       ? 
_reflns.percent_possible_obs             91.89 
_reflns.R_free_details                   ? 
_reflns.Rmerge_F_all                     ? 
_reflns.Rmerge_F_obs                     ? 
_reflns.Friedel_coverage                 ? 
_reflns.number_gt                        ? 
_reflns.threshold_expression             ? 
_reflns.pdbx_redundancy                  12.1 
_reflns.pdbx_Rmerge_I_obs                0.071 
_reflns.pdbx_Rmerge_I_all                ? 
_reflns.pdbx_Rsym_value                  ? 
_reflns.pdbx_netI_over_av_sigmaI         ? 
_reflns.pdbx_netI_over_sigmaI            20.8 
_reflns.pdbx_res_netI_over_av_sigmaI_2   ? 
_reflns.pdbx_res_netI_over_sigmaI_2      ? 
_reflns.pdbx_chi_squared                 ? 
_reflns.pdbx_scaling_rejects             ? 
_reflns.pdbx_d_res_high_opt              ? 
_reflns.pdbx_d_res_low_opt               ? 
_reflns.pdbx_d_res_opt_method            ? 
_reflns.phase_calculation_details        ? 
_reflns.pdbx_Rrim_I_all                  0.074 
_reflns.pdbx_Rpim_I_all                  0.021 
_reflns.pdbx_d_opt                       ? 
_reflns.pdbx_number_measured_all         ? 
_reflns.pdbx_diffrn_id                   1 
_reflns.pdbx_ordinal                     1 
_reflns.pdbx_CC_half                     0.999 
_reflns.pdbx_CC_star                     1 
_reflns.pdbx_R_split                     ? 
# 
_reflns_shell.d_res_high                  1.87 
_reflns_shell.d_res_low                   1.94 
_reflns_shell.meanI_over_sigI_all         ? 
_reflns_shell.meanI_over_sigI_obs         ? 
_reflns_shell.number_measured_all         ? 
_reflns_shell.number_measured_obs         ? 
_reflns_shell.number_possible             ? 
_reflns_shell.number_unique_all           ? 
_reflns_shell.number_unique_obs           571 
_reflns_shell.percent_possible_all        33.8 
_reflns_shell.percent_possible_obs        ? 
_reflns_shell.Rmerge_F_all                ? 
_reflns_shell.Rmerge_F_obs                ? 
_reflns_shell.Rmerge_I_all                ? 
_reflns_shell.Rmerge_I_obs                ? 
_reflns_shell.meanI_over_sigI_gt          ? 
_reflns_shell.meanI_over_uI_all           ? 
_reflns_shell.meanI_over_uI_gt            ? 
_reflns_shell.number_measured_gt          ? 
_reflns_shell.number_unique_gt            ? 
_reflns_shell.percent_possible_gt         ? 
_reflns_shell.Rmerge_F_gt                 ? 
_reflns_shell.Rmerge_I_gt                 ? 
_reflns_shell.pdbx_redundancy             13.3 
_reflns_shell.pdbx_Rsym_value             ? 
_reflns_shell.pdbx_chi_squared            ? 
_reflns_shell.pdbx_netI_over_sigmaI_all   ? 
_reflns_shell.pdbx_netI_over_sigmaI_obs   ? 
_reflns_shell.pdbx_Rrim_I_all             ? 
_reflns_shell.pdbx_Rpim_I_all             ? 
_reflns_shell.pdbx_rejects                ? 
_reflns_shell.pdbx_ordinal                1 
_reflns_shell.pdbx_diffrn_id              1 
_reflns_shell.pdbx_CC_half                0.29 
_reflns_shell.pdbx_CC_star                ? 
_reflns_shell.pdbx_R_split                ? 
# 
_refine.aniso_B[1][1]                            ? 
_refine.aniso_B[1][2]                            ? 
_refine.aniso_B[1][3]                            ? 
_refine.aniso_B[2][2]                            ? 
_refine.aniso_B[2][3]                            ? 
_refine.aniso_B[3][3]                            ? 
_refine.B_iso_max                                120.280 
_refine.B_iso_mean                               48.9185 
_refine.B_iso_min                                33.160 
_refine.correlation_coeff_Fo_to_Fc               ? 
_refine.correlation_coeff_Fo_to_Fc_free          ? 
_refine.details                                  ? 
_refine.diff_density_max                         ? 
_refine.diff_density_max_esd                     ? 
_refine.diff_density_min                         ? 
_refine.diff_density_min_esd                     ? 
_refine.diff_density_rms                         ? 
_refine.diff_density_rms_esd                     ? 
_refine.entry_id                                 6VSI 
_refine.pdbx_refine_id                           'X-RAY DIFFRACTION' 
_refine.ls_abs_structure_details                 ? 
_refine.ls_abs_structure_Flack                   ? 
_refine.ls_abs_structure_Flack_esd               ? 
_refine.ls_abs_structure_Rogers                  ? 
_refine.ls_abs_structure_Rogers_esd              ? 
_refine.ls_d_res_high                            1.8700 
_refine.ls_d_res_low                             37.4000 
_refine.ls_extinction_coef                       ? 
_refine.ls_extinction_coef_esd                   ? 
_refine.ls_extinction_expression                 ? 
_refine.ls_extinction_method                     ? 
_refine.ls_goodness_of_fit_all                   ? 
_refine.ls_goodness_of_fit_all_esd               ? 
_refine.ls_goodness_of_fit_obs                   ? 
_refine.ls_goodness_of_fit_obs_esd               ? 
_refine.ls_hydrogen_treatment                    ? 
_refine.ls_matrix_type                           ? 
_refine.ls_number_constraints                    ? 
_refine.ls_number_parameters                     ? 
_refine.ls_number_reflns_all                     ? 
_refine.ls_number_reflns_obs                     16029 
_refine.ls_number_reflns_R_free                  723 
_refine.ls_number_reflns_R_work                  ? 
_refine.ls_number_restraints                     ? 
_refine.ls_percent_reflns_obs                    91.3100 
_refine.ls_percent_reflns_R_free                 4.5100 
_refine.ls_R_factor_all                          ? 
_refine.ls_R_factor_obs                          0.2020 
_refine.ls_R_factor_R_free                       0.2064 
_refine.ls_R_factor_R_free_error                 ? 
_refine.ls_R_factor_R_free_error_details         ? 
_refine.ls_R_factor_R_work                       0.2018 
_refine.ls_R_Fsqd_factor_obs                     ? 
_refine.ls_R_I_factor_obs                        ? 
_refine.ls_redundancy_reflns_all                 ? 
_refine.ls_redundancy_reflns_obs                 ? 
_refine.ls_restrained_S_all                      ? 
_refine.ls_restrained_S_obs                      ? 
_refine.ls_shift_over_esd_max                    ? 
_refine.ls_shift_over_esd_mean                   ? 
_refine.ls_structure_factor_coef                 ? 
_refine.ls_weighting_details                     ? 
_refine.ls_weighting_scheme                      ? 
_refine.ls_wR_factor_all                         ? 
_refine.ls_wR_factor_obs                         ? 
_refine.ls_wR_factor_R_free                      ? 
_refine.ls_wR_factor_R_work                      ? 
_refine.occupancy_max                            ? 
_refine.occupancy_min                            ? 
_refine.solvent_model_details                    ? 
_refine.solvent_model_param_bsol                 ? 
_refine.solvent_model_param_ksol                 ? 
_refine.pdbx_R_complete                          ? 
_refine.ls_R_factor_gt                           ? 
_refine.ls_goodness_of_fit_gt                    ? 
_refine.ls_goodness_of_fit_ref                   ? 
_refine.ls_shift_over_su_max                     ? 
_refine.ls_shift_over_su_max_lt                  ? 
_refine.ls_shift_over_su_mean                    ? 
_refine.ls_shift_over_su_mean_lt                 ? 
_refine.pdbx_ls_sigma_I                          ? 
_refine.pdbx_ls_sigma_F                          1.340 
_refine.pdbx_ls_sigma_Fsqd                       ? 
_refine.pdbx_data_cutoff_high_absF               ? 
_refine.pdbx_data_cutoff_high_rms_absF           ? 
_refine.pdbx_data_cutoff_low_absF                ? 
_refine.pdbx_isotropic_thermal_model             ? 
_refine.pdbx_ls_cross_valid_method               THROUGHOUT 
_refine.pdbx_method_to_determine_struct          'MOLECULAR REPLACEMENT' 
_refine.pdbx_starting_model                      'PDB entry 5HT1' 
_refine.pdbx_stereochemistry_target_values       ? 
_refine.pdbx_R_Free_selection_details            ? 
_refine.pdbx_stereochem_target_val_spec_case     ? 
_refine.pdbx_overall_ESU_R                       ? 
_refine.pdbx_overall_ESU_R_Free                  ? 
_refine.pdbx_solvent_vdw_probe_radii             1.1100 
_refine.pdbx_solvent_ion_probe_radii             ? 
_refine.pdbx_solvent_shrinkage_radii             0.9000 
_refine.pdbx_real_space_R                        ? 
_refine.pdbx_density_correlation                 ? 
_refine.pdbx_pd_number_of_powder_patterns        ? 
_refine.pdbx_pd_number_of_points                 ? 
_refine.pdbx_pd_meas_number_of_points            ? 
_refine.pdbx_pd_proc_ls_prof_R_factor            ? 
_refine.pdbx_pd_proc_ls_prof_wR_factor           ? 
_refine.pdbx_pd_Marquardt_correlation_coeff      ? 
_refine.pdbx_pd_Fsqrd_R_factor                   ? 
_refine.pdbx_pd_ls_matrix_band_width             ? 
_refine.pdbx_overall_phase_error                 29.1600 
_refine.pdbx_overall_SU_R_free_Cruickshank_DPI   ? 
_refine.pdbx_overall_SU_R_free_Blow_DPI          ? 
_refine.pdbx_overall_SU_R_Blow_DPI               ? 
_refine.pdbx_TLS_residual_ADP_flag               ? 
_refine.pdbx_diffrn_id                           1 
_refine.overall_SU_B                             ? 
_refine.overall_SU_ML                            0.2000 
_refine.overall_SU_R_Cruickshank_DPI             ? 
_refine.overall_SU_R_free                        ? 
_refine.overall_FOM_free_R_set                   ? 
_refine.overall_FOM_work_R_set                   ? 
_refine.pdbx_average_fsc_overall                 ? 
_refine.pdbx_average_fsc_work                    ? 
_refine.pdbx_average_fsc_free                    ? 
# 
_refine_hist.pdbx_refine_id                   'X-RAY DIFFRACTION' 
_refine_hist.cycle_id                         final 
_refine_hist.details                          ? 
_refine_hist.d_res_high                       1.8700 
_refine_hist.d_res_low                        37.4000 
_refine_hist.number_atoms_solvent             78 
_refine_hist.number_atoms_total               916 
_refine_hist.number_reflns_all                ? 
_refine_hist.number_reflns_obs                ? 
_refine_hist.number_reflns_R_free             ? 
_refine_hist.number_reflns_R_work             ? 
_refine_hist.R_factor_all                     ? 
_refine_hist.R_factor_obs                     ? 
_refine_hist.R_factor_R_free                  ? 
_refine_hist.R_factor_R_work                  ? 
_refine_hist.pdbx_number_residues_total       111 
_refine_hist.pdbx_B_iso_mean_ligand           96.42 
_refine_hist.pdbx_B_iso_mean_solvent          54.40 
_refine_hist.pdbx_number_atoms_protein        833 
_refine_hist.pdbx_number_atoms_nucleic_acid   0 
_refine_hist.pdbx_number_atoms_ligand         5 
_refine_hist.pdbx_number_atoms_lipid          ? 
_refine_hist.pdbx_number_atoms_carb           ? 
_refine_hist.pdbx_pseudo_atom_details         ? 
# 
loop_
_refine_ls_restr.pdbx_refine_id 
_refine_ls_restr.criterion 
_refine_ls_restr.dev_ideal 
_refine_ls_restr.dev_ideal_target 
_refine_ls_restr.number 
_refine_ls_restr.rejects 
_refine_ls_restr.type 
_refine_ls_restr.weight 
_refine_ls_restr.pdbx_restraint_function 
'X-RAY DIFFRACTION' ? 0.009 ? 865  ? f_bond_d           ? ? 
'X-RAY DIFFRACTION' ? 0.949 ? 1176 ? f_angle_d          ? ? 
'X-RAY DIFFRACTION' ? 0.056 ? 131  ? f_chiral_restr     ? ? 
'X-RAY DIFFRACTION' ? 0.005 ? 154  ? f_plane_restr      ? ? 
'X-RAY DIFFRACTION' ? 3.921 ? 702  ? f_dihedral_angle_d ? ? 
# 
loop_
_refine_ls_shell.pdbx_refine_id 
_refine_ls_shell.d_res_high 
_refine_ls_shell.d_res_low 
_refine_ls_shell.number_reflns_all 
_refine_ls_shell.number_reflns_obs 
_refine_ls_shell.number_reflns_R_free 
_refine_ls_shell.number_reflns_R_work 
_refine_ls_shell.percent_reflns_obs 
_refine_ls_shell.percent_reflns_R_free 
_refine_ls_shell.R_factor_all 
_refine_ls_shell.R_factor_obs 
_refine_ls_shell.R_factor_R_free 
_refine_ls_shell.R_factor_R_free_error 
_refine_ls_shell.R_factor_R_work 
_refine_ls_shell.redundancy_reflns_all 
_refine_ls_shell.redundancy_reflns_obs 
_refine_ls_shell.wR_factor_all 
_refine_ls_shell.wR_factor_obs 
_refine_ls_shell.wR_factor_R_free 
_refine_ls_shell.wR_factor_R_work 
_refine_ls_shell.pdbx_R_complete 
_refine_ls_shell.pdbx_total_number_of_bins_used 
_refine_ls_shell.pdbx_phase_error 
_refine_ls_shell.pdbx_fsc_work 
_refine_ls_shell.pdbx_fsc_free 
'X-RAY DIFFRACTION' 1.87   2.0140 . . 93  1942 59.0000  . . . 0.3392 0.0000 0.3206 . . . . . . . . . . . 
'X-RAY DIFFRACTION' 2.0140 2.2167 . . 126 3311 100.0000 . . . 0.2872 0.0000 0.2855 . . . . . . . . . . . 
'X-RAY DIFFRACTION' 2.2167 2.5374 . . 166 3289 100.0000 . . . 0.2752 0.0000 0.2459 . . . . . . . . . . . 
'X-RAY DIFFRACTION' 2.5374 3.1966 . . 154 3293 98.0000  . . . 0.2551 0.0000 0.2358 . . . . . . . . . . . 
'X-RAY DIFFRACTION' 3.1966 37.40  . . 184 3471 99.0000  . . . 0.1711 0.0000 0.1686 . . . . . . . . . . . 
# 
_struct.entry_id                     6VSI 
_struct.title                        'Crystal structure of FKBP12 of Candida auris' 
_struct.pdbx_model_details           ? 
_struct.pdbx_formula_weight          ? 
_struct.pdbx_formula_weight_method   ? 
_struct.pdbx_model_type_details      ? 
_struct.pdbx_CASP_flag               N 
# 
_struct_keywords.entry_id        6VSI 
_struct_keywords.text            'FKBP12, C. auris, pathogenesis, ISOMERASE' 
_struct_keywords.pdbx_keywords   ISOMERASE 
# 
loop_
_struct_asym.id 
_struct_asym.pdbx_blank_PDB_chainid_flag 
_struct_asym.pdbx_modified 
_struct_asym.entity_id 
_struct_asym.details 
A N N 1 ? 
B N N 2 ? 
C N N 3 ? 
# 
loop_
_struct_conf.conf_type_id 
_struct_conf.id 
_struct_conf.pdbx_PDB_helix_id 
_struct_conf.beg_label_comp_id 
_struct_conf.beg_label_asym_id 
_struct_conf.beg_label_seq_id 
_struct_conf.pdbx_beg_PDB_ins_code 
_struct_conf.end_label_comp_id 
_struct_conf.end_label_asym_id 
_struct_conf.end_label_seq_id 
_struct_conf.pdbx_end_PDB_ins_code 
_struct_conf.beg_auth_comp_id 
_struct_conf.beg_auth_asym_id 
_struct_conf.beg_auth_seq_id 
_struct_conf.end_auth_comp_id 
_struct_conf.end_auth_asym_id 
_struct_conf.end_auth_seq_id 
_struct_conf.pdbx_PDB_helix_class 
_struct_conf.details 
_struct_conf.pdbx_PDB_helix_length 
HELX_P HELX_P1 AA1 ILE A 60 ? ILE A 67 ? ILE A 60 ILE A 67 1 ? 8 
HELX_P HELX_P2 AA2 PRO A 68 ? LEU A 70 ? PRO A 68 LEU A 70 5 ? 3 
HELX_P HELX_P3 AA3 PRO A 81 ? ALA A 85 ? PRO A 81 ALA A 85 5 ? 5 
# 
_struct_conf_type.id          HELX_P 
_struct_conf_type.criteria    ? 
_struct_conf_type.reference   ? 
# 
loop_
_struct_sheet.id 
_struct_sheet.type 
_struct_sheet.number_strands 
_struct_sheet.details 
AA1 ? 5 ? 
AA2 ? 5 ? 
# 
loop_
_struct_sheet_order.sheet_id 
_struct_sheet_order.range_id_1 
_struct_sheet_order.range_id_2 
_struct_sheet_order.offset 
_struct_sheet_order.sense 
AA1 1 2 ? anti-parallel 
AA1 2 3 ? anti-parallel 
AA1 3 4 ? anti-parallel 
AA1 4 5 ? anti-parallel 
AA2 1 2 ? anti-parallel 
AA2 2 3 ? anti-parallel 
AA2 3 4 ? anti-parallel 
AA2 4 5 ? anti-parallel 
# 
loop_
_struct_sheet_range.sheet_id 
_struct_sheet_range.id 
_struct_sheet_range.beg_label_comp_id 
_struct_sheet_range.beg_label_asym_id 
_struct_sheet_range.beg_label_seq_id 
_struct_sheet_range.pdbx_beg_PDB_ins_code 
_struct_sheet_range.end_label_comp_id 
_struct_sheet_range.end_label_asym_id 
_struct_sheet_range.end_label_seq_id 
_struct_sheet_range.pdbx_end_PDB_ins_code 
_struct_sheet_range.beg_auth_comp_id 
_struct_sheet_range.beg_auth_asym_id 
_struct_sheet_range.beg_auth_seq_id 
_struct_sheet_range.end_auth_comp_id 
_struct_sheet_range.end_auth_asym_id 
_struct_sheet_range.end_auth_seq_id 
AA1 1 GLU A 7   ? SER A 12  ? GLU A 7   SER A 12  
AA1 2 GLN A 75  ? ILE A 80  ? GLN A 75  ILE A 80  
AA1 3 LEU A 101 ? ASN A 111 ? LEU A 101 ASN A 111 
AA1 4 THR A 25  ? LEU A 34  ? THR A 25  LEU A 34  
AA1 5 LYS A 39  ? SER A 42  ? LYS A 39  SER A 42  
AA2 1 GLU A 7   ? SER A 12  ? GLU A 7   SER A 12  
AA2 2 GLN A 75  ? ILE A 80  ? GLN A 75  ILE A 80  
AA2 3 LEU A 101 ? ASN A 111 ? LEU A 101 ASN A 111 
AA2 4 THR A 25  ? LEU A 34  ? THR A 25  LEU A 34  
AA2 5 PHE A 50  ? THR A 53  ? PHE A 50  THR A 53  
# 
loop_
_pdbx_struct_sheet_hbond.sheet_id 
_pdbx_struct_sheet_hbond.range_id_1 
_pdbx_struct_sheet_hbond.range_id_2 
_pdbx_struct_sheet_hbond.range_1_label_atom_id 
_pdbx_struct_sheet_hbond.range_1_label_comp_id 
_pdbx_struct_sheet_hbond.range_1_label_asym_id 
_pdbx_struct_sheet_hbond.range_1_label_seq_id 
_pdbx_struct_sheet_hbond.range_1_PDB_ins_code 
_pdbx_struct_sheet_hbond.range_1_auth_atom_id 
_pdbx_struct_sheet_hbond.range_1_auth_comp_id 
_pdbx_struct_sheet_hbond.range_1_auth_asym_id 
_pdbx_struct_sheet_hbond.range_1_auth_seq_id 
_pdbx_struct_sheet_hbond.range_2_label_atom_id 
_pdbx_struct_sheet_hbond.range_2_label_comp_id 
_pdbx_struct_sheet_hbond.range_2_label_asym_id 
_pdbx_struct_sheet_hbond.range_2_label_seq_id 
_pdbx_struct_sheet_hbond.range_2_PDB_ins_code 
_pdbx_struct_sheet_hbond.range_2_auth_atom_id 
_pdbx_struct_sheet_hbond.range_2_auth_comp_id 
_pdbx_struct_sheet_hbond.range_2_auth_asym_id 
_pdbx_struct_sheet_hbond.range_2_auth_seq_id 
AA1 1 2 N GLU A 9   ? N GLU A 9   O LYS A 77  ? O LYS A 77  
AA1 2 3 N LEU A 78  ? N LEU A 78  O PHE A 103 ? O PHE A 103 
AA1 3 4 O ASP A 104 ? O ASP A 104 N THR A 31  ? N THR A 31  
AA1 4 5 N GLY A 32  ? N GLY A 32  O ASP A 41  ? O ASP A 41  
AA2 1 2 N GLU A 9   ? N GLU A 9   O LYS A 77  ? O LYS A 77  
AA2 2 3 N LEU A 78  ? N LEU A 78  O PHE A 103 ? O PHE A 103 
AA2 3 4 O ASP A 104 ? O ASP A 104 N THR A 31  ? N THR A 31  
AA2 4 5 N VAL A 26  ? N VAL A 26  O CYS A 52  ? O CYS A 52  
# 
_struct_site.id                   AC1 
_struct_site.pdbx_evidence_code   Software 
_struct_site.pdbx_auth_asym_id    A 
_struct_site.pdbx_auth_comp_id    SO4 
_struct_site.pdbx_auth_seq_id     201 
_struct_site.pdbx_auth_ins_code   ? 
_struct_site.pdbx_num_residues    4 
_struct_site.details              'binding site for residue SO4 A 201' 
# 
loop_
_struct_site_gen.id 
_struct_site_gen.site_id 
_struct_site_gen.pdbx_num_res 
_struct_site_gen.label_comp_id 
_struct_site_gen.label_asym_id 
_struct_site_gen.label_seq_id 
_struct_site_gen.pdbx_auth_ins_code 
_struct_site_gen.auth_comp_id 
_struct_site_gen.auth_asym_id 
_struct_site_gen.auth_seq_id 
_struct_site_gen.label_atom_id 
_struct_site_gen.label_alt_id 
_struct_site_gen.symmetry 
_struct_site_gen.details 
1 AC1 4 GLY A 87 ? GLY A 87  . ? 1_555 ? 
2 AC1 4 SER A 88 ? SER A 88  . ? 1_555 ? 
3 AC1 4 ARG A 89 ? ARG A 89  . ? 1_555 ? 
4 AC1 4 HOH C .  ? HOH A 310 . ? 1_555 ? 
# 
_atom_sites.entry_id                    6VSI 
_atom_sites.Cartn_transf_matrix[1][1]   ? 
_atom_sites.Cartn_transf_matrix[1][2]   ? 
_atom_sites.Cartn_transf_matrix[1][3]   ? 
_atom_sites.Cartn_transf_matrix[2][1]   ? 
_atom_sites.Cartn_transf_matrix[2][2]   ? 
_atom_sites.Cartn_transf_matrix[2][3]   ? 
_atom_sites.Cartn_transf_matrix[3][1]   ? 
_atom_sites.Cartn_transf_matrix[3][2]   ? 
_atom_sites.Cartn_transf_matrix[3][3]   ? 
_atom_sites.Cartn_transf_vector[1]      ? 
_atom_sites.Cartn_transf_vector[2]      ? 
_atom_sites.Cartn_transf_vector[3]      ? 
_atom_sites.fract_transf_matrix[1][1]   -0.01268527 
_atom_sites.fract_transf_matrix[1][2]   0.00002140 
_atom_sites.fract_transf_matrix[1][3]   0.00422062 
_atom_sites.fract_transf_matrix[2][1]   0.00033296 
_atom_sites.fract_transf_matrix[2][2]   0.01333224 
_atom_sites.fract_transf_matrix[2][3]   0.00093313 
_atom_sites.fract_transf_matrix[3][1]   -0.00435355 
_atom_sites.fract_transf_matrix[3][2]   0.00102490 
_atom_sites.fract_transf_matrix[3][3]   -0.01309000 
_atom_sites.fract_transf_vector[1]      0.323970 
_atom_sites.fract_transf_vector[2]      0.082001 
_atom_sites.fract_transf_vector[3]      0.056265 
_atom_sites.solution_primary            ? 
_atom_sites.solution_secondary          ? 
_atom_sites.solution_hydrogens          ? 
_atom_sites.special_details             ? 
# 
loop_
_atom_type.symbol 
C 
N 
O 
S 
# 
loop_
_atom_site.group_PDB 
_atom_site.id 
_atom_site.type_symbol 
_atom_site.label_atom_id 
_atom_site.label_alt_id 
_atom_site.label_comp_id 
_atom_site.label_asym_id 
_atom_site.label_entity_id 
_atom_site.label_seq_id 
_atom_site.pdbx_PDB_ins_code 
_atom_site.Cartn_x 
_atom_site.Cartn_y 
_atom_site.Cartn_z 
_atom_site.occupancy 
_atom_site.B_iso_or_equiv 
_atom_site.pdbx_formal_charge 
_atom_site.auth_seq_id 
_atom_site.auth_comp_id 
_atom_site.auth_asym_id 
_atom_site.auth_atom_id 
_atom_site.pdbx_PDB_model_num 
ATOM   1   N N   . MET A 1 1   ? 8.140   1.864   18.180  1.00 103.03 ? 1   MET A N   1 
ATOM   2   C CA  . MET A 1 1   ? 8.661   2.952   17.356  1.00 101.13 ? 1   MET A CA  1 
ATOM   3   C C   . MET A 1 1   ? 8.266   2.794   15.880  1.00 95.47  ? 1   MET A C   1 
ATOM   4   O O   . MET A 1 1   ? 9.038   2.281   15.061  1.00 92.27  ? 1   MET A O   1 
ATOM   5   C CB  . MET A 1 1   ? 10.187  3.050   17.485  1.00 100.89 ? 1   MET A CB  1 
ATOM   6   C CG  . MET A 1 1   ? 10.676  4.156   18.429  1.00 106.99 ? 1   MET A CG  1 
ATOM   7   S SD  . MET A 1 1   ? 10.227  5.840   17.922  1.00 120.28 ? 1   MET A SD  1 
ATOM   8   C CE  . MET A 1 1   ? 10.996  5.928   16.300  1.00 108.40 ? 1   MET A CE  1 
ATOM   9   N N   . ALA A 1 2   ? 7.049   3.241   15.564  1.00 85.94  ? 2   ALA A N   1 
ATOM   10  C CA  . ALA A 1 2   ? 6.568   3.321   14.196  1.00 79.32  ? 2   ALA A CA  1 
ATOM   11  C C   . ALA A 1 2   ? 7.338   4.408   13.450  1.00 80.00  ? 2   ALA A C   1 
ATOM   12  O O   . ALA A 1 2   ? 8.008   5.241   14.068  1.00 82.86  ? 2   ALA A O   1 
ATOM   13  C CB  . ALA A 1 2   ? 5.067   3.619   14.189  1.00 71.59  ? 2   ALA A CB  1 
ATOM   14  N N   . PRO A 1 3   ? 7.267   4.437   12.117  1.00 74.80  ? 3   PRO A N   1 
ATOM   15  C CA  . PRO A 1 3   ? 7.875   5.552   11.391  1.00 65.07  ? 3   PRO A CA  1 
ATOM   16  C C   . PRO A 1 3   ? 7.110   6.830   11.673  1.00 65.26  ? 3   PRO A C   1 
ATOM   17  O O   . PRO A 1 3   ? 5.942   6.816   12.076  1.00 64.88  ? 3   PRO A O   1 
ATOM   18  C CB  . PRO A 1 3   ? 7.746   5.151   9.915   1.00 61.08  ? 3   PRO A CB  1 
ATOM   19  C CG  . PRO A 1 3   ? 7.341   3.734   9.912   1.00 61.76  ? 3   PRO A CG  1 
ATOM   20  C CD  . PRO A 1 3   ? 6.606   3.500   11.192  1.00 63.45  ? 3   PRO A CD  1 
ATOM   21  N N   . ASN A 1 4   ? 7.792   7.954   11.456  1.00 62.04  ? 4   ASN A N   1 
ATOM   22  C CA  . ASN A 1 4   ? 7.092   9.229   11.497  1.00 60.18  ? 4   ASN A CA  1 
ATOM   23  C C   . ASN A 1 4   ? 6.077   9.317   10.368  1.00 59.69  ? 4   ASN A C   1 
ATOM   24  O O   . ASN A 1 4   ? 4.973   9.842   10.554  1.00 58.21  ? 4   ASN A O   1 
ATOM   25  C CB  . ASN A 1 4   ? 8.092   10.379  11.421  1.00 66.30  ? 4   ASN A CB  1 
ATOM   26  C CG  . ASN A 1 4   ? 8.769   10.642  12.753  1.00 75.00  ? 4   ASN A CG  1 
ATOM   27  O OD1 . ASN A 1 4   ? 8.111   10.648  13.796  1.00 78.95  ? 4   ASN A OD1 1 
ATOM   28  N ND2 . ASN A 1 4   ? 10.086  10.854  12.731  1.00 76.36  ? 4   ASN A ND2 1 
ATOM   29  N N   . THR A 1 5   ? 6.435   8.805   9.189   1.00 57.10  ? 5   THR A N   1 
ATOM   30  C CA  . THR A 1 5   ? 5.571   8.827   8.018   1.00 52.80  ? 5   THR A CA  1 
ATOM   31  C C   . THR A 1 5   ? 5.914   7.610   7.167   1.00 51.67  ? 5   THR A C   1 
ATOM   32  O O   . THR A 1 5   ? 6.927   6.936   7.394   1.00 52.35  ? 5   THR A O   1 
ATOM   33  C CB  . THR A 1 5   ? 5.725   10.141  7.230   1.00 52.93  ? 5   THR A CB  1 
ATOM   34  O OG1 . THR A 1 5   ? 4.839   10.153  6.096   1.00 50.06  ? 5   THR A OG1 1 
ATOM   35  C CG2 . THR A 1 5   ? 7.167   10.340  6.768   1.00 50.72  ? 5   THR A CG2 1 
ATOM   36  N N   . THR A 1 6   ? 5.061   7.339   6.179   1.00 46.56  ? 6   THR A N   1 
ATOM   37  C CA  . THR A 1 6   ? 5.174   6.131   5.364   1.00 45.60  ? 6   THR A CA  1 
ATOM   38  C C   . THR A 1 6   ? 6.556   5.998   4.735   1.00 46.74  ? 6   THR A C   1 
ATOM   39  O O   . THR A 1 6   ? 7.088   6.953   4.153   1.00 43.87  ? 6   THR A O   1 
ATOM   40  C CB  . THR A 1 6   ? 4.104   6.152   4.273   1.00 44.51  ? 6   THR A CB  1 
ATOM   41  O OG1 . THR A 1 6   ? 2.821   5.975   4.877   1.00 45.27  ? 6   THR A OG1 1 
ATOM   42  C CG2 . THR A 1 6   ? 4.332   5.031   3.258   1.00 42.99  ? 6   THR A CG2 1 
ATOM   43  N N   . GLU A 1 7   ? 7.139   4.808   4.866   1.00 44.30  ? 7   GLU A N   1 
ATOM   44  C CA  . GLU A 1 7   ? 8.394   4.477   4.207   1.00 47.93  ? 7   GLU A CA  1 
ATOM   45  C C   . GLU A 1 7   ? 8.126   3.618   2.980   1.00 48.00  ? 7   GLU A C   1 
ATOM   46  O O   . GLU A 1 7   ? 7.267   2.725   2.997   1.00 42.04  ? 7   GLU A O   1 
ATOM   47  C CB  . GLU A 1 7   ? 9.347   3.737   5.145   1.00 46.81  ? 7   GLU A CB  1 
ATOM   48  C CG  . GLU A 1 7   ? 9.960   4.616   6.201   1.00 53.03  ? 7   GLU A CG  1 
ATOM   49  C CD  . GLU A 1 7   ? 10.435  3.824   7.411   1.00 65.06  ? 7   GLU A CD  1 
ATOM   50  O OE1 . GLU A 1 7   ? 10.495  2.570   7.338   1.00 63.32  ? 7   GLU A OE1 1 
ATOM   51  O OE2 . GLU A 1 7   ? 10.750  4.459   8.441   1.00 68.97  ? 7   GLU A OE2 1 
ATOM   52  N N   . VAL A 1 8   ? 8.866   3.900   1.917   1.00 42.32  ? 8   VAL A N   1 
ATOM   53  C CA  . VAL A 1 8   ? 8.817   3.134   0.681   1.00 41.75  ? 8   VAL A CA  1 
ATOM   54  C C   . VAL A 1 8   ? 10.177  2.482   0.474   1.00 42.76  ? 8   VAL A C   1 
ATOM   55  O O   . VAL A 1 8   ? 11.214  3.148   0.572   1.00 41.62  ? 8   VAL A O   1 
ATOM   56  C CB  . VAL A 1 8   ? 8.452   4.023   -0.519  1.00 39.57  ? 8   VAL A CB  1 
ATOM   57  C CG1 . VAL A 1 8   ? 8.570   3.216   -1.812  1.00 41.58  ? 8   VAL A CG1 1 
ATOM   58  C CG2 . VAL A 1 8   ? 7.046   4.578   -0.367  1.00 39.77  ? 8   VAL A CG2 1 
ATOM   59  N N   . GLU A 1 9   ? 10.178  1.178   0.218   1.00 43.60  ? 9   GLU A N   1 
ATOM   60  C CA  . GLU A 1 9   ? 11.398  0.465   -0.145  1.00 45.84  ? 9   GLU A CA  1 
ATOM   61  C C   . GLU A 1 9   ? 11.107  -0.310  -1.417  1.00 42.60  ? 9   GLU A C   1 
ATOM   62  O O   . GLU A 1 9   ? 10.327  -1.269  -1.400  1.00 43.69  ? 9   GLU A O   1 
ATOM   63  C CB  . GLU A 1 9   ? 11.864  -0.482  0.962   1.00 45.90  ? 9   GLU A CB  1 
ATOM   64  C CG  . GLU A 1 9   ? 13.005  -1.356  0.479   1.00 48.94  ? 9   GLU A CG  1 
ATOM   65  C CD  . GLU A 1 9   ? 13.552  -2.254  1.551   1.00 55.29  ? 9   GLU A CD  1 
ATOM   66  O OE1 . GLU A 1 9   ? 13.018  -2.231  2.679   1.00 56.10  ? 9   GLU A OE1 1 
ATOM   67  O OE2 . GLU A 1 9   ? 14.526  -2.975  1.248   1.00 54.03  ? 9   GLU A OE2 1 
ATOM   68  N N   . ILE A 1 10  ? 11.703  0.108   -2.527  1.00 43.21  ? 10  ILE A N   1 
ATOM   69  C CA  . ILE A 1 10  ? 11.478  -0.590  -3.789  1.00 46.38  ? 10  ILE A CA  1 
ATOM   70  C C   . ILE A 1 10  ? 12.346  -1.844  -3.821  1.00 47.18  ? 10  ILE A C   1 
ATOM   71  O O   . ILE A 1 10  ? 13.574  -1.767  -3.718  1.00 49.34  ? 10  ILE A O   1 
ATOM   72  C CB  . ILE A 1 10  ? 11.752  0.325   -4.986  1.00 50.65  ? 10  ILE A CB  1 
ATOM   73  C CG1 . ILE A 1 10  ? 10.821  1.551   -4.874  1.00 47.21  ? 10  ILE A CG1 1 
ATOM   74  C CG2 . ILE A 1 10  ? 11.567  -0.466  -6.260  1.00 46.92  ? 10  ILE A CG2 1 
ATOM   75  C CD1 . ILE A 1 10  ? 10.472  2.221   -6.144  1.00 52.31  ? 10  ILE A CD1 1 
ATOM   76  N N   . ILE A 1 11  ? 11.697  -3.003  -3.907  1.00 46.86  ? 11  ILE A N   1 
ATOM   77  C CA  . ILE A 1 11  ? 12.400  -4.279  -3.920  1.00 48.83  ? 11  ILE A CA  1 
ATOM   78  C C   . ILE A 1 11  ? 12.847  -4.627  -5.326  1.00 51.14  ? 11  ILE A C   1 
ATOM   79  O O   . ILE A 1 11  ? 13.984  -5.052  -5.549  1.00 53.89  ? 11  ILE A O   1 
ATOM   80  C CB  . ILE A 1 11  ? 11.500  -5.386  -3.352  1.00 48.32  ? 11  ILE A CB  1 
ATOM   81  C CG1 . ILE A 1 11  ? 10.990  -5.014  -1.972  1.00 46.86  ? 11  ILE A CG1 1 
ATOM   82  C CG2 . ILE A 1 11  ? 12.266  -6.693  -3.306  1.00 57.99  ? 11  ILE A CG2 1 
ATOM   83  C CD1 . ILE A 1 11  ? 12.091  -4.560  -1.049  1.00 51.96  ? 11  ILE A CD1 1 
ATOM   84  N N   . SER A 1 12  ? 11.949  -4.499  -6.295  1.00 49.96  ? 12  SER A N   1 
ATOM   85  C CA  . SER A 1 12  ? 12.270  -4.840  -7.672  1.00 50.31  ? 12  SER A CA  1 
ATOM   86  C C   . SER A 1 12  ? 11.857  -3.673  -8.561  1.00 53.32  ? 12  SER A C   1 
ATOM   87  O O   . SER A 1 12  ? 10.730  -3.186  -8.455  1.00 49.65  ? 12  SER A O   1 
ATOM   88  C CB  . SER A 1 12  ? 11.553  -6.124  -8.091  1.00 53.11  ? 12  SER A CB  1 
ATOM   89  O OG  . SER A 1 12  ? 11.845  -6.371  -9.445  1.00 58.38  ? 12  SER A OG  1 
ATOM   90  N N   . GLU A 1 13  ? 12.743  -3.224  -9.442  1.00 52.79  ? 13  GLU A N   1 
ATOM   91  C CA  . GLU A 1 13  ? 12.474  -1.996  -10.168 1.00 55.12  ? 13  GLU A CA  1 
ATOM   92  C C   . GLU A 1 13  ? 11.525  -2.238  -11.315 1.00 48.42  ? 13  GLU A C   1 
ATOM   93  O O   . GLU A 1 13  ? 11.582  -3.271  -11.970 1.00 48.46  ? 13  GLU A O   1 
ATOM   94  C CB  . GLU A 1 13  ? 13.756  -1.383  -10.685 1.00 57.79  ? 13  GLU A CB  1 
ATOM   95  C CG  . GLU A 1 13  ? 14.354  -0.585  -9.619  1.00 70.80  ? 13  GLU A CG  1 
ATOM   96  C CD  . GLU A 1 13  ? 13.406  0.569   -9.153  1.00 81.66  ? 13  GLU A CD  1 
ATOM   97  O OE1 . GLU A 1 13  ? 12.298  0.871   -9.768  1.00 75.47  ? 13  GLU A OE1 1 
ATOM   98  O OE2 . GLU A 1 13  ? 13.797  1.200   -8.154  1.00 86.77  ? 13  GLU A OE2 1 
ATOM   99  N N   . GLY A 1 14  ? 10.619  -1.281  -11.528 1.00 48.73  ? 14  GLY A N   1 
ATOM   100 C CA  . GLY A 1 14  ? 9.697   -1.295  -12.659 1.00 45.72  ? 14  GLY A CA  1 
ATOM   101 C C   . GLY A 1 14  ? 10.305  -0.656  -13.892 1.00 49.69  ? 14  GLY A C   1 
ATOM   102 O O   . GLY A 1 14  ? 11.529  -0.560  -14.032 1.00 50.13  ? 14  GLY A O   1 
ATOM   103 N N   . ASP A 1 15  ? 9.439   -0.193  -14.794 1.00 45.53  ? 15  ASP A N   1 
ATOM   104 C CA  . ASP A 1 15  ? 9.917   0.306   -16.077 1.00 46.04  ? 15  ASP A CA  1 
ATOM   105 C C   . ASP A 1 15  ? 10.550  1.692   -15.975 1.00 45.88  ? 15  ASP A C   1 
ATOM   106 O O   . ASP A 1 15  ? 11.212  2.127   -16.924 1.00 45.31  ? 15  ASP A O   1 
ATOM   107 C CB  . ASP A 1 15  ? 8.785   0.282   -17.140 1.00 46.64  ? 15  ASP A CB  1 
ATOM   108 C CG  . ASP A 1 15  ? 7.597   1.265   -16.848 1.00 50.91  ? 15  ASP A CG  1 
ATOM   109 O OD1 . ASP A 1 15  ? 7.673   2.130   -15.930 1.00 45.22  ? 15  ASP A OD1 1 
ATOM   110 O OD2 . ASP A 1 15  ? 6.560   1.174   -17.574 1.00 49.57  ? 15  ASP A OD2 1 
ATOM   111 N N   . GLY A 1 16  ? 10.404  2.381   -14.846 1.00 45.45  ? 16  GLY A N   1 
ATOM   112 C CA  . GLY A 1 16  ? 11.000  3.690   -14.711 1.00 43.34  ? 16  GLY A CA  1 
ATOM   113 C C   . GLY A 1 16  ? 10.383  4.779   -15.557 1.00 44.16  ? 16  GLY A C   1 
ATOM   114 O O   . GLY A 1 16  ? 10.929  5.892   -15.603 1.00 43.37  ? 16  GLY A O   1 
ATOM   115 N N   . LYS A 1 17  ? 9.257   4.510   -16.202 1.00 40.71  ? 17  LYS A N   1 
ATOM   116 C CA  . LYS A 1 17  ? 8.637   5.453   -17.132 1.00 43.72  ? 17  LYS A CA  1 
ATOM   117 C C   . LYS A 1 17  ? 7.217   5.856   -16.762 1.00 41.79  ? 17  LYS A C   1 
ATOM   118 O O   . LYS A 1 17  ? 6.830   7.004   -16.993 1.00 42.52  ? 17  LYS A O   1 
ATOM   119 C CB  . LYS A 1 17  ? 8.619   4.859   -18.559 1.00 45.27  ? 17  LYS A CB  1 
ATOM   120 C CG  . LYS A 1 17  ? 9.990   4.558   -19.142 1.00 48.12  ? 17  LYS A CG  1 
ATOM   121 C CD  . LYS A 1 17  ? 9.985   4.619   -20.687 1.00 51.87  ? 17  LYS A CD  1 
ATOM   122 C CE  . LYS A 1 17  ? 11.221  3.945   -21.285 1.00 61.58  ? 17  LYS A CE  1 
ATOM   123 N NZ  . LYS A 1 17  ? 10.994  2.480   -21.563 1.00 67.93  ? 17  LYS A NZ  1 
ATOM   124 N N   . VAL A 1 18  ? 6.404   4.948   -16.232 1.00 41.54  ? 18  VAL A N   1 
ATOM   125 C CA  . VAL A 1 18  ? 4.975   5.208   -16.040 1.00 39.11  ? 18  VAL A CA  1 
ATOM   126 C C   . VAL A 1 18  ? 4.699   5.202   -14.545 1.00 40.26  ? 18  VAL A C   1 
ATOM   127 O O   . VAL A 1 18  ? 4.739   4.143   -13.906 1.00 41.40  ? 18  VAL A O   1 
ATOM   128 C CB  . VAL A 1 18  ? 4.091   4.181   -16.769 1.00 40.69  ? 18  VAL A CB  1 
ATOM   129 C CG1 . VAL A 1 18  ? 2.620   4.453   -16.495 1.00 39.34  ? 18  VAL A CG1 1 
ATOM   130 C CG2 . VAL A 1 18  ? 4.383   4.183   -18.285 1.00 43.78  ? 18  VAL A CG2 1 
ATOM   131 N N   . PHE A 1 19  ? 4.399   6.378   -13.987 1.00 39.12  ? 19  PHE A N   1 
ATOM   132 C CA  . PHE A 1 19  ? 4.154   6.553   -12.558 1.00 39.64  ? 19  PHE A CA  1 
ATOM   133 C C   . PHE A 1 19  ? 2.723   7.023   -12.333 1.00 41.39  ? 19  PHE A C   1 
ATOM   134 O O   . PHE A 1 19  ? 2.204   7.801   -13.141 1.00 40.11  ? 19  PHE A O   1 
ATOM   135 C CB  . PHE A 1 19  ? 5.125   7.601   -11.941 1.00 37.45  ? 19  PHE A CB  1 
ATOM   136 C CG  . PHE A 1 19  ? 6.582   7.252   -12.086 1.00 42.08  ? 19  PHE A CG  1 
ATOM   137 C CD1 . PHE A 1 19  ? 7.252   7.478   -13.278 1.00 42.88  ? 19  PHE A CD1 1 
ATOM   138 C CD2 . PHE A 1 19  ? 7.290   6.726   -11.022 1.00 40.07  ? 19  PHE A CD2 1 
ATOM   139 C CE1 . PHE A 1 19  ? 8.599   7.165   -13.406 1.00 41.74  ? 19  PHE A CE1 1 
ATOM   140 C CE2 . PHE A 1 19  ? 8.639   6.418   -11.135 1.00 39.92  ? 19  PHE A CE2 1 
ATOM   141 C CZ  . PHE A 1 19  ? 9.294   6.651   -12.333 1.00 41.01  ? 19  PHE A CZ  1 
ATOM   142 N N   . PRO A 1 20  ? 2.058   6.588   -11.260 1.00 38.92  ? 20  PRO A N   1 
ATOM   143 C CA  . PRO A 1 20  ? 0.723   7.127   -10.974 1.00 39.30  ? 20  PRO A CA  1 
ATOM   144 C C   . PRO A 1 20  ? 0.807   8.607   -10.613 1.00 42.34  ? 20  PRO A C   1 
ATOM   145 O O   . PRO A 1 20  ? 1.771   9.068   -9.992  1.00 38.61  ? 20  PRO A O   1 
ATOM   146 C CB  . PRO A 1 20  ? 0.237   6.291   -9.777  1.00 35.77  ? 20  PRO A CB  1 
ATOM   147 C CG  . PRO A 1 20  ? 1.173   5.084   -9.729  1.00 37.71  ? 20  PRO A CG  1 
ATOM   148 C CD  . PRO A 1 20  ? 2.476   5.571   -10.273 1.00 38.06  ? 20  PRO A CD  1 
ATOM   149 N N   . LYS A 1 21  ? -0.218  9.354   -11.016 1.00 43.89  ? 21  LYS A N   1 
ATOM   150 C CA  . LYS A 1 21  ? -0.400  10.724  -10.544 1.00 46.89  ? 21  LYS A CA  1 
ATOM   151 C C   . LYS A 1 21  ? -1.779  10.842  -9.905  1.00 44.09  ? 21  LYS A C   1 
ATOM   152 O O   . LYS A 1 21  ? -2.631  9.957   -10.037 1.00 40.27  ? 21  LYS A O   1 
ATOM   153 C CB  . LYS A 1 21  ? -0.222  11.744  -11.682 1.00 46.53  ? 21  LYS A CB  1 
ATOM   154 C CG  . LYS A 1 21  ? -1.253  11.668  -12.786 1.00 48.97  ? 21  LYS A CG  1 
ATOM   155 C CD  . LYS A 1 21  ? -0.853  12.571  -13.981 1.00 56.90  ? 21  LYS A CD  1 
ATOM   156 C CE  . LYS A 1 21  ? -1.014  11.843  -15.339 1.00 63.63  ? 21  LYS A CE  1 
ATOM   157 N NZ  . LYS A 1 21  ? -2.387  11.224  -15.575 1.00 53.32  ? 21  LYS A NZ  1 
ATOM   158 N N   . VAL A 1 22  ? -1.993  11.949  -9.195  1.00 43.11  ? 22  VAL A N   1 
ATOM   159 C CA  . VAL A 1 22  ? -3.254  12.139  -8.491  1.00 42.37  ? 22  VAL A CA  1 
ATOM   160 C C   . VAL A 1 22  ? -4.417  11.956  -9.448  1.00 43.03  ? 22  VAL A C   1 
ATOM   161 O O   . VAL A 1 22  ? -4.435  12.516  -10.547 1.00 41.32  ? 22  VAL A O   1 
ATOM   162 C CB  . VAL A 1 22  ? -3.273  13.520  -7.811  1.00 45.11  ? 22  VAL A CB  1 
ATOM   163 C CG1 . VAL A 1 22  ? -4.702  13.905  -7.395  1.00 44.53  ? 22  VAL A CG1 1 
ATOM   164 C CG2 . VAL A 1 22  ? -2.338  13.518  -6.611  1.00 44.06  ? 22  VAL A CG2 1 
ATOM   165 N N   . GLY A 1 23  ? -5.388  11.145  -9.042  1.00 40.31  ? 23  GLY A N   1 
ATOM   166 C CA  . GLY A 1 23  ? -6.577  10.916  -9.827  1.00 40.30  ? 23  GLY A CA  1 
ATOM   167 C C   . GLY A 1 23  ? -6.525  9.712   -10.743 1.00 43.44  ? 23  GLY A C   1 
ATOM   168 O O   . GLY A 1 23  ? -7.566  9.334   -11.285 1.00 43.59  ? 23  GLY A O   1 
ATOM   169 N N   . ASP A 1 24  ? -5.351  9.115   -10.944 1.00 39.65  ? 24  ASP A N   1 
ATOM   170 C CA  . ASP A 1 24  ? -5.221  7.932   -11.795 1.00 39.52  ? 24  ASP A CA  1 
ATOM   171 C C   . ASP A 1 24  ? -5.856  6.708   -11.134 1.00 39.13  ? 24  ASP A C   1 
ATOM   172 O O   . ASP A 1 24  ? -5.949  6.597   -9.901  1.00 41.94  ? 24  ASP A O   1 
ATOM   173 C CB  . ASP A 1 24  ? -3.754  7.601   -12.070 1.00 41.62  ? 24  ASP A CB  1 
ATOM   174 C CG  . ASP A 1 24  ? -3.101  8.526   -13.070 1.00 44.80  ? 24  ASP A CG  1 
ATOM   175 O OD1 . ASP A 1 24  ? -3.817  9.240   -13.803 1.00 43.54  ? 24  ASP A OD1 1 
ATOM   176 O OD2 . ASP A 1 24  ? -1.846  8.512   -13.118 1.00 40.68  ? 24  ASP A OD2 1 
ATOM   177 N N   . THR A 1 25  ? -6.274  5.766   -11.972 1.00 39.14  ? 25  THR A N   1 
ATOM   178 C CA  . THR A 1 25  ? -6.621  4.429   -11.499 1.00 43.68  ? 25  THR A CA  1 
ATOM   179 C C   . THR A 1 25  ? -5.357  3.574   -11.475 1.00 40.46  ? 25  THR A C   1 
ATOM   180 O O   . THR A 1 25  ? -4.658  3.474   -12.477 1.00 43.99  ? 25  THR A O   1 
ATOM   181 C CB  . THR A 1 25  ? -7.665  3.789   -12.412 1.00 45.42  ? 25  THR A CB  1 
ATOM   182 O OG1 . THR A 1 25  ? -8.902  4.497   -12.296 1.00 46.04  ? 25  THR A OG1 1 
ATOM   183 C CG2 . THR A 1 25  ? -7.899  2.329   -12.013 1.00 47.50  ? 25  THR A CG2 1 
ATOM   184 N N   . VAL A 1 26  ? -5.051  2.964   -10.339 1.00 40.70  ? 26  VAL A N   1 
ATOM   185 C CA  . VAL A 1 26  ? -3.937  2.024   -10.261 1.00 37.34  ? 26  VAL A CA  1 
ATOM   186 C C   . VAL A 1 26  ? -4.500  0.610   -10.155 1.00 38.24  ? 26  VAL A C   1 
ATOM   187 O O   . VAL A 1 26  ? -5.500  0.369   -9.457  1.00 40.55  ? 26  VAL A O   1 
ATOM   188 C CB  . VAL A 1 26  ? -2.973  2.341   -9.099  1.00 41.15  ? 26  VAL A CB  1 
ATOM   189 C CG1 . VAL A 1 26  ? -2.225  3.618   -9.385  1.00 41.57  ? 26  VAL A CG1 1 
ATOM   190 C CG2 . VAL A 1 26  ? -3.713  2.481   -7.774  1.00 40.95  ? 26  VAL A CG2 1 
ATOM   191 N N   . THR A 1 27  ? -3.876  -0.308  -10.897 1.00 37.92  ? 27  THR A N   1 
ATOM   192 C CA  . THR A 1 27  ? -4.093  -1.750  -10.776 1.00 40.88  ? 27  THR A CA  1 
ATOM   193 C C   . THR A 1 27  ? -2.852  -2.334  -10.103 1.00 36.29  ? 27  THR A C   1 
ATOM   194 O O   . THR A 1 27  ? -1.735  -2.216  -10.637 1.00 38.51  ? 27  THR A O   1 
ATOM   195 C CB  . THR A 1 27  ? -4.335  -2.375  -12.153 1.00 42.41  ? 27  THR A CB  1 
ATOM   196 O OG1 . THR A 1 27  ? -5.463  -1.735  -12.764 1.00 39.59  ? 27  THR A OG1 1 
ATOM   197 C CG2 . THR A 1 27  ? -4.598  -3.893  -12.066 1.00 36.20  ? 27  THR A CG2 1 
ATOM   198 N N   . ILE A 1 28  ? -3.039  -2.913  -8.905  1.00 39.24  ? 28  ILE A N   1 
ATOM   199 C CA  . ILE A 1 28  ? -1.934  -3.312  -8.032  1.00 38.86  ? 28  ILE A CA  1 
ATOM   200 C C   . ILE A 1 28  ? -2.207  -4.696  -7.450  1.00 39.77  ? 28  ILE A C   1 
ATOM   201 O O   . ILE A 1 28  ? -3.358  -5.075  -7.234  1.00 37.76  ? 28  ILE A O   1 
ATOM   202 C CB  . ILE A 1 28  ? -1.723  -2.334  -6.850  1.00 39.48  ? 28  ILE A CB  1 
ATOM   203 C CG1 . ILE A 1 28  ? -2.990  -2.275  -5.977  1.00 41.47  ? 28  ILE A CG1 1 
ATOM   204 C CG2 . ILE A 1 28  ? -1.328  -0.940  -7.340  1.00 40.90  ? 28  ILE A CG2 1 
ATOM   205 C CD1 . ILE A 1 28  ? -2.776  -1.759  -4.519  1.00 45.44  ? 28  ILE A CD1 1 
ATOM   206 N N   . HIS A 1 29  ? -1.147  -5.437  -7.140  1.00 39.64  ? 29  HIS A N   1 
ATOM   207 C CA  . HIS A 1 29  ? -1.279  -6.564  -6.218  1.00 43.93  ? 29  HIS A CA  1 
ATOM   208 C C   . HIS A 1 29  ? -0.678  -6.163  -4.885  1.00 42.19  ? 29  HIS A C   1 
ATOM   209 O O   . HIS A 1 29  ? 0.341   -5.468  -4.847  1.00 42.29  ? 29  HIS A O   1 
ATOM   210 C CB  . HIS A 1 29  ? -0.588  -7.836  -6.723  1.00 42.54  ? 29  HIS A CB  1 
ATOM   211 C CG  . HIS A 1 29  ? -1.529  -8.838  -7.314  1.00 42.95  ? 29  HIS A CG  1 
ATOM   212 N ND1 . HIS A 1 29  ? -2.712  -9.201  -6.703  1.00 42.92  ? 29  HIS A ND1 1 
ATOM   213 C CD2 . HIS A 1 29  ? -1.473  -9.540  -8.472  1.00 45.07  ? 29  HIS A CD2 1 
ATOM   214 C CE1 . HIS A 1 29  ? -3.338  -10.093 -7.452  1.00 44.79  ? 29  HIS A CE1 1 
ATOM   215 N NE2 . HIS A 1 29  ? -2.606  -10.316 -8.531  1.00 44.85  ? 29  HIS A NE2 1 
ATOM   216 N N   . TYR A 1 30  ? -1.307  -6.596  -3.796  1.00 43.77  ? 30  TYR A N   1 
ATOM   217 C CA  . TYR A 1 30  ? -0.799  -6.279  -2.470  1.00 40.50  ? 30  TYR A CA  1 
ATOM   218 C C   . TYR A 1 30  ? -1.026  -7.440  -1.504  1.00 43.70  ? 30  TYR A C   1 
ATOM   219 O O   . TYR A 1 30  ? -1.987  -8.218  -1.631  1.00 40.15  ? 30  TYR A O   1 
ATOM   220 C CB  . TYR A 1 30  ? -1.436  -4.998  -1.894  1.00 39.56  ? 30  TYR A CB  1 
ATOM   221 C CG  . TYR A 1 30  ? -2.887  -5.129  -1.548  1.00 44.39  ? 30  TYR A CG  1 
ATOM   222 C CD1 . TYR A 1 30  ? -3.877  -4.852  -2.492  1.00 38.08  ? 30  TYR A CD1 1 
ATOM   223 C CD2 . TYR A 1 30  ? -3.279  -5.535  -0.281  1.00 40.58  ? 30  TYR A CD2 1 
ATOM   224 C CE1 . TYR A 1 30  ? -5.207  -4.979  -2.175  1.00 41.81  ? 30  TYR A CE1 1 
ATOM   225 C CE2 . TYR A 1 30  ? -4.621  -5.670  0.039   1.00 39.06  ? 30  TYR A CE2 1 
ATOM   226 C CZ  . TYR A 1 30  ? -5.570  -5.392  -0.915  1.00 42.87  ? 30  TYR A CZ  1 
ATOM   227 O OH  . TYR A 1 30  ? -6.894  -5.515  -0.602  1.00 42.90  ? 30  TYR A OH  1 
ATOM   228 N N   . THR A 1 31  ? -0.120  -7.536  -0.528  1.00 44.37  ? 31  THR A N   1 
ATOM   229 C CA  . THR A 1 31  ? -0.336  -8.290  0.703   1.00 42.94  ? 31  THR A CA  1 
ATOM   230 C C   . THR A 1 31  ? -0.048  -7.365  1.870   1.00 43.55  ? 31  THR A C   1 
ATOM   231 O O   . THR A 1 31  ? 0.995   -6.704  1.889   1.00 43.35  ? 31  THR A O   1 
ATOM   232 C CB  . THR A 1 31  ? 0.575   -9.514  0.775   1.00 46.61  ? 31  THR A CB  1 
ATOM   233 O OG1 . THR A 1 31  ? 0.396   -10.299 -0.406  1.00 48.05  ? 31  THR A OG1 1 
ATOM   234 C CG2 . THR A 1 31  ? 0.246   -10.368 2.018   1.00 45.23  ? 31  THR A CG2 1 
ATOM   235 N N   . GLY A 1 32  ? -0.969  -7.303  2.828   1.00 42.85  ? 32  GLY A N   1 
ATOM   236 C CA  . GLY A 1 32  ? -0.830  -6.447  3.998   1.00 42.39  ? 32  GLY A CA  1 
ATOM   237 C C   . GLY A 1 32  ? -0.717  -7.283  5.264   1.00 47.21  ? 32  GLY A C   1 
ATOM   238 O O   . GLY A 1 32  ? -1.514  -8.200  5.486   1.00 45.40  ? 32  GLY A O   1 
ATOM   239 N N   . THR A 1 33  ? 0.282   -6.960  6.081   1.00 46.52  ? 33  THR A N   1 
ATOM   240 C CA  . THR A 1 33  ? 0.537   -7.674  7.325   1.00 48.70  ? 33  THR A CA  1 
ATOM   241 C C   . THR A 1 33  ? 0.715   -6.680  8.466   1.00 52.56  ? 33  THR A C   1 
ATOM   242 O O   . THR A 1 33  ? 1.027   -5.501  8.261   1.00 47.67  ? 33  THR A O   1 
ATOM   243 C CB  . THR A 1 33  ? 1.788   -8.559  7.234   1.00 50.62  ? 33  THR A CB  1 
ATOM   244 O OG1 . THR A 1 33  ? 2.921   -7.731  6.974   1.00 50.86  ? 33  THR A OG1 1 
ATOM   245 C CG2 . THR A 1 33  ? 1.678   -9.593  6.117   1.00 47.29  ? 33  THR A CG2 1 
ATOM   246 N N   . LEU A 1 34  ? 0.508   -7.170  9.684   1.00 49.89  ? 34  LEU A N   1 
ATOM   247 C CA  . LEU A 1 34  ? 0.904   -6.404  10.851  1.00 52.17  ? 34  LEU A CA  1 
ATOM   248 C C   . LEU A 1 34  ? 2.405   -6.543  11.070  1.00 54.28  ? 34  LEU A C   1 
ATOM   249 O O   . LEU A 1 34  ? 3.077   -7.374  10.448  1.00 53.60  ? 34  LEU A O   1 
ATOM   250 C CB  . LEU A 1 34  ? 0.138   -6.873  12.084  1.00 54.18  ? 34  LEU A CB  1 
ATOM   251 C CG  . LEU A 1 34  ? -1.380  -6.842  11.913  1.00 54.84  ? 34  LEU A CG  1 
ATOM   252 C CD1 . LEU A 1 34  ? -2.080  -7.327  13.173  1.00 52.37  ? 34  LEU A CD1 1 
ATOM   253 C CD2 . LEU A 1 34  ? -1.831  -5.433  11.551  1.00 51.48  ? 34  LEU A CD2 1 
ATOM   254 N N   . GLU A 1 35  ? 2.934   -5.717  11.980  1.00 58.46  ? 35  GLU A N   1 
ATOM   255 C CA  . GLU A 1 35  ? 4.357   -5.790  12.308  1.00 60.36  ? 35  GLU A CA  1 
ATOM   256 C C   . GLU A 1 35  ? 4.762   -7.175  12.782  1.00 58.61  ? 35  GLU A C   1 
ATOM   257 O O   . GLU A 1 35  ? 5.904   -7.591  12.569  1.00 61.31  ? 35  GLU A O   1 
ATOM   258 C CB  . GLU A 1 35  ? 4.707   -4.771  13.380  1.00 62.14  ? 35  GLU A CB  1 
ATOM   259 C CG  . GLU A 1 35  ? 4.459   -3.358  12.963  1.00 65.06  ? 35  GLU A CG  1 
ATOM   260 C CD  . GLU A 1 35  ? 5.558   -2.451  13.410  1.00 65.47  ? 35  GLU A CD  1 
ATOM   261 O OE1 . GLU A 1 35  ? 6.566   -2.359  12.668  1.00 70.90  ? 35  GLU A OE1 1 
ATOM   262 O OE2 . GLU A 1 35  ? 5.406   -1.842  14.499  1.00 66.12  ? 35  GLU A OE2 1 
ATOM   263 N N   . ASN A 1 36  ? 3.858   -7.897  13.433  1.00 61.91  ? 36  ASN A N   1 
ATOM   264 C CA  . ASN A 1 36  ? 4.156   -9.263  13.833  1.00 61.48  ? 36  ASN A CA  1 
ATOM   265 C C   . ASN A 1 36  ? 4.053   -10.256 12.678  1.00 64.60  ? 36  ASN A C   1 
ATOM   266 O O   . ASN A 1 36  ? 4.125   -11.466 12.912  1.00 67.76  ? 36  ASN A O   1 
ATOM   267 C CB  . ASN A 1 36  ? 3.229   -9.685  14.974  1.00 59.66  ? 36  ASN A CB  1 
ATOM   268 C CG  . ASN A 1 36  ? 1.766   -9.619  14.596  1.00 63.32  ? 36  ASN A CG  1 
ATOM   269 O OD1 . ASN A 1 36  ? 1.396   -9.783  13.433  1.00 61.15  ? 36  ASN A OD1 1 
ATOM   270 N ND2 . ASN A 1 36  ? 0.913   -9.403  15.592  1.00 62.32  ? 36  ASN A ND2 1 
ATOM   271 N N   . GLY A 1 37  ? 3.858   -9.783  11.446  1.00 62.36  ? 37  GLY A N   1 
ATOM   272 C CA  . GLY A 1 37  ? 3.821   -10.658 10.291  1.00 59.37  ? 37  GLY A CA  1 
ATOM   273 C C   . GLY A 1 37  ? 2.488   -11.318 10.006  1.00 59.44  ? 37  GLY A C   1 
ATOM   274 O O   . GLY A 1 37  ? 2.377   -12.038 9.003   1.00 60.94  ? 37  GLY A O   1 
ATOM   275 N N   . LYS A 1 38  ? 1.473   -11.098 10.841  1.00 57.91  ? 38  LYS A N   1 
ATOM   276 C CA  . LYS A 1 38  ? 0.154   -11.673 10.596  1.00 58.41  ? 38  LYS A CA  1 
ATOM   277 C C   . LYS A 1 38  ? -0.508  -10.966 9.419   1.00 57.01  ? 38  LYS A C   1 
ATOM   278 O O   . LYS A 1 38  ? -0.691  -9.743  9.449   1.00 52.74  ? 38  LYS A O   1 
ATOM   279 C CB  . LYS A 1 38  ? -0.722  -11.558 11.842  1.00 58.45  ? 38  LYS A CB  1 
ATOM   280 C CG  . LYS A 1 38  ? -2.095  -12.234 11.701  1.00 66.53  ? 38  LYS A CG  1 
ATOM   281 C CD  . LYS A 1 38  ? -3.065  -11.857 12.842  1.00 75.81  ? 38  LYS A CD  1 
ATOM   282 C CE  . LYS A 1 38  ? -4.456  -11.447 12.305  1.00 74.37  ? 38  LYS A CE  1 
ATOM   283 N NZ  . LYS A 1 38  ? -4.923  -10.116 12.824  1.00 66.05  ? 38  LYS A NZ  1 
ATOM   284 N N   . LYS A 1 39  ? -0.871  -11.735 8.392   1.00 55.38  ? 39  LYS A N   1 
ATOM   285 C CA  . LYS A 1 39  ? -1.557  -11.181 7.230   1.00 52.55  ? 39  LYS A CA  1 
ATOM   286 C C   . LYS A 1 39  ? -2.998  -10.837 7.589   1.00 53.97  ? 39  LYS A C   1 
ATOM   287 O O   . LYS A 1 39  ? -3.674  -11.600 8.283   1.00 57.26  ? 39  LYS A O   1 
ATOM   288 C CB  . LYS A 1 39  ? -1.509  -12.187 6.075   1.00 50.26  ? 39  LYS A CB  1 
ATOM   289 C CG  . LYS A 1 39  ? -2.452  -11.868 4.920   1.00 52.39  ? 39  LYS A CG  1 
ATOM   290 C CD  . LYS A 1 39  ? -2.770  -13.103 4.097   1.00 57.28  ? 39  LYS A CD  1 
ATOM   291 C CE  . LYS A 1 39  ? -1.518  -13.800 3.649   1.00 58.88  ? 39  LYS A CE  1 
ATOM   292 N NZ  . LYS A 1 39  ? -1.820  -14.991 2.803   1.00 63.48  ? 39  LYS A NZ  1 
ATOM   293 N N   . PHE A 1 40  ? -3.470  -9.662  7.141   1.00 46.81  ? 40  PHE A N   1 
ATOM   294 C CA  . PHE A 1 40  ? -4.869  -9.288  7.313   1.00 46.84  ? 40  PHE A CA  1 
ATOM   295 C C   . PHE A 1 40  ? -5.632  -9.093  6.005   1.00 48.65  ? 40  PHE A C   1 
ATOM   296 O O   . PHE A 1 40  ? -6.863  -8.976  6.046   1.00 49.17  ? 40  PHE A O   1 
ATOM   297 C CB  . PHE A 1 40  ? -4.996  -8.010  8.158   1.00 46.59  ? 40  PHE A CB  1 
ATOM   298 C CG  . PHE A 1 40  ? -4.311  -6.808  7.555   1.00 47.04  ? 40  PHE A CG  1 
ATOM   299 C CD1 . PHE A 1 40  ? -4.943  -6.055  6.567   1.00 47.84  ? 40  PHE A CD1 1 
ATOM   300 C CD2 . PHE A 1 40  ? -3.042  -6.432  7.976   1.00 47.56  ? 40  PHE A CD2 1 
ATOM   301 C CE1 . PHE A 1 40  ? -4.316  -4.938  5.999   1.00 47.05  ? 40  PHE A CE1 1 
ATOM   302 C CE2 . PHE A 1 40  ? -2.405  -5.328  7.424   1.00 48.51  ? 40  PHE A CE2 1 
ATOM   303 C CZ  . PHE A 1 40  ? -3.041  -4.577  6.430   1.00 46.38  ? 40  PHE A CZ  1 
ATOM   304 N N   . ASP A 1 41  ? -4.957  -9.065  4.854   1.00 44.73  ? 41  ASP A N   1 
ATOM   305 C CA  . ASP A 1 41  ? -5.643  -8.886  3.571   1.00 46.57  ? 41  ASP A CA  1 
ATOM   306 C C   . ASP A 1 41  ? -4.628  -9.107  2.458   1.00 43.09  ? 41  ASP A C   1 
ATOM   307 O O   . ASP A 1 41  ? -3.440  -8.819  2.622   1.00 46.62  ? 41  ASP A O   1 
ATOM   308 C CB  . ASP A 1 41  ? -6.283  -7.488  3.464   1.00 46.33  ? 41  ASP A CB  1 
ATOM   309 C CG  . ASP A 1 41  ? -7.011  -7.229  2.124   1.00 51.95  ? 41  ASP A CG  1 
ATOM   310 O OD1 . ASP A 1 41  ? -7.533  -8.156  1.476   1.00 49.01  ? 41  ASP A OD1 1 
ATOM   311 O OD2 . ASP A 1 41  ? -7.084  -6.044  1.731   1.00 55.85  ? 41  ASP A OD2 1 
ATOM   312 N N   . SER A 1 42  ? -5.100  -9.638  1.334   1.00 42.06  ? 42  SER A N   1 
ATOM   313 C CA  . SER A 1 42  ? -4.215  -9.828  0.186   1.00 44.58  ? 42  SER A CA  1 
ATOM   314 C C   . SER A 1 42  ? -5.050  -9.974  -1.076  1.00 46.70  ? 42  SER A C   1 
ATOM   315 O O   . SER A 1 42  ? -5.937  -10.833 -1.141  1.00 43.30  ? 42  SER A O   1 
ATOM   316 C CB  . SER A 1 42  ? -3.312  -11.053 0.374   1.00 48.22  ? 42  SER A CB  1 
ATOM   317 O OG  . SER A 1 42  ? -2.623  -11.357 -0.830  1.00 47.64  ? 42  SER A OG  1 
ATOM   318 N N   . SER A 1 43  ? -4.773  -9.134  -2.079  1.00 42.47  ? 43  SER A N   1 
ATOM   319 C CA  . SER A 1 43  ? -5.379  -9.347  -3.383  1.00 44.72  ? 43  SER A CA  1 
ATOM   320 C C   . SER A 1 43  ? -4.802  -10.592 -4.045  1.00 44.93  ? 43  SER A C   1 
ATOM   321 O O   . SER A 1 43  ? -5.486  -11.244 -4.846  1.00 44.55  ? 43  SER A O   1 
ATOM   322 C CB  . SER A 1 43  ? -5.157  -8.124  -4.271  1.00 40.47  ? 43  SER A CB  1 
ATOM   323 O OG  . SER A 1 43  ? -3.778  -8.022  -4.568  1.00 40.19  ? 43  SER A OG  1 
ATOM   324 N N   . ARG A 1 44  ? -3.551  -10.942 -3.721  1.00 43.88  ? 44  ARG A N   1 
ATOM   325 C CA  . ARG A 1 44  ? -2.959  -12.128 -4.333  1.00 48.66  ? 44  ARG A CA  1 
ATOM   326 C C   . ARG A 1 44  ? -3.749  -13.375 -3.973  1.00 48.68  ? 44  ARG A C   1 
ATOM   327 O O   . ARG A 1 44  ? -3.952  -14.252 -4.818  1.00 48.99  ? 44  ARG A O   1 
ATOM   328 C CB  . ARG A 1 44  ? -1.500  -12.270 -3.914  1.00 48.74  ? 44  ARG A CB  1 
ATOM   329 C CG  . ARG A 1 44  ? -0.592  -11.314 -4.637  1.00 52.68  ? 44  ARG A CG  1 
ATOM   330 C CD  . ARG A 1 44  ? 0.848   -11.681 -4.445  1.00 50.47  ? 44  ARG A CD  1 
ATOM   331 N NE  . ARG A 1 44  ? 1.718   -10.581 -4.845  1.00 51.15  ? 44  ARG A NE  1 
ATOM   332 C CZ  . ARG A 1 44  ? 2.029   -10.303 -6.112  1.00 55.48  ? 44  ARG A CZ  1 
ATOM   333 N NH1 . ARG A 1 44  ? 1.535   -11.049 -7.103  1.00 53.04  ? 44  ARG A NH1 1 
ATOM   334 N NH2 . ARG A 1 44  ? 2.837   -9.287  -6.390  1.00 51.62  ? 44  ARG A NH2 1 
ATOM   335 N N   . ASP A 1 45  ? -4.253  -13.443 -2.738  1.00 50.90  ? 45  ASP A N   1 
ATOM   336 C CA  . ASP A 1 45  ? -5.071  -14.581 -2.331  1.00 50.87  ? 45  ASP A CA  1 
ATOM   337 C C   . ASP A 1 45  ? -6.391  -14.636 -3.083  1.00 53.27  ? 45  ASP A C   1 
ATOM   338 O O   . ASP A 1 45  ? -6.935  -15.725 -3.277  1.00 53.70  ? 45  ASP A O   1 
ATOM   339 C CB  . ASP A 1 45  ? -5.335  -14.542 -0.825  1.00 50.18  ? 45  ASP A CB  1 
ATOM   340 C CG  . ASP A 1 45  ? -4.077  -14.757 -0.012  1.00 49.54  ? 45  ASP A CG  1 
ATOM   341 O OD1 . ASP A 1 45  ? -3.058  -15.232 -0.571  1.00 56.66  ? 45  ASP A OD1 1 
ATOM   342 O OD2 . ASP A 1 45  ? -4.098  -14.425 1.190   1.00 53.94  ? 45  ASP A OD2 1 
ATOM   343 N N   . ARG A 1 46  ? -6.929  -13.487 -3.499  1.00 46.88  ? 46  ARG A N   1 
ATOM   344 C CA  . ARG A 1 46  ? -8.136  -13.463 -4.314  1.00 45.93  ? 46  ARG A CA  1 
ATOM   345 C C   . ARG A 1 46  ? -7.854  -13.748 -5.788  1.00 46.91  ? 46  ARG A C   1 
ATOM   346 O O   . ARG A 1 46  ? -8.798  -13.779 -6.588  1.00 51.51  ? 46  ARG A O   1 
ATOM   347 C CB  . ARG A 1 46  ? -8.837  -12.100 -4.183  1.00 45.75  ? 46  ARG A CB  1 
ATOM   348 C CG  . ARG A 1 46  ? -9.241  -11.723 -2.766  1.00 49.23  ? 46  ARG A CG  1 
ATOM   349 C CD  . ARG A 1 46  ? -10.167 -10.510 -2.719  1.00 49.79  ? 46  ARG A CD  1 
ATOM   350 N NE  . ARG A 1 46  ? -9.481  -9.243  -2.990  1.00 48.05  ? 46  ARG A NE  1 
ATOM   351 C CZ  . ARG A 1 46  ? -8.824  -8.525  -2.080  1.00 49.68  ? 46  ARG A CZ  1 
ATOM   352 N NH1 . ARG A 1 46  ? -8.731  -8.940  -0.820  1.00 47.24  ? 46  ARG A NH1 1 
ATOM   353 N NH2 . ARG A 1 46  ? -8.254  -7.377  -2.429  1.00 46.67  ? 46  ARG A NH2 1 
ATOM   354 N N   . GLY A 1 47  ? -6.592  -13.930 -6.163  1.00 46.53  ? 47  GLY A N   1 
ATOM   355 C CA  . GLY A 1 47  ? -6.223  -14.194 -7.542  1.00 47.15  ? 47  GLY A CA  1 
ATOM   356 C C   . GLY A 1 47  ? -6.552  -13.080 -8.511  1.00 49.51  ? 47  GLY A C   1 
ATOM   357 O O   . GLY A 1 47  ? -6.773  -13.349 -9.696  1.00 44.73  ? 47  GLY A O   1 
ATOM   358 N N   . LYS A 1 48  ? -6.585  -11.833 -8.045  1.00 44.09  ? 48  LYS A N   1 
ATOM   359 C CA  . LYS A 1 48  ? -7.124  -10.729 -8.837  1.00 49.11  ? 48  LYS A CA  1 
ATOM   360 C C   . LYS A 1 48  ? -6.569  -9.396  -8.353  1.00 42.87  ? 48  LYS A C   1 
ATOM   361 O O   . LYS A 1 48  ? -6.837  -8.995  -7.209  1.00 41.71  ? 48  LYS A O   1 
ATOM   362 C CB  . LYS A 1 48  ? -8.654  -10.716 -8.744  1.00 50.36  ? 48  LYS A CB  1 
ATOM   363 C CG  . LYS A 1 48  ? -9.351  -9.793  -9.718  1.00 55.36  ? 48  LYS A CG  1 
ATOM   364 C CD  . LYS A 1 48  ? -10.862 -10.047 -9.742  1.00 58.02  ? 48  LYS A CD  1 
ATOM   365 C CE  . LYS A 1 48  ? -11.569 -9.275  -8.630  1.00 62.38  ? 48  LYS A CE  1 
ATOM   366 N NZ  . LYS A 1 48  ? -11.404 -7.787  -8.795  1.00 65.60  ? 48  LYS A NZ  1 
ATOM   367 N N   . PRO A 1 49  ? -5.803  -8.682  -9.188  1.00 43.64  ? 49  PRO A N   1 
ATOM   368 C CA  . PRO A 1 49  ? -5.271  -7.373  -8.774  1.00 41.59  ? 49  PRO A CA  1 
ATOM   369 C C   . PRO A 1 49  ? -6.387  -6.421  -8.358  1.00 39.97  ? 49  PRO A C   1 
ATOM   370 O O   . PRO A 1 49  ? -7.478  -6.417  -8.929  1.00 39.50  ? 49  PRO A O   1 
ATOM   371 C CB  . PRO A 1 49  ? -4.542  -6.873  -10.028 1.00 42.76  ? 49  PRO A CB  1 
ATOM   372 C CG  . PRO A 1 49  ? -4.213  -8.109  -10.791 1.00 43.65  ? 49  PRO A CG  1 
ATOM   373 C CD  . PRO A 1 49  ? -5.344  -9.077  -10.526 1.00 41.14  ? 49  PRO A CD  1 
ATOM   374 N N   . PHE A 1 50  ? -6.099  -5.628  -7.332  1.00 38.46  ? 50  PHE A N   1 
ATOM   375 C CA  . PHE A 1 50  ? -6.983  -4.598  -6.817  1.00 37.79  ? 50  PHE A CA  1 
ATOM   376 C C   . PHE A 1 50  ? -6.903  -3.339  -7.686  1.00 38.78  ? 50  PHE A C   1 
ATOM   377 O O   . PHE A 1 50  ? -5.843  -2.994  -8.214  1.00 38.53  ? 50  PHE A O   1 
ATOM   378 C CB  . PHE A 1 50  ? -6.556  -4.275  -5.383  1.00 39.05  ? 50  PHE A CB  1 
ATOM   379 C CG  . PHE A 1 50  ? -7.472  -3.339  -4.651  1.00 40.16  ? 50  PHE A CG  1 
ATOM   380 C CD1 . PHE A 1 50  ? -8.739  -3.744  -4.275  1.00 42.50  ? 50  PHE A CD1 1 
ATOM   381 C CD2 . PHE A 1 50  ? -7.042  -2.073  -4.291  1.00 44.30  ? 50  PHE A CD2 1 
ATOM   382 C CE1 . PHE A 1 50  ? -9.594  -2.883  -3.582  1.00 45.88  ? 50  PHE A CE1 1 
ATOM   383 C CE2 . PHE A 1 50  ? -7.890  -1.212  -3.600  1.00 43.69  ? 50  PHE A CE2 1 
ATOM   384 C CZ  . PHE A 1 50  ? -9.170  -1.629  -3.248  1.00 46.21  ? 50  PHE A CZ  1 
ATOM   385 N N   . GLN A 1 51  ? -8.029  -2.639  -7.827  1.00 39.56  ? 51  GLN A N   1 
ATOM   386 C CA  . GLN A 1 51  ? -8.074  -1.424  -8.641  1.00 41.29  ? 51  GLN A CA  1 
ATOM   387 C C   . GLN A 1 51  ? -8.683  -0.286  -7.834  1.00 42.05  ? 51  GLN A C   1 
ATOM   388 O O   . GLN A 1 51  ? -9.699  -0.483  -7.163  1.00 44.08  ? 51  GLN A O   1 
ATOM   389 C CB  . GLN A 1 51  ? -8.864  -1.667  -9.929  1.00 40.53  ? 51  GLN A CB  1 
ATOM   390 C CG  . GLN A 1 51  ? -8.209  -2.693  -10.822 1.00 40.57  ? 51  GLN A CG  1 
ATOM   391 C CD  . GLN A 1 51  ? -8.998  -2.956  -12.083 1.00 44.20  ? 51  GLN A CD  1 
ATOM   392 O OE1 . GLN A 1 51  ? -10.205 -3.145  -12.029 1.00 46.84  ? 51  GLN A OE1 1 
ATOM   393 N NE2 . GLN A 1 51  ? -8.320  -2.967  -13.226 1.00 39.89  ? 51  GLN A NE2 1 
ATOM   394 N N   . CYS A 1 52  ? -8.054  0.896   -7.869  1.00 41.11  ? 52  CYS A N   1 
ATOM   395 C CA  . CYS A 1 52  ? -8.542  2.006   -7.056  1.00 41.41  ? 52  CYS A CA  1 
ATOM   396 C C   . CYS A 1 52  ? -8.034  3.327   -7.627  1.00 43.56  ? 52  CYS A C   1 
ATOM   397 O O   . CYS A 1 52  ? -7.108  3.363   -8.434  1.00 40.64  ? 52  CYS A O   1 
ATOM   398 C CB  . CYS A 1 52  ? -8.114  1.858   -5.591  1.00 45.51  ? 52  CYS A CB  1 
ATOM   399 S SG  . CYS A 1 52  ? -6.305  1.835   -5.330  1.00 49.92  ? 52  CYS A SG  1 
ATOM   400 N N   . THR A 1 53  ? -8.637  4.421   -7.181  1.00 45.90  ? 53  THR A N   1 
ATOM   401 C CA  . THR A 1 53  ? -8.174  5.752   -7.570  1.00 44.57  ? 53  THR A CA  1 
ATOM   402 C C   . THR A 1 53  ? -7.161  6.236   -6.545  1.00 41.14  ? 53  THR A C   1 
ATOM   403 O O   . THR A 1 53  ? -7.415  6.182   -5.338  1.00 42.90  ? 53  THR A O   1 
ATOM   404 C CB  . THR A 1 53  ? -9.335  6.738   -7.670  1.00 43.99  ? 53  THR A CB  1 
ATOM   405 O OG1 . THR A 1 53  ? -10.368 6.152   -8.464  1.00 49.13  ? 53  THR A OG1 1 
ATOM   406 C CG2 . THR A 1 53  ? -8.869  8.045   -8.341  1.00 43.55  ? 53  THR A CG2 1 
ATOM   407 N N   . ILE A 1 54  ? -6.018  6.698   -7.023  1.00 39.63  ? 54  ILE A N   1 
ATOM   408 C CA  . ILE A 1 54  ? -4.920  7.073   -6.144  1.00 40.65  ? 54  ILE A CA  1 
ATOM   409 C C   . ILE A 1 54  ? -4.901  8.588   -5.967  1.00 41.58  ? 54  ILE A C   1 
ATOM   410 O O   . ILE A 1 54  ? -5.289  9.352   -6.860  1.00 42.09  ? 54  ILE A O   1 
ATOM   411 C CB  . ILE A 1 54  ? -3.578  6.529   -6.695  1.00 41.56  ? 54  ILE A CB  1 
ATOM   412 C CG1 . ILE A 1 54  ? -2.545  6.388   -5.569  1.00 39.52  ? 54  ILE A CG1 1 
ATOM   413 C CG2 . ILE A 1 54  ? -3.066  7.372   -7.870  1.00 40.59  ? 54  ILE A CG2 1 
ATOM   414 C CD1 . ILE A 1 54  ? -2.920  5.313   -4.539  1.00 40.73  ? 54  ILE A CD1 1 
ATOM   415 N N   . GLY A 1 55  ? -4.469  9.022   -4.786  1.00 40.98  ? 55  GLY A N   1 
ATOM   416 C CA  . GLY A 1 55  ? -4.199  10.417  -4.517  1.00 46.21  ? 55  GLY A CA  1 
ATOM   417 C C   . GLY A 1 55  ? -5.393  11.266  -4.138  1.00 47.58  ? 55  GLY A C   1 
ATOM   418 O O   . GLY A 1 55  ? -5.247  12.487  -4.065  1.00 46.86  ? 55  GLY A O   1 
ATOM   419 N N   . VAL A 1 56  ? -6.567  10.670  -3.905  1.00 45.69  ? 56  VAL A N   1 
ATOM   420 C CA  . VAL A 1 56  ? -7.793  11.426  -3.660  1.00 46.68  ? 56  VAL A CA  1 
ATOM   421 C C   . VAL A 1 56  ? -8.496  10.926  -2.398  1.00 56.00  ? 56  VAL A C   1 
ATOM   422 O O   . VAL A 1 56  ? -9.710  11.113  -2.239  1.00 55.53  ? 56  VAL A O   1 
ATOM   423 C CB  . VAL A 1 56  ? -8.748  11.334  -4.866  1.00 47.77  ? 56  VAL A CB  1 
ATOM   424 C CG1 . VAL A 1 56  ? -8.115  11.920  -6.120  1.00 47.13  ? 56  VAL A CG1 1 
ATOM   425 C CG2 . VAL A 1 56  ? -9.169  9.897   -5.107  1.00 44.90  ? 56  VAL A CG2 1 
ATOM   426 N N   . GLY A 1 57  ? -7.757  10.267  -1.502  1.00 53.71  ? 57  GLY A N   1 
ATOM   427 C CA  . GLY A 1 57  ? -8.342  9.761   -0.268  1.00 50.96  ? 57  GLY A CA  1 
ATOM   428 C C   . GLY A 1 57  ? -9.334  8.620   -0.408  1.00 54.02  ? 57  GLY A C   1 
ATOM   429 O O   . GLY A 1 57  ? -10.140 8.407   0.503   1.00 58.99  ? 57  GLY A O   1 
ATOM   430 N N   . HIS A 1 58  ? -9.312  7.873   -1.514  1.00 50.31  ? 58  HIS A N   1 
ATOM   431 C CA  . HIS A 1 58  ? -10.141 6.677   -1.643  1.00 50.56  ? 58  HIS A CA  1 
ATOM   432 C C   . HIS A 1 58  ? -9.447  5.424   -1.131  1.00 45.42  ? 58  HIS A C   1 
ATOM   433 O O   . HIS A 1 58  ? -10.027 4.332   -1.210  1.00 50.79  ? 58  HIS A O   1 
ATOM   434 C CB  . HIS A 1 58  ? -10.548 6.442   -3.096  1.00 51.39  ? 58  HIS A CB  1 
ATOM   435 C CG  . HIS A 1 58  ? -11.536 7.429   -3.615  1.00 55.05  ? 58  HIS A CG  1 
ATOM   436 N ND1 . HIS A 1 58  ? -12.198 7.253   -4.812  1.00 51.51  ? 58  HIS A ND1 1 
ATOM   437 C CD2 . HIS A 1 58  ? -11.966 8.610   -3.110  1.00 51.43  ? 58  HIS A CD2 1 
ATOM   438 C CE1 . HIS A 1 58  ? -12.996 8.284   -5.018  1.00 55.87  ? 58  HIS A CE1 1 
ATOM   439 N NE2 . HIS A 1 58  ? -12.872 9.121   -4.003  1.00 57.63  ? 58  HIS A NE2 1 
ATOM   440 N N   . VAL A 1 59  ? -8.213  5.554   -0.647  1.00 48.23  ? 59  VAL A N   1 
ATOM   441 C CA  . VAL A 1 59  ? -7.475  4.484   0.013   1.00 47.67  ? 59  VAL A CA  1 
ATOM   442 C C   . VAL A 1 59  ? -6.774  5.109   1.214   1.00 45.96  ? 59  VAL A C   1 
ATOM   443 O O   . VAL A 1 59  ? -6.769  6.328   1.380   1.00 46.92  ? 59  VAL A O   1 
ATOM   444 C CB  . VAL A 1 59  ? -6.460  3.803   -0.934  1.00 47.03  ? 59  VAL A CB  1 
ATOM   445 C CG1 . VAL A 1 59  ? -7.181  2.955   -1.979  1.00 43.44  ? 59  VAL A CG1 1 
ATOM   446 C CG2 . VAL A 1 59  ? -5.584  4.860   -1.619  1.00 43.57  ? 59  VAL A CG2 1 
ATOM   447 N N   . ILE A 1 60  ? -6.183  4.263   2.069   1.00 43.38  ? 60  ILE A N   1 
ATOM   448 C CA  . ILE A 1 60  ? -5.520  4.782   3.258   1.00 46.46  ? 60  ILE A CA  1 
ATOM   449 C C   . ILE A 1 60  ? -4.402  5.737   2.853   1.00 46.52  ? 60  ILE A C   1 
ATOM   450 O O   . ILE A 1 60  ? -3.815  5.626   1.769   1.00 44.26  ? 60  ILE A O   1 
ATOM   451 C CB  . ILE A 1 60  ? -4.971  3.657   4.154   1.00 42.55  ? 60  ILE A CB  1 
ATOM   452 C CG1 . ILE A 1 60  ? -3.984  2.771   3.387   1.00 43.62  ? 60  ILE A CG1 1 
ATOM   453 C CG2 . ILE A 1 60  ? -6.122  2.835   4.726   1.00 40.88  ? 60  ILE A CG2 1 
ATOM   454 C CD1 . ILE A 1 60  ? -3.213  1.814   4.294   1.00 42.63  ? 60  ILE A CD1 1 
ATOM   455 N N   . LYS A 1 61  ? -4.109  6.683   3.743   1.00 43.63  ? 61  LYS A N   1 
ATOM   456 C CA  . LYS A 1 61  ? -3.190  7.770   3.410   1.00 45.33  ? 61  LYS A CA  1 
ATOM   457 C C   . LYS A 1 61  ? -1.830  7.243   2.963   1.00 46.39  ? 61  LYS A C   1 
ATOM   458 O O   . LYS A 1 61  ? -1.249  7.754   2.000   1.00 43.11  ? 61  LYS A O   1 
ATOM   459 C CB  . LYS A 1 61  ? -3.040  8.698   4.619   1.00 46.49  ? 61  LYS A CB  1 
ATOM   460 C CG  . LYS A 1 61  ? -2.161  9.899   4.375   1.00 48.02  ? 61  LYS A CG  1 
ATOM   461 C CD  . LYS A 1 61  ? -2.824  10.869  3.419   1.00 56.06  ? 61  LYS A CD  1 
ATOM   462 C CE  . LYS A 1 61  ? -1.881  11.971  3.007   0.00 53.28  ? 61  LYS A CE  1 
ATOM   463 N NZ  . LYS A 1 61  ? -2.474  12.714  1.878   1.00 60.98  ? 61  LYS A NZ  1 
ATOM   464 N N   . GLY A 1 62  ? -1.312  6.212   3.645   1.00 42.71  ? 62  GLY A N   1 
ATOM   465 C CA  . GLY A 1 62  ? -0.021  5.648   3.282   1.00 42.00  ? 62  GLY A CA  1 
ATOM   466 C C   . GLY A 1 62  ? 0.056   5.169   1.842   1.00 40.17  ? 62  GLY A C   1 
ATOM   467 O O   . GLY A 1 62  ? 1.124   5.218   1.225   1.00 40.81  ? 62  GLY A O   1 
ATOM   468 N N   . TRP A 1 63  ? -1.059  4.694   1.289   1.00 40.79  ? 63  TRP A N   1 
ATOM   469 C CA  . TRP A 1 63  ? -1.069  4.292   -0.114  1.00 40.70  ? 63  TRP A CA  1 
ATOM   470 C C   . TRP A 1 63  ? -1.040  5.503   -1.032  1.00 38.98  ? 63  TRP A C   1 
ATOM   471 O O   . TRP A 1 63  ? -0.325  5.505   -2.043  1.00 39.18  ? 63  TRP A O   1 
ATOM   472 C CB  . TRP A 1 63  ? -2.310  3.454   -0.430  1.00 43.39  ? 63  TRP A CB  1 
ATOM   473 C CG  . TRP A 1 63  ? -2.222  2.012   -0.068  1.00 45.29  ? 63  TRP A CG  1 
ATOM   474 C CD1 . TRP A 1 63  ? -1.318  1.426   0.764   1.00 44.51  ? 63  TRP A CD1 1 
ATOM   475 C CD2 . TRP A 1 63  ? -3.090  0.969   -0.520  1.00 50.03  ? 63  TRP A CD2 1 
ATOM   476 N NE1 . TRP A 1 63  ? -1.563  0.071   0.858   1.00 45.78  ? 63  TRP A NE1 1 
ATOM   477 C CE2 . TRP A 1 63  ? -2.652  -0.233  0.085   1.00 50.76  ? 63  TRP A CE2 1 
ATOM   478 C CE3 . TRP A 1 63  ? -4.211  0.933   -1.365  1.00 51.14  ? 63  TRP A CE3 1 
ATOM   479 C CZ2 . TRP A 1 63  ? -3.288  -1.461  -0.131  1.00 50.54  ? 63  TRP A CZ2 1 
ATOM   480 C CZ3 . TRP A 1 63  ? -4.850  -0.298  -1.578  1.00 51.73  ? 63  TRP A CZ3 1 
ATOM   481 C CH2 . TRP A 1 63  ? -4.382  -1.474  -0.959  1.00 52.62  ? 63  TRP A CH2 1 
ATOM   482 N N   . ASP A 1 64  ? -1.847  6.527   -0.716  1.00 39.75  ? 64  ASP A N   1 
ATOM   483 C CA  . ASP A 1 64  ? -1.793  7.783   -1.458  1.00 45.15  ? 64  ASP A CA  1 
ATOM   484 C C   . ASP A 1 64  ? -0.386  8.365   -1.456  1.00 46.42  ? 64  ASP A C   1 
ATOM   485 O O   . ASP A 1 64  ? 0.037   8.976   -2.448  1.00 43.71  ? 64  ASP A O   1 
ATOM   486 C CB  . ASP A 1 64  ? -2.780  8.793   -0.869  1.00 42.56  ? 64  ASP A CB  1 
ATOM   487 C CG  . ASP A 1 64  ? -4.174  8.650   -1.436  1.00 45.57  ? 64  ASP A CG  1 
ATOM   488 O OD1 . ASP A 1 64  ? -4.359  7.843   -2.374  1.00 42.78  ? 64  ASP A OD1 1 
ATOM   489 O OD2 . ASP A 1 64  ? -5.106  9.338   -0.940  1.00 49.50  ? 64  ASP A OD2 1 
ATOM   490 N N   . ILE A 1 65  ? 0.361   8.174   -0.363  1.00 41.44  ? 65  ILE A N   1 
ATOM   491 C CA  . ILE A 1 65  ? 1.719   8.705   -0.284  1.00 42.20  ? 65  ILE A CA  1 
ATOM   492 C C   . ILE A 1 65  ? 2.676   7.842   -1.103  1.00 43.82  ? 65  ILE A C   1 
ATOM   493 O O   . ILE A 1 65  ? 3.443   8.343   -1.938  1.00 42.10  ? 65  ILE A O   1 
ATOM   494 C CB  . ILE A 1 65  ? 2.175   8.796   1.183   1.00 42.02  ? 65  ILE A CB  1 
ATOM   495 C CG1 . ILE A 1 65  ? 1.454   9.933   1.912   1.00 48.57  ? 65  ILE A CG1 1 
ATOM   496 C CG2 . ILE A 1 65  ? 3.688   8.980   1.279   1.00 45.54  ? 65  ILE A CG2 1 
ATOM   497 C CD1 . ILE A 1 65  ? 1.595   9.826   3.423   1.00 49.88  ? 65  ILE A CD1 1 
ATOM   498 N N   . GLY A 1 66  ? 2.638   6.529   -0.887  1.00 39.81  ? 66  GLY A N   1 
ATOM   499 C CA  . GLY A 1 66  ? 3.695   5.662   -1.375  1.00 36.34  ? 66  GLY A CA  1 
ATOM   500 C C   . GLY A 1 66  ? 3.514   5.165   -2.792  1.00 38.15  ? 66  GLY A C   1 
ATOM   501 O O   . GLY A 1 66  ? 4.492   5.067   -3.527  1.00 37.82  ? 66  GLY A O   1 
ATOM   502 N N   . ILE A 1 67  ? 2.285   4.822   -3.193  1.00 35.20  ? 67  ILE A N   1 
ATOM   503 C CA  . ILE A 1 67  ? 2.089   4.205   -4.511  1.00 35.47  ? 67  ILE A CA  1 
ATOM   504 C C   . ILE A 1 67  ? 2.537   5.103   -5.655  1.00 39.79  ? 67  ILE A C   1 
ATOM   505 O O   . ILE A 1 67  ? 3.145   4.592   -6.619  1.00 38.31  ? 67  ILE A O   1 
ATOM   506 C CB  . ILE A 1 67  ? 0.645   3.707   -4.643  1.00 35.18  ? 67  ILE A CB  1 
ATOM   507 C CG1 . ILE A 1 67  ? 0.494   2.489   -3.732  1.00 41.33  ? 67  ILE A CG1 1 
ATOM   508 C CG2 . ILE A 1 67  ? 0.307   3.374   -6.091  1.00 35.03  ? 67  ILE A CG2 1 
ATOM   509 C CD1 . ILE A 1 67  ? -0.894  1.887   -3.717  1.00 46.73  ? 67  ILE A CD1 1 
ATOM   510 N N   . PRO A 1 68  ? 2.343   6.427   -5.616  1.00 40.55  ? 68  PRO A N   1 
ATOM   511 C CA  . PRO A 1 68  ? 2.863   7.265   -6.711  1.00 39.48  ? 68  PRO A CA  1 
ATOM   512 C C   . PRO A 1 68  ? 4.381   7.234   -6.865  1.00 39.71  ? 68  PRO A C   1 
ATOM   513 O O   . PRO A 1 68  ? 4.875   7.743   -7.876  1.00 39.29  ? 68  PRO A O   1 
ATOM   514 C CB  . PRO A 1 68  ? 2.376   8.677   -6.338  1.00 38.61  ? 68  PRO A CB  1 
ATOM   515 C CG  . PRO A 1 68  ? 1.169   8.438   -5.508  1.00 38.89  ? 68  PRO A CG  1 
ATOM   516 C CD  . PRO A 1 68  ? 1.496   7.217   -4.699  1.00 42.54  ? 68  PRO A CD  1 
ATOM   517 N N   . LYS A 1 69  ? 5.132   6.684   -5.907  1.00 37.91  ? 69  LYS A N   1 
ATOM   518 C CA  . LYS A 1 69  ? 6.576   6.571   -6.077  1.00 39.68  ? 69  LYS A CA  1 
ATOM   519 C C   . LYS A 1 69  ? 6.969   5.411   -6.977  1.00 40.21  ? 69  LYS A C   1 
ATOM   520 O O   . LYS A 1 69  ? 8.138   5.316   -7.359  1.00 41.27  ? 69  LYS A O   1 
ATOM   521 C CB  . LYS A 1 69  ? 7.279   6.400   -4.720  1.00 37.17  ? 69  LYS A CB  1 
ATOM   522 C CG  . LYS A 1 69  ? 6.989   7.499   -3.685  1.00 38.13  ? 69  LYS A CG  1 
ATOM   523 C CD  . LYS A 1 69  ? 7.359   8.859   -4.236  1.00 37.90  ? 69  LYS A CD  1 
ATOM   524 C CE  . LYS A 1 69  ? 7.200   9.970   -3.201  1.00 41.70  ? 69  LYS A CE  1 
ATOM   525 N NZ  . LYS A 1 69  ? 7.486   11.312  -3.810  1.00 40.95  ? 69  LYS A NZ  1 
ATOM   526 N N   . LEU A 1 70  ? 6.037   4.530   -7.317  1.00 38.23  ? 70  LEU A N   1 
ATOM   527 C CA  . LEU A 1 70  ? 6.340   3.308   -8.051  1.00 39.21  ? 70  LEU A CA  1 
ATOM   528 C C   . LEU A 1 70  ? 6.144   3.524   -9.545  1.00 38.31  ? 70  LEU A C   1 
ATOM   529 O O   . LEU A 1 70  ? 5.150   4.109   -9.966  1.00 38.97  ? 70  LEU A O   1 
ATOM   530 C CB  . LEU A 1 70  ? 5.422   2.176   -7.591  1.00 37.78  ? 70  LEU A CB  1 
ATOM   531 C CG  . LEU A 1 70  ? 5.762   1.338   -6.364  1.00 42.71  ? 70  LEU A CG  1 
ATOM   532 C CD1 . LEU A 1 70  ? 6.143   2.163   -5.177  1.00 42.35  ? 70  LEU A CD1 1 
ATOM   533 C CD2 . LEU A 1 70  ? 4.548   0.509   -6.053  1.00 44.61  ? 70  LEU A CD2 1 
ATOM   534 N N   . SER A 1 71  ? 7.066   3.015   -10.349 1.00 37.62  ? 71  SER A N   1 
ATOM   535 C CA  . SER A 1 71  ? 6.762   2.881   -11.767 1.00 39.92  ? 71  SER A CA  1 
ATOM   536 C C   . SER A 1 71  ? 6.121   1.523   -12.041 1.00 42.80  ? 71  SER A C   1 
ATOM   537 O O   . SER A 1 71  ? 6.239   0.574   -11.255 1.00 41.20  ? 71  SER A O   1 
ATOM   538 C CB  . SER A 1 71  ? 8.021   3.065   -12.630 1.00 39.14  ? 71  SER A CB  1 
ATOM   539 O OG  . SER A 1 71  ? 9.057   2.150   -12.291 1.00 40.10  ? 71  SER A OG  1 
ATOM   540 N N   . VAL A 1 72  ? 5.414   1.436   -13.170 1.00 40.76  ? 72  VAL A N   1 
ATOM   541 C CA  . VAL A 1 72  ? 4.743   0.191   -13.512 1.00 41.60  ? 72  VAL A CA  1 
ATOM   542 C C   . VAL A 1 72  ? 5.760   -0.940  -13.591 1.00 45.39  ? 72  VAL A C   1 
ATOM   543 O O   . VAL A 1 72  ? 6.854   -0.785  -14.153 1.00 44.48  ? 72  VAL A O   1 
ATOM   544 C CB  . VAL A 1 72  ? 3.973   0.342   -14.830 1.00 44.51  ? 72  VAL A CB  1 
ATOM   545 C CG1 . VAL A 1 72  ? 3.459   -1.017  -15.289 1.00 43.89  ? 72  VAL A CG1 1 
ATOM   546 C CG2 . VAL A 1 72  ? 2.826   1.306   -14.628 1.00 43.43  ? 72  VAL A CG2 1 
ATOM   547 N N   . GLY A 1 73  ? 5.411   -2.082  -12.985 1.00 41.16  ? 73  GLY A N   1 
ATOM   548 C CA  . GLY A 1 73  ? 6.323   -3.195  -12.841 1.00 43.00  ? 73  GLY A CA  1 
ATOM   549 C C   . GLY A 1 73  ? 7.086   -3.240  -11.530 1.00 45.26  ? 73  GLY A C   1 
ATOM   550 O O   . GLY A 1 73  ? 7.645   -4.293  -11.196 1.00 44.22  ? 73  GLY A O   1 
ATOM   551 N N   . SER A 1 74  ? 7.118   -2.137  -10.774 1.00 41.34  ? 74  SER A N   1 
ATOM   552 C CA  . SER A 1 74  ? 7.841   -2.101  -9.501  1.00 41.67  ? 74  SER A CA  1 
ATOM   553 C C   . SER A 1 74  ? 7.188   -3.010  -8.462  1.00 45.79  ? 74  SER A C   1 
ATOM   554 O O   . SER A 1 74  ? 5.962   -3.100  -8.382  1.00 42.99  ? 74  SER A O   1 
ATOM   555 C CB  . SER A 1 74  ? 7.865   -0.679  -8.923  1.00 42.43  ? 74  SER A CB  1 
ATOM   556 O OG  . SER A 1 74  ? 8.538   0.272   -9.738  1.00 45.34  ? 74  SER A OG  1 
ATOM   557 N N   . GLN A 1 75  ? 8.012   -3.651  -7.631  1.00 44.26  ? 75  GLN A N   1 
ATOM   558 C CA  . GLN A 1 75  ? 7.556   -4.245  -6.377  1.00 46.58  ? 75  GLN A CA  1 
ATOM   559 C C   . GLN A 1 75  ? 8.220   -3.511  -5.225  1.00 48.04  ? 75  GLN A C   1 
ATOM   560 O O   . GLN A 1 75  ? 9.439   -3.288  -5.249  1.00 47.11  ? 75  GLN A O   1 
ATOM   561 C CB  . GLN A 1 75  ? 7.891   -5.732  -6.278  1.00 51.28  ? 75  GLN A CB  1 
ATOM   562 C CG  . GLN A 1 75  ? 7.366   -6.562  -7.412  1.00 55.68  ? 75  GLN A CG  1 
ATOM   563 C CD  . GLN A 1 75  ? 7.914   -7.973  -7.383  1.00 63.06  ? 75  GLN A CD  1 
ATOM   564 O OE1 . GLN A 1 75  ? 8.512   -8.436  -8.354  1.00 64.15  ? 75  GLN A OE1 1 
ATOM   565 N NE2 . GLN A 1 75  ? 7.715   -8.662  -6.267  1.00 65.63  ? 75  GLN A NE2 1 
ATOM   566 N N   . ALA A 1 76  ? 7.424   -3.157  -4.213  1.00 44.28  ? 76  ALA A N   1 
ATOM   567 C CA  . ALA A 1 76  ? 7.895   -2.310  -3.129  1.00 43.39  ? 76  ALA A CA  1 
ATOM   568 C C   . ALA A 1 76  ? 7.272   -2.777  -1.822  1.00 44.60  ? 76  ALA A C   1 
ATOM   569 O O   . ALA A 1 76  ? 6.235   -3.441  -1.806  1.00 44.73  ? 76  ALA A O   1 
ATOM   570 C CB  . ALA A 1 76  ? 7.550   -0.832  -3.376  1.00 42.96  ? 76  ALA A CB  1 
ATOM   571 N N   . LYS A 1 77  ? 7.916   -2.426  -0.721  1.00 40.84  ? 77  LYS A N   1 
ATOM   572 C CA  . LYS A 1 77  ? 7.342   -2.599  0.604   1.00 42.75  ? 77  LYS A CA  1 
ATOM   573 C C   . LYS A 1 77  ? 7.027   -1.220  1.170   1.00 45.01  ? 77  LYS A C   1 
ATOM   574 O O   . LYS A 1 77  ? 7.902   -0.351  1.205   1.00 43.43  ? 77  LYS A O   1 
ATOM   575 C CB  . LYS A 1 77  ? 8.303   -3.372  1.518   1.00 47.92  ? 77  LYS A CB  1 
ATOM   576 C CG  . LYS A 1 77  ? 7.945   -3.324  3.001   1.00 50.54  ? 77  LYS A CG  1 
ATOM   577 C CD  . LYS A 1 77  ? 8.629   -4.458  3.774   1.00 55.28  ? 77  LYS A CD  1 
ATOM   578 C CE  . LYS A 1 77  ? 10.041  -4.084  4.200   1.00 60.42  ? 77  LYS A CE  1 
ATOM   579 N NZ  . LYS A 1 77  ? 10.472  -4.807  5.443   1.00 66.48  ? 77  LYS A NZ  1 
ATOM   580 N N   . LEU A 1 78  ? 5.771   -1.008  1.567   1.00 41.81  ? 78  LEU A N   1 
ATOM   581 C CA  . LEU A 1 78  ? 5.346   0.212   2.244   1.00 43.20  ? 78  LEU A CA  1 
ATOM   582 C C   . LEU A 1 78  ? 5.176   -0.083  3.724   1.00 42.73  ? 78  LEU A C   1 
ATOM   583 O O   . LEU A 1 78  ? 4.460   -1.018  4.088   1.00 43.24  ? 78  LEU A O   1 
ATOM   584 C CB  . LEU A 1 78  ? 4.014   0.743   1.704   1.00 39.83  ? 78  LEU A CB  1 
ATOM   585 C CG  . LEU A 1 78  ? 3.722   0.922   0.214   1.00 45.81  ? 78  LEU A CG  1 
ATOM   586 C CD1 . LEU A 1 78  ? 2.579   1.922   0.031   1.00 42.72  ? 78  LEU A CD1 1 
ATOM   587 C CD2 . LEU A 1 78  ? 4.948   1.333   -0.548  1.00 44.98  ? 78  LEU A CD2 1 
ATOM   588 N N   . THR A 1 79  ? 5.815   0.720   4.570   1.00 41.49  ? 79  THR A N   1 
ATOM   589 C CA  . THR A 1 79  ? 5.644   0.644   6.017   1.00 44.21  ? 79  THR A CA  1 
ATOM   590 C C   . THR A 1 79  ? 4.885   1.889   6.449   1.00 45.05  ? 79  THR A C   1 
ATOM   591 O O   . THR A 1 79  ? 5.422   2.997   6.376   1.00 47.10  ? 79  THR A O   1 
ATOM   592 C CB  . THR A 1 79  ? 6.993   0.525   6.709   1.00 47.49  ? 79  THR A CB  1 
ATOM   593 O OG1 . THR A 1 79  ? 7.658   -0.644  6.214   1.00 47.78  ? 79  THR A OG1 1 
ATOM   594 C CG2 . THR A 1 79  ? 6.823   0.420   8.221   1.00 41.30  ? 79  THR A CG2 1 
ATOM   595 N N   . ILE A 1 80  ? 3.639   1.703   6.879   1.00 43.86  ? 80  ILE A N   1 
ATOM   596 C CA  . ILE A 1 80  ? 2.687   2.794   7.064   1.00 44.82  ? 80  ILE A CA  1 
ATOM   597 C C   . ILE A 1 80  ? 2.349   2.927   8.545   1.00 47.79  ? 80  ILE A C   1 
ATOM   598 O O   . ILE A 1 80  ? 1.799   1.994   9.138   1.00 44.49  ? 80  ILE A O   1 
ATOM   599 C CB  . ILE A 1 80  ? 1.408   2.571   6.244   1.00 43.51  ? 80  ILE A CB  1 
ATOM   600 C CG1 . ILE A 1 80  ? 1.754   2.349   4.773   1.00 41.43  ? 80  ILE A CG1 1 
ATOM   601 C CG2 . ILE A 1 80  ? 0.432   3.748   6.429   1.00 41.06  ? 80  ILE A CG2 1 
ATOM   602 C CD1 . ILE A 1 80  ? 0.536   1.985   3.933   1.00 42.86  ? 80  ILE A CD1 1 
ATOM   603 N N   . PRO A 1 81  ? 2.612   4.073   9.176   1.00 48.32  ? 81  PRO A N   1 
ATOM   604 C CA  . PRO A 1 81  ? 2.279   4.221   10.598  1.00 49.47  ? 81  PRO A CA  1 
ATOM   605 C C   . PRO A 1 81  ? 0.780   4.389   10.783  1.00 47.99  ? 81  PRO A C   1 
ATOM   606 O O   . PRO A 1 81  ? 0.041   4.738   9.854   1.00 44.82  ? 81  PRO A O   1 
ATOM   607 C CB  . PRO A 1 81  ? 3.046   5.483   11.021  1.00 48.77  ? 81  PRO A CB  1 
ATOM   608 C CG  . PRO A 1 81  ? 3.107   6.321   9.760   1.00 49.65  ? 81  PRO A CG  1 
ATOM   609 C CD  . PRO A 1 81  ? 3.136   5.325   8.590   1.00 50.58  ? 81  PRO A CD  1 
ATOM   610 N N   . GLY A 1 82  ? 0.336   4.137   12.016  1.00 47.95  ? 82  GLY A N   1 
ATOM   611 C CA  . GLY A 1 82  ? -1.092  4.123   12.287  1.00 43.26  ? 82  GLY A CA  1 
ATOM   612 C C   . GLY A 1 82  ? -1.816  5.361   11.796  1.00 47.19  ? 82  GLY A C   1 
ATOM   613 O O   . GLY A 1 82  ? -2.900  5.268   11.206  1.00 45.10  ? 82  GLY A O   1 
ATOM   614 N N   . HIS A 1 83  ? -1.225  6.538   12.012  1.00 47.61  ? 83  HIS A N   1 
ATOM   615 C CA  . HIS A 1 83  ? -1.916  7.778   11.677  1.00 48.63  ? 83  HIS A CA  1 
ATOM   616 C C   . HIS A 1 83  ? -2.051  7.994   10.176  1.00 48.54  ? 83  HIS A C   1 
ATOM   617 O O   . HIS A 1 83  ? -2.792  8.890   9.757   1.00 50.25  ? 83  HIS A O   1 
ATOM   618 C CB  . HIS A 1 83  ? -1.213  8.968   12.337  1.00 48.11  ? 83  HIS A CB  1 
ATOM   619 C CG  . HIS A 1 83  ? 0.204   9.167   11.894  1.00 52.00  ? 83  HIS A CG  1 
ATOM   620 N ND1 . HIS A 1 83  ? 0.545   9.992   10.844  1.00 53.61  ? 83  HIS A ND1 1 
ATOM   621 C CD2 . HIS A 1 83  ? 1.368   8.663   12.371  1.00 51.48  ? 83  HIS A CD2 1 
ATOM   622 C CE1 . HIS A 1 83  ? 1.861   9.991   10.696  1.00 50.14  ? 83  HIS A CE1 1 
ATOM   623 N NE2 . HIS A 1 83  ? 2.382   9.189   11.606  1.00 48.23  ? 83  HIS A NE2 1 
ATOM   624 N N   . GLU A 1 84  ? -1.385  7.183   9.358   1.00 45.50  ? 84  GLU A N   1 
ATOM   625 C CA  . GLU A 1 84  ? -1.622  7.177   7.923   1.00 47.21  ? 84  GLU A CA  1 
ATOM   626 C C   . GLU A 1 84  ? -2.302  5.891   7.474   1.00 46.94  ? 84  GLU A C   1 
ATOM   627 O O   . GLU A 1 84  ? -2.337  5.590   6.275   1.00 44.04  ? 84  GLU A O   1 
ATOM   628 C CB  . GLU A 1 84  ? -0.302  7.397   7.183   1.00 47.86  ? 84  GLU A CB  1 
ATOM   629 C CG  . GLU A 1 84  ? 0.232   8.817   7.345   1.00 49.49  ? 84  GLU A CG  1 
ATOM   630 C CD  . GLU A 1 84  ? 1.677   8.981   6.887   1.00 51.99  ? 84  GLU A CD  1 
ATOM   631 O OE1 . GLU A 1 84  ? 2.287   7.993   6.432   1.00 47.51  ? 84  GLU A OE1 1 
ATOM   632 O OE2 . GLU A 1 84  ? 2.212   10.106  6.978   1.00 51.84  ? 84  GLU A OE2 1 
ATOM   633 N N   . ALA A 1 85  ? -2.854  5.129   8.412   1.00 46.47  ? 85  ALA A N   1 
ATOM   634 C CA  . ALA A 1 85  ? -3.570  3.913   8.071   1.00 43.60  ? 85  ALA A CA  1 
ATOM   635 C C   . ALA A 1 85  ? -4.972  3.948   8.678   1.00 46.94  ? 85  ALA A C   1 
ATOM   636 O O   . ALA A 1 85  ? -5.819  4.718   8.216   1.00 43.22  ? 85  ALA A O   1 
ATOM   637 C CB  . ALA A 1 85  ? -2.758  2.696   8.524   1.00 43.86  ? 85  ALA A CB  1 
ATOM   638 N N   . TYR A 1 86  ? -5.240  3.137   9.709   1.00 47.02  ? 86  TYR A N   1 
ATOM   639 C CA  . TYR A 1 86  ? -6.558  3.108   10.344  1.00 45.28  ? 86  TYR A CA  1 
ATOM   640 C C   . TYR A 1 86  ? -6.583  3.762   11.722  1.00 50.05  ? 86  TYR A C   1 
ATOM   641 O O   . TYR A 1 86  ? -7.648  3.807   12.360  1.00 51.91  ? 86  TYR A O   1 
ATOM   642 C CB  . TYR A 1 86  ? -7.062  1.663   10.421  1.00 45.24  ? 86  TYR A CB  1 
ATOM   643 C CG  . TYR A 1 86  ? -7.306  1.103   9.047   1.00 46.52  ? 86  TYR A CG  1 
ATOM   644 C CD1 . TYR A 1 86  ? -8.471  1.411   8.353   1.00 46.64  ? 86  TYR A CD1 1 
ATOM   645 C CD2 . TYR A 1 86  ? -6.352  0.321   8.413   1.00 45.38  ? 86  TYR A CD2 1 
ATOM   646 C CE1 . TYR A 1 86  ? -8.690  0.927   7.063   1.00 45.81  ? 86  TYR A CE1 1 
ATOM   647 C CE2 . TYR A 1 86  ? -6.566  -0.171  7.124   1.00 44.94  ? 86  TYR A CE2 1 
ATOM   648 C CZ  . TYR A 1 86  ? -7.734  0.143   6.457   1.00 45.97  ? 86  TYR A CZ  1 
ATOM   649 O OH  . TYR A 1 86  ? -7.959  -0.333  5.188   1.00 44.73  ? 86  TYR A OH  1 
ATOM   650 N N   . GLY A 1 87  ? -5.455  4.295   12.184  1.00 45.65  ? 87  GLY A N   1 
ATOM   651 C CA  . GLY A 1 87  ? -5.449  5.121   13.372  1.00 50.99  ? 87  GLY A CA  1 
ATOM   652 C C   . GLY A 1 87  ? -5.890  4.346   14.599  1.00 51.70  ? 87  GLY A C   1 
ATOM   653 O O   . GLY A 1 87  ? -5.724  3.118   14.708  1.00 48.82  ? 87  GLY A O   1 
ATOM   654 N N   . SER A 1 88  ? -6.468  5.078   15.549  1.00 53.18  ? 88  SER A N   1 
ATOM   655 C CA  . SER A 1 88  ? -6.887  4.443   16.788  1.00 52.64  ? 88  SER A CA  1 
ATOM   656 C C   . SER A 1 88  ? -8.098  3.546   16.583  1.00 51.70  ? 88  SER A C   1 
ATOM   657 O O   . SER A 1 88  ? -8.291  2.615   17.370  1.00 51.87  ? 88  SER A O   1 
ATOM   658 C CB  . SER A 1 88  ? -7.161  5.510   17.844  1.00 57.96  ? 88  SER A CB  1 
ATOM   659 O OG  . SER A 1 88  ? -8.153  6.402   17.388  1.00 61.43  ? 88  SER A OG  1 
ATOM   660 N N   . ARG A 1 89  ? -8.886  3.771   15.519  1.00 47.88  ? 89  ARG A N   1 
ATOM   661 C CA  . ARG A 1 89  ? -10.011 2.887   15.224  1.00 48.43  ? 89  ARG A CA  1 
ATOM   662 C C   . ARG A 1 89  ? -9.544  1.482   14.867  1.00 50.52  ? 89  ARG A C   1 
ATOM   663 O O   . ARG A 1 89  ? -10.133 0.493   15.317  1.00 49.76  ? 89  ARG A O   1 
ATOM   664 C CB  . ARG A 1 89  ? -10.836 3.447   14.071  1.00 48.63  ? 89  ARG A CB  1 
ATOM   665 C CG  . ARG A 1 89  ? -11.781 4.516   14.457  1.00 51.21  ? 89  ARG A CG  1 
ATOM   666 C CD  . ARG A 1 89  ? -12.213 5.271   13.226  1.00 54.80  ? 89  ARG A CD  1 
ATOM   667 N NE  . ARG A 1 89  ? -12.254 6.693   13.524  1.00 64.73  ? 89  ARG A NE  1 
ATOM   668 C CZ  . ARG A 1 89  ? -13.137 7.542   13.012  1.00 65.02  ? 89  ARG A CZ  1 
ATOM   669 N NH1 . ARG A 1 89  ? -14.052 7.112   12.144  1.00 64.99  ? 89  ARG A NH1 1 
ATOM   670 N NH2 . ARG A 1 89  ? -13.096 8.824   13.360  1.00 69.59  ? 89  ARG A NH2 1 
ATOM   671 N N   . GLY A 1 90  ? -8.510  1.373   14.043  1.00 46.59  ? 90  GLY A N   1 
ATOM   672 C CA  . GLY A 1 90  ? -8.159  0.075   13.510  1.00 44.79  ? 90  GLY A CA  1 
ATOM   673 C C   . GLY A 1 90  ? -9.311  -0.506  12.709  1.00 46.39  ? 90  GLY A C   1 
ATOM   674 O O   . GLY A 1 90  ? -10.163 0.211   12.158  1.00 46.03  ? 90  GLY A O   1 
ATOM   675 N N   . PHE A 1 91  ? -9.339  -1.823  12.641  1.00 45.11  ? 91  PHE A N   1 
ATOM   676 C CA  . PHE A 1 91  ? -10.467 -2.524  12.067  1.00 48.60  ? 91  PHE A CA  1 
ATOM   677 C C   . PHE A 1 91  ? -10.769 -3.692  12.991  1.00 50.19  ? 91  PHE A C   1 
ATOM   678 O O   . PHE A 1 91  ? -9.990  -4.653  13.050  1.00 51.14  ? 91  PHE A O   1 
ATOM   679 C CB  . PHE A 1 91  ? -10.188 -3.001  10.637  1.00 47.18  ? 91  PHE A CB  1 
ATOM   680 C CG  . PHE A 1 91  ? -11.417 -3.532  9.936   1.00 46.67  ? 91  PHE A CG  1 
ATOM   681 C CD1 . PHE A 1 91  ? -12.240 -2.681  9.208   1.00 48.35  ? 91  PHE A CD1 1 
ATOM   682 C CD2 . PHE A 1 91  ? -11.763 -4.871  10.040  1.00 48.71  ? 91  PHE A CD2 1 
ATOM   683 C CE1 . PHE A 1 91  ? -13.374 -3.159  8.571   1.00 47.53  ? 91  PHE A CE1 1 
ATOM   684 C CE2 . PHE A 1 91  ? -12.904 -5.360  9.415   1.00 53.64  ? 91  PHE A CE2 1 
ATOM   685 C CZ  . PHE A 1 91  ? -13.709 -4.503  8.678   1.00 50.39  ? 91  PHE A CZ  1 
ATOM   686 N N   . PRO A 1 92  ? -11.855 -3.613  13.760  1.00 50.04  ? 92  PRO A N   1 
ATOM   687 C CA  . PRO A 1 92  ? -12.147 -4.649  14.761  1.00 50.23  ? 92  PRO A CA  1 
ATOM   688 C C   . PRO A 1 92  ? -12.100 -6.039  14.148  1.00 50.39  ? 92  PRO A C   1 
ATOM   689 O O   . PRO A 1 92  ? -12.631 -6.279  13.059  1.00 52.50  ? 92  PRO A O   1 
ATOM   690 C CB  . PRO A 1 92  ? -13.557 -4.278  15.244  1.00 46.75  ? 92  PRO A CB  1 
ATOM   691 C CG  . PRO A 1 92  ? -13.622 -2.792  15.051  1.00 52.98  ? 92  PRO A CG  1 
ATOM   692 C CD  . PRO A 1 92  ? -12.838 -2.515  13.787  1.00 47.07  ? 92  PRO A CD  1 
ATOM   693 N N   . GLY A 1 93  ? -11.408 -6.944  14.829  1.00 52.54  ? 93  GLY A N   1 
ATOM   694 C CA  . GLY A 1 93  ? -11.212 -8.284  14.338  1.00 53.94  ? 93  GLY A CA  1 
ATOM   695 C C   . GLY A 1 93  ? -9.936  -8.499  13.553  1.00 56.75  ? 93  GLY A C   1 
ATOM   696 O O   . GLY A 1 93  ? -9.465  -9.635  13.473  1.00 61.65  ? 93  GLY A O   1 
ATOM   697 N N   . LEU A 1 94  ? -9.361  -7.450  12.966  1.00 54.20  ? 94  LEU A N   1 
ATOM   698 C CA  . LEU A 1 94  ? -8.236  -7.636  12.055  1.00 53.34  ? 94  LEU A CA  1 
ATOM   699 C C   . LEU A 1 94  ? -7.055  -6.758  12.431  1.00 54.18  ? 94  LEU A C   1 
ATOM   700 O O   . LEU A 1 94  ? -5.915  -7.225  12.468  1.00 55.74  ? 94  LEU A O   1 
ATOM   701 C CB  . LEU A 1 94  ? -8.643  -7.314  10.616  1.00 52.85  ? 94  LEU A CB  1 
ATOM   702 C CG  . LEU A 1 94  ? -9.441  -8.376  9.871   1.00 57.33  ? 94  LEU A CG  1 
ATOM   703 C CD1 . LEU A 1 94  ? -9.811  -7.864  8.496   1.00 51.32  ? 94  LEU A CD1 1 
ATOM   704 C CD2 . LEU A 1 94  ? -8.642  -9.667  9.793   1.00 49.93  ? 94  LEU A CD2 1 
ATOM   705 N N   . ILE A 1 95  ? -7.308  -5.475  12.677  1.00 49.07  ? 95  ILE A N   1 
ATOM   706 C CA  . ILE A 1 95  ? -6.250  -4.492  12.838  1.00 48.56  ? 95  ILE A CA  1 
ATOM   707 C C   . ILE A 1 95  ? -6.418  -3.766  14.161  1.00 47.25  ? 95  ILE A C   1 
ATOM   708 O O   . ILE A 1 95  ? -7.419  -3.071  14.363  1.00 47.01  ? 95  ILE A O   1 
ATOM   709 C CB  . ILE A 1 95  ? -6.221  -3.487  11.673  1.00 47.93  ? 95  ILE A CB  1 
ATOM   710 C CG1 . ILE A 1 95  ? -5.916  -4.231  10.363  1.00 45.63  ? 95  ILE A CG1 1 
ATOM   711 C CG2 . ILE A 1 95  ? -5.194  -2.393  11.924  1.00 43.80  ? 95  ILE A CG2 1 
ATOM   712 C CD1 . ILE A 1 95  ? -6.138  -3.381  9.118   1.00 46.76  ? 95  ILE A CD1 1 
ATOM   713 N N   . PRO A 1 96  ? -5.445  -3.861  15.071  1.00 50.47  ? 96  PRO A N   1 
ATOM   714 C CA  . PRO A 1 96  ? -5.517  -3.177  16.378  1.00 49.78  ? 96  PRO A CA  1 
ATOM   715 C C   . PRO A 1 96  ? -5.419  -1.667  16.247  1.00 51.76  ? 96  PRO A C   1 
ATOM   716 O O   . PRO A 1 96  ? -4.955  -1.148  15.219  1.00 49.61  ? 96  PRO A O   1 
ATOM   717 C CB  . PRO A 1 96  ? -4.284  -3.719  17.123  1.00 51.86  ? 96  PRO A CB  1 
ATOM   718 C CG  . PRO A 1 96  ? -3.747  -4.837  16.295  1.00 52.73  ? 96  PRO A CG  1 
ATOM   719 C CD  . PRO A 1 96  ? -4.210  -4.642  14.905  1.00 51.96  ? 96  PRO A CD  1 
ATOM   720 N N   . PRO A 1 97  ? -5.796  -0.931  17.295  1.00 53.78  ? 97  PRO A N   1 
ATOM   721 C CA  . PRO A 1 97  ? -5.577  0.520   17.297  1.00 52.79  ? 97  PRO A CA  1 
ATOM   722 C C   . PRO A 1 97  ? -4.115  0.882   17.074  1.00 51.49  ? 97  PRO A C   1 
ATOM   723 O O   . PRO A 1 97  ? -3.205  0.177   17.517  1.00 49.91  ? 97  PRO A O   1 
ATOM   724 C CB  . PRO A 1 97  ? -6.050  0.946   18.692  1.00 49.29  ? 97  PRO A CB  1 
ATOM   725 C CG  . PRO A 1 97  ? -7.081  -0.073  19.048  1.00 50.78  ? 97  PRO A CG  1 
ATOM   726 C CD  . PRO A 1 97  ? -6.559  -1.372  18.481  1.00 52.02  ? 97  PRO A CD  1 
ATOM   727 N N   . ASP A 1 98  ? -3.911  1.987   16.347  1.00 54.46  ? 98  ASP A N   1 
ATOM   728 C CA  . ASP A 1 98  ? -2.602  2.601   16.119  1.00 51.21  ? 98  ASP A CA  1 
ATOM   729 C C   . ASP A 1 98  ? -1.593  1.642   15.476  1.00 51.55  ? 98  ASP A C   1 
ATOM   730 O O   . ASP A 1 98  ? -0.388  1.744   15.713  1.00 52.73  ? 98  ASP A O   1 
ATOM   731 C CB  . ASP A 1 98  ? -2.044  3.177   17.427  1.00 55.27  ? 98  ASP A CB  1 
ATOM   732 C CG  . ASP A 1 98  ? -3.000  4.168   18.089  1.00 55.41  ? 98  ASP A CG  1 
ATOM   733 O OD1 . ASP A 1 98  ? -3.500  5.091   17.401  1.00 56.78  ? 98  ASP A OD1 1 
ATOM   734 O OD2 . ASP A 1 98  ? -3.254  4.028   19.305  1.00 60.21  ? 98  ASP A OD2 1 
ATOM   735 N N   . ALA A 1 99  ? -2.048  0.729   14.621  1.00 47.61  ? 99  ALA A N   1 
ATOM   736 C CA  . ALA A 1 99  ? -1.180  -0.320  14.099  1.00 49.04  ? 99  ALA A CA  1 
ATOM   737 C C   . ALA A 1 99  ? -0.349  0.172   12.912  1.00 48.51  ? 99  ALA A C   1 
ATOM   738 O O   . ALA A 1 99  ? -0.881  0.777   11.973  1.00 48.29  ? 99  ALA A O   1 
ATOM   739 C CB  . ALA A 1 99  ? -2.009  -1.538  13.692  1.00 47.76  ? 99  ALA A CB  1 
ATOM   740 N N   . THR A 1 100 ? 0.957   -0.092  12.955  1.00 50.69  ? 100 THR A N   1 
ATOM   741 C CA  . THR A 1 100 ? 1.786   0.046   11.765  1.00 50.31  ? 100 THR A CA  1 
ATOM   742 C C   . THR A 1 100 ? 1.492   -1.120  10.825  1.00 49.64  ? 100 THR A C   1 
ATOM   743 O O   . THR A 1 100 ? 1.430   -2.276  11.259  1.00 49.57  ? 100 THR A O   1 
ATOM   744 C CB  . THR A 1 100 ? 3.265   0.075   12.153  1.00 53.22  ? 100 THR A CB  1 
ATOM   745 O OG1 . THR A 1 100 ? 3.507   1.217   12.982  1.00 52.37  ? 100 THR A OG1 1 
ATOM   746 C CG2 . THR A 1 100 ? 4.151   0.149   10.922  1.00 49.19  ? 100 THR A CG2 1 
ATOM   747 N N   . LEU A 1 101 ? 1.249   -0.814  9.553   1.00 46.05  ? 101 LEU A N   1 
ATOM   748 C CA  . LEU A 1 101 ? 0.896   -1.813  8.556   1.00 44.40  ? 101 LEU A CA  1 
ATOM   749 C C   . LEU A 1 101 ? 2.042   -1.966  7.570   1.00 46.75  ? 101 LEU A C   1 
ATOM   750 O O   . LEU A 1 101 ? 2.711   -0.989  7.235   1.00 44.90  ? 101 LEU A O   1 
ATOM   751 C CB  . LEU A 1 101 ? -0.378  -1.428  7.793   1.00 43.22  ? 101 LEU A CB  1 
ATOM   752 C CG  . LEU A 1 101 ? -1.595  -1.056  8.636   1.00 46.93  ? 101 LEU A CG  1 
ATOM   753 C CD1 . LEU A 1 101 ? -2.797  -0.837  7.739   1.00 43.25  ? 101 LEU A CD1 1 
ATOM   754 C CD2 . LEU A 1 101 ? -1.882  -2.144  9.679   1.00 43.15  ? 101 LEU A CD2 1 
ATOM   755 N N   . ILE A 1 102 ? 2.255   -3.193  7.099   1.00 44.93  ? 102 ILE A N   1 
ATOM   756 C CA  . ILE A 1 102 ? 3.272   -3.503  6.101   1.00 45.68  ? 102 ILE A CA  1 
ATOM   757 C C   . ILE A 1 102 ? 2.566   -3.999  4.851   1.00 45.15  ? 102 ILE A C   1 
ATOM   758 O O   . ILE A 1 102 ? 1.850   -5.009  4.902   1.00 46.45  ? 102 ILE A O   1 
ATOM   759 C CB  . ILE A 1 102 ? 4.258   -4.568  6.595   1.00 46.11  ? 102 ILE A CB  1 
ATOM   760 C CG1 . ILE A 1 102 ? 4.865   -4.162  7.936   1.00 48.98  ? 102 ILE A CG1 1 
ATOM   761 C CG2 . ILE A 1 102 ? 5.338   -4.808  5.537   1.00 45.77  ? 102 ILE A CG2 1 
ATOM   762 C CD1 . ILE A 1 102 ? 5.857   -3.081  7.802   1.00 52.60  ? 102 ILE A CD1 1 
ATOM   763 N N   . PHE A 1 103 ? 2.789   -3.324  3.723   1.00 43.23  ? 103 PHE A N   1 
ATOM   764 C CA  . PHE A 1 103 ? 2.186   -3.729  2.456   1.00 41.33  ? 103 PHE A CA  1 
ATOM   765 C C   . PHE A 1 103 ? 3.276   -4.078  1.453   1.00 42.66  ? 103 PHE A C   1 
ATOM   766 O O   . PHE A 1 103 ? 4.140   -3.251  1.149   1.00 42.77  ? 103 PHE A O   1 
ATOM   767 C CB  . PHE A 1 103 ? 1.291   -2.633  1.880   1.00 44.33  ? 103 PHE A CB  1 
ATOM   768 C CG  . PHE A 1 103 ? -0.061  -2.535  2.528   1.00 38.91  ? 103 PHE A CG  1 
ATOM   769 C CD1 . PHE A 1 103 ? -1.106  -3.334  2.103   1.00 40.18  ? 103 PHE A CD1 1 
ATOM   770 C CD2 . PHE A 1 103 ? -0.291  -1.617  3.548   1.00 42.70  ? 103 PHE A CD2 1 
ATOM   771 C CE1 . PHE A 1 103 ? -2.364  -3.225  2.678   1.00 44.80  ? 103 PHE A CE1 1 
ATOM   772 C CE2 . PHE A 1 103 ? -1.546  -1.498  4.134   1.00 42.29  ? 103 PHE A CE2 1 
ATOM   773 C CZ  . PHE A 1 103 ? -2.587  -2.303  3.704   1.00 43.93  ? 103 PHE A CZ  1 
ATOM   774 N N   A ASP A 1 104 ? 3.219   -5.293  0.918   0.52 43.75  ? 104 ASP A N   1 
ATOM   775 N N   B ASP A 1 104 ? 3.250   -5.309  0.960   0.48 43.62  ? 104 ASP A N   1 
ATOM   776 C CA  A ASP A 1 104 ? 4.026   -5.660  -0.239  0.52 45.62  ? 104 ASP A CA  1 
ATOM   777 C CA  B ASP A 1 104 ? 4.002   -5.668  -0.232  0.48 45.29  ? 104 ASP A CA  1 
ATOM   778 C C   A ASP A 1 104 ? 3.178   -5.414  -1.482  0.52 46.07  ? 104 ASP A C   1 
ATOM   779 C C   B ASP A 1 104 ? 3.114   -5.332  -1.424  0.48 45.98  ? 104 ASP A C   1 
ATOM   780 O O   A ASP A 1 104 ? 2.162   -6.086  -1.690  0.52 44.60  ? 104 ASP A O   1 
ATOM   781 O O   B ASP A 1 104 ? 1.993   -5.840  -1.517  0.48 44.30  ? 104 ASP A O   1 
ATOM   782 C CB  A ASP A 1 104 ? 4.487   -7.112  -0.141  0.52 45.87  ? 104 ASP A CB  1 
ATOM   783 C CB  B ASP A 1 104 ? 4.381   -7.150  -0.205  0.48 46.80  ? 104 ASP A CB  1 
ATOM   784 C CG  A ASP A 1 104 ? 5.603   -7.297  0.873   0.52 47.62  ? 104 ASP A CG  1 
ATOM   785 C CG  B ASP A 1 104 ? 5.287   -7.551  -1.360  0.48 49.10  ? 104 ASP A CG  1 
ATOM   786 O OD1 A ASP A 1 104 ? 6.762   -6.929  0.573   0.52 48.99  ? 104 ASP A OD1 1 
ATOM   787 O OD1 B ASP A 1 104 ? 6.279   -6.837  -1.648  0.48 51.83  ? 104 ASP A OD1 1 
ATOM   788 O OD2 A ASP A 1 104 ? 5.315   -7.793  1.984   0.52 51.96  ? 104 ASP A OD2 1 
ATOM   789 O OD2 B ASP A 1 104 ? 5.008   -8.599  -1.979  0.48 54.08  ? 104 ASP A OD2 1 
ATOM   790 N N   . VAL A 1 105 ? 3.574   -4.439  -2.301  1.00 44.31  ? 105 VAL A N   1 
ATOM   791 C CA  . VAL A 1 105 ? 2.753   -3.988  -3.428  1.00 42.95  ? 105 VAL A CA  1 
ATOM   792 C C   . VAL A 1 105 ? 3.516   -4.134  -4.740  1.00 44.17  ? 105 VAL A C   1 
ATOM   793 O O   . VAL A 1 105 ? 4.727   -3.891  -4.810  1.00 46.35  ? 105 VAL A O   1 
ATOM   794 C CB  . VAL A 1 105 ? 2.269   -2.531  -3.254  1.00 38.73  ? 105 VAL A CB  1 
ATOM   795 C CG1 . VAL A 1 105 ? 1.796   -2.285  -1.847  1.00 44.17  ? 105 VAL A CG1 1 
ATOM   796 C CG2 . VAL A 1 105 ? 3.362   -1.589  -3.586  1.00 49.35  ? 105 VAL A CG2 1 
ATOM   797 N N   . GLU A 1 106 ? 2.794   -4.538  -5.777  1.00 40.82  ? 106 GLU A N   1 
ATOM   798 C CA  . GLU A 1 106 ? 3.297   -4.593  -7.142  1.00 43.31  ? 106 GLU A CA  1 
ATOM   799 C C   . GLU A 1 106 ? 2.367   -3.758  -8.007  1.00 40.49  ? 106 GLU A C   1 
ATOM   800 O O   . GLU A 1 106 ? 1.163   -4.028  -8.060  1.00 43.18  ? 106 GLU A O   1 
ATOM   801 C CB  . GLU A 1 106 ? 3.360   -6.034  -7.664  1.00 43.61  ? 106 GLU A CB  1 
ATOM   802 C CG  . GLU A 1 106 ? 4.137   -6.167  -8.980  1.00 46.07  ? 106 GLU A CG  1 
ATOM   803 C CD  . GLU A 1 106 ? 4.207   -7.598  -9.504  1.00 54.05  ? 106 GLU A CD  1 
ATOM   804 O OE1 . GLU A 1 106 ? 4.942   -7.842  -10.491 1.00 50.73  ? 106 GLU A OE1 1 
ATOM   805 O OE2 . GLU A 1 106 ? 3.512   -8.472  -8.942  1.00 53.08  ? 106 GLU A OE2 1 
ATOM   806 N N   . LEU A 1 107 ? 2.917   -2.734  -8.665  1.00 38.86  ? 107 LEU A N   1 
ATOM   807 C CA  . LEU A 1 107 ? 2.140   -1.875  -9.558  1.00 38.61  ? 107 LEU A CA  1 
ATOM   808 C C   . LEU A 1 107 ? 2.106   -2.503  -10.949 1.00 34.83  ? 107 LEU A C   1 
ATOM   809 O O   . LEU A 1 107 ? 3.142   -2.595  -11.622 1.00 38.35  ? 107 LEU A O   1 
ATOM   810 C CB  . LEU A 1 107 ? 2.732   -0.460  -9.615  1.00 38.72  ? 107 LEU A CB  1 
ATOM   811 C CG  . LEU A 1 107 ? 1.991   0.505   -10.568 1.00 35.23  ? 107 LEU A CG  1 
ATOM   812 C CD1 . LEU A 1 107 ? 0.544   0.768   -10.109 1.00 33.16  ? 107 LEU A CD1 1 
ATOM   813 C CD2 . LEU A 1 107 ? 2.801   1.815   -10.725 1.00 37.33  ? 107 LEU A CD2 1 
ATOM   814 N N   . LEU A 1 108 ? 0.910   -2.929  -11.379 1.00 35.83  ? 108 LEU A N   1 
ATOM   815 C CA  . LEU A 1 108 ? 0.720   -3.558  -12.678 1.00 38.96  ? 108 LEU A CA  1 
ATOM   816 C C   . LEU A 1 108 ? 0.157   -2.619  -13.730 1.00 41.84  ? 108 LEU A C   1 
ATOM   817 O O   . LEU A 1 108 ? 0.300   -2.911  -14.923 1.00 39.02  ? 108 LEU A O   1 
ATOM   818 C CB  . LEU A 1 108 ? -0.221  -4.775  -12.564 1.00 39.02  ? 108 LEU A CB  1 
ATOM   819 C CG  . LEU A 1 108 ? 0.282   -5.881  -11.619 1.00 42.73  ? 108 LEU A CG  1 
ATOM   820 C CD1 . LEU A 1 108 ? -0.746  -7.022  -11.519 1.00 45.03  ? 108 LEU A CD1 1 
ATOM   821 C CD2 . LEU A 1 108 ? 1.641   -6.428  -12.075 1.00 42.50  ? 108 LEU A CD2 1 
ATOM   822 N N   . GLY A 1 109 ? -0.494  -1.522  -13.348 1.00 40.23  ? 109 GLY A N   1 
ATOM   823 C CA  . GLY A 1 109 ? -1.014  -0.644  -14.382 1.00 43.54  ? 109 GLY A CA  1 
ATOM   824 C C   . GLY A 1 109 ? -1.423  0.711   -13.860 1.00 41.87  ? 109 GLY A C   1 
ATOM   825 O O   . GLY A 1 109 ? -1.815  0.861   -12.699 1.00 37.19  ? 109 GLY A O   1 
ATOM   826 N N   . VAL A 1 110 ? -1.338  1.707   -14.737 1.00 43.36  ? 110 VAL A N   1 
ATOM   827 C CA  . VAL A 1 110 ? -1.789  3.065   -14.436 1.00 39.70  ? 110 VAL A CA  1 
ATOM   828 C C   . VAL A 1 110 ? -2.780  3.476   -15.520 1.00 41.60  ? 110 VAL A C   1 
ATOM   829 O O   . VAL A 1 110 ? -2.488  3.365   -16.714 1.00 40.67  ? 110 VAL A O   1 
ATOM   830 C CB  . VAL A 1 110 ? -0.608  4.056   -14.366 1.00 41.56  ? 110 VAL A CB  1 
ATOM   831 C CG1 . VAL A 1 110 ? -1.126  5.502   -14.306 1.00 44.31  ? 110 VAL A CG1 1 
ATOM   832 C CG2 . VAL A 1 110 ? 0.287   3.785   -13.153 1.00 34.93  ? 110 VAL A CG2 1 
ATOM   833 N N   . ASN A 1 111 ? -3.947  3.945   -15.112 1.00 40.34  ? 111 ASN A N   1 
ATOM   834 C CA  . ASN A 1 111 ? -4.766  4.709   -16.041 1.00 52.15  ? 111 ASN A CA  1 
ATOM   835 C C   . ASN A 1 111 ? -5.123  6.145   -15.588 1.00 45.11  ? 111 ASN A C   1 
ATOM   836 O O   . ASN A 1 111 ? -6.027  6.376   -14.791 1.00 41.70  ? 111 ASN A O   1 
ATOM   837 C CB  . ASN A 1 111 ? -5.979  3.893   -16.300 1.00 53.86  ? 111 ASN A CB  1 
ATOM   838 C CG  . ASN A 1 111 ? -5.655  2.694   -17.091 1.00 47.06  ? 111 ASN A CG  1 
ATOM   839 O OD1 . ASN A 1 111 ? -5.176  1.668   -16.570 1.00 46.93  ? 111 ASN A OD1 1 
ATOM   840 N ND2 . ASN A 1 111 ? -5.835  2.819   -18.374 1.00 45.77  ? 111 ASN A ND2 1 
ATOM   841 O OXT . ASN A 1 111 ? -4.478  7.129   -15.974 1.00 47.79  ? 111 ASN A OXT 1 
HETATM 842 S S   . SO4 B 2 .   ? -7.829  8.287   14.296  1.00 117.71 ? 201 SO4 A S   1 
HETATM 843 O O1  . SO4 B 2 .   ? -8.621  9.137   15.198  1.00 102.63 ? 201 SO4 A O1  1 
HETATM 844 O O2  . SO4 B 2 .   ? -6.633  7.822   15.021  1.00 78.63  ? 201 SO4 A O2  1 
HETATM 845 O O3  . SO4 B 2 .   ? -7.367  9.084   13.150  1.00 103.45 ? 201 SO4 A O3  1 
HETATM 846 O O4  . SO4 B 2 .   ? -8.673  7.158   13.833  1.00 79.66  ? 201 SO4 A O4  1 
HETATM 847 O O   . HOH C 3 .   ? -8.927  -9.715  5.271   1.00 60.21  ? 301 HOH A O   1 
HETATM 848 O O   . HOH C 3 .   ? -6.733  4.238   -20.125 1.00 50.30  ? 302 HOH A O   1 
HETATM 849 O O   . HOH C 3 .   ? 2.006   -9.288  -2.717  1.00 51.33  ? 303 HOH A O   1 
HETATM 850 O O   . HOH C 3 .   ? -5.037  0.982   13.525  1.00 46.73  ? 304 HOH A O   1 
HETATM 851 O O   . HOH C 3 .   ? 1.286   -3.693  13.405  1.00 54.19  ? 305 HOH A O   1 
HETATM 852 O O   . HOH C 3 .   ? -7.024  7.727   -3.302  1.00 43.22  ? 306 HOH A O   1 
HETATM 853 O O   . HOH C 3 .   ? -12.643 0.982   12.373  1.00 48.73  ? 307 HOH A O   1 
HETATM 854 O O   . HOH C 3 .   ? 13.204  3.622   -17.774 1.00 45.75  ? 308 HOH A O   1 
HETATM 855 O O   . HOH C 3 .   ? 6.196   9.521   3.931   1.00 59.48  ? 309 HOH A O   1 
HETATM 856 O O   . HOH C 3 .   ? -4.033  8.352   14.749  1.00 57.55  ? 310 HOH A O   1 
HETATM 857 O O   . HOH C 3 .   ? -9.976  10.479  -11.415 1.00 58.29  ? 311 HOH A O   1 
HETATM 858 O O   . HOH C 3 .   ? 12.284  0.667   -18.889 1.00 56.17  ? 312 HOH A O   1 
HETATM 859 O O   . HOH C 3 .   ? -0.016  -13.216 -7.364  1.00 59.07  ? 313 HOH A O   1 
HETATM 860 O O   . HOH C 3 .   ? 1.646   3.027   14.073  1.00 52.48  ? 314 HOH A O   1 
HETATM 861 O O   . HOH C 3 .   ? -2.635  5.931   14.991  1.00 50.79  ? 315 HOH A O   1 
HETATM 862 O O   . HOH C 3 .   ? -6.035  -1.745  3.923   1.00 53.74  ? 316 HOH A O   1 
HETATM 863 O O   . HOH C 3 .   ? -8.509  -7.795  -5.457  1.00 49.44  ? 317 HOH A O   1 
HETATM 864 O O   . HOH C 3 .   ? -10.647 -6.611  -6.475  1.00 59.54  ? 318 HOH A O   1 
HETATM 865 O O   . HOH C 3 .   ? 0.689   -14.635 1.829   1.00 64.38  ? 319 HOH A O   1 
HETATM 866 O O   . HOH C 3 .   ? 9.189   -2.508  7.461   1.00 54.41  ? 320 HOH A O   1 
HETATM 867 O O   . HOH C 3 .   ? -12.629 0.322   16.402  1.00 50.50  ? 321 HOH A O   1 
HETATM 868 O O   . HOH C 3 .   ? -5.583  11.267  -13.294 1.00 54.46  ? 322 HOH A O   1 
HETATM 869 O O   . HOH C 3 .   ? 6.669   1.856   -20.223 1.00 56.64  ? 323 HOH A O   1 
HETATM 870 O O   . HOH C 3 .   ? 12.592  2.956   2.952   1.00 49.51  ? 324 HOH A O   1 
HETATM 871 O O   . HOH C 3 .   ? 16.213  -2.574  -0.896  1.00 55.98  ? 325 HOH A O   1 
HETATM 872 O O   . HOH C 3 .   ? 2.842   -7.911  -3.986  1.00 58.92  ? 326 HOH A O   1 
HETATM 873 O O   . HOH C 3 .   ? 9.038   0.026   3.886   1.00 44.72  ? 327 HOH A O   1 
HETATM 874 O O   . HOH C 3 .   ? 10.754  3.419   -10.471 1.00 53.76  ? 328 HOH A O   1 
HETATM 875 O O   . HOH C 3 .   ? -4.664  0.702   -13.997 1.00 40.29  ? 329 HOH A O   1 
HETATM 876 O O   . HOH C 3 .   ? -5.554  6.743   6.139   1.00 45.69  ? 330 HOH A O   1 
HETATM 877 O O   . HOH C 3 .   ? -7.374  -4.125  3.757   1.00 54.44  ? 331 HOH A O   1 
HETATM 878 O O   . HOH C 3 .   ? 3.748   11.087  -2.455  1.00 48.87  ? 332 HOH A O   1 
HETATM 879 O O   . HOH C 3 .   ? 2.058   -6.467  15.056  1.00 56.97  ? 333 HOH A O   1 
HETATM 880 O O   . HOH C 3 .   ? 3.162   -7.675  3.799   1.00 45.03  ? 334 HOH A O   1 
HETATM 881 O O   . HOH C 3 .   ? 1.850   -5.090  -15.814 0.50 44.32  ? 335 HOH A O   1 
HETATM 882 O O   . HOH C 3 .   ? 10.759  5.583   -8.392  0.50 54.65  ? 336 HOH A O   1 
HETATM 883 O O   . HOH C 3 .   ? -3.578  1.219   11.147  1.00 41.41  ? 337 HOH A O   1 
HETATM 884 O O   . HOH C 3 .   ? -5.822  8.986   1.819   1.00 52.00  ? 338 HOH A O   1 
HETATM 885 O O   . HOH C 3 .   ? 6.404   9.825   -16.864 1.00 51.48  ? 339 HOH A O   1 
HETATM 886 O O   . HOH C 3 .   ? -4.611  12.049  -0.158  1.00 59.08  ? 340 HOH A O   1 
HETATM 887 O O   . HOH C 3 .   ? -1.353  11.675  9.497   1.00 68.89  ? 341 HOH A O   1 
HETATM 888 O O   . HOH C 3 .   ? 15.994  0.877   -6.328  1.00 56.63  ? 342 HOH A O   1 
HETATM 889 O O   . HOH C 3 .   ? 0.421   13.511  -8.772  1.00 46.83  ? 343 HOH A O   1 
HETATM 890 O O   . HOH C 3 .   ? -9.533  -11.362 0.594   1.00 60.16  ? 344 HOH A O   1 
HETATM 891 O O   . HOH C 3 .   ? -9.376  -2.207  16.366  1.00 58.34  ? 345 HOH A O   1 
HETATM 892 O O   . HOH C 3 .   ? -0.155  0.990   -17.326 1.00 41.36  ? 346 HOH A O   1 
HETATM 893 O O   . HOH C 3 .   ? -10.611 -3.940  -7.282  1.00 45.72  ? 347 HOH A O   1 
HETATM 894 O O   . HOH C 3 .   ? -5.622  5.006   20.772  1.00 58.55  ? 348 HOH A O   1 
HETATM 895 O O   . HOH C 3 .   ? 0.009   -13.229 -0.353  1.00 58.44  ? 349 HOH A O   1 
HETATM 896 O O   . HOH C 3 .   ? -0.691  5.043   -18.374 1.00 58.10  ? 350 HOH A O   1 
HETATM 897 O O   . HOH C 3 .   ? 9.431   8.066   5.636   1.00 55.51  ? 351 HOH A O   1 
HETATM 898 O O   . HOH C 3 .   ? -9.824  -14.853 -9.215  1.00 57.90  ? 352 HOH A O   1 
HETATM 899 O O   . HOH C 3 .   ? -9.856  4.801   10.517  1.00 53.95  ? 353 HOH A O   1 
HETATM 900 O O   . HOH C 3 .   ? 5.938   -1.770  -18.083 1.00 56.73  ? 354 HOH A O   1 
HETATM 901 O O   . HOH C 3 .   ? 1.554   -10.505 -10.111 1.00 53.96  ? 355 HOH A O   1 
HETATM 902 O O   . HOH C 3 .   ? -2.814  7.313   -18.537 1.00 56.23  ? 356 HOH A O   1 
HETATM 903 O O   . HOH C 3 .   ? -2.980  15.033  -11.552 1.00 58.40  ? 357 HOH A O   1 
HETATM 904 O O   . HOH C 3 .   ? -11.464 4.182   -5.941  1.00 58.11  ? 358 HOH A O   1 
HETATM 905 O O   . HOH C 3 .   ? -0.636  12.674  -0.644  1.00 69.08  ? 359 HOH A O   1 
HETATM 906 O O   . HOH C 3 .   ? 2.399   -1.618  15.431  1.00 57.13  ? 360 HOH A O   1 
HETATM 907 O O   . HOH C 3 .   ? 9.529   8.346   8.551   1.00 62.79  ? 361 HOH A O   1 
HETATM 908 O O   . HOH C 3 .   ? -7.838  1.559   1.705   1.00 49.42  ? 362 HOH A O   1 
HETATM 909 O O   . HOH C 3 .   ? 8.761   -3.190  10.461  1.00 63.53  ? 363 HOH A O   1 
HETATM 910 O O   . HOH C 3 .   ? 16.051  -2.049  -5.790  1.00 58.16  ? 364 HOH A O   1 
HETATM 911 O O   . HOH C 3 .   ? 4.194   9.079   -15.876 1.00 48.27  ? 365 HOH A O   1 
HETATM 912 O O   . HOH C 3 .   ? 11.568  0.779   4.714   1.00 55.26  ? 366 HOH A O   1 
HETATM 913 O O   . HOH C 3 .   ? 5.592   12.798  -1.369  1.00 50.75  ? 367 HOH A O   1 
HETATM 914 O O   . HOH C 3 .   ? -2.286  0.341   -18.352 1.00 57.04  ? 368 HOH A O   1 
HETATM 915 O O   . HOH C 3 .   ? 6.204   7.492   -20.409 1.00 63.61  ? 369 HOH A O   1 
HETATM 916 O O   . HOH C 3 .   ? 4.963   -8.210  -14.013 1.00 60.52  ? 370 HOH A O   1 
HETATM 917 O O   . HOH C 3 .   ? 3.885   10.782  -14.197 1.00 56.15  ? 371 HOH A O   1 
HETATM 918 O O   . HOH C 3 .   ? -2.235  12.894  -2.142  1.00 61.05  ? 372 HOH A O   1 
HETATM 919 O O   . HOH C 3 .   ? -12.014 -6.875  -4.443  1.00 59.95  ? 373 HOH A O   1 
HETATM 920 O O   . HOH C 3 .   ? -5.993  -0.009  1.870   1.00 52.79  ? 374 HOH A O   1 
HETATM 921 O O   . HOH C 3 .   ? 4.009   -5.250  -14.733 1.00 48.25  ? 375 HOH A O   1 
HETATM 922 O O   . HOH C 3 .   ? 6.394   -4.010  -16.611 1.00 57.07  ? 376 HOH A O   1 
HETATM 923 O O   . HOH C 3 .   ? 1.457   12.868  -1.219  1.00 58.25  ? 377 HOH A O   1 
HETATM 924 O O   . HOH C 3 .   ? 2.360   0.654   -18.643 1.00 55.93  ? 378 HOH A O   1 
# 
loop_
_pdbx_poly_seq_scheme.asym_id 
_pdbx_poly_seq_scheme.entity_id 
_pdbx_poly_seq_scheme.seq_id 
_pdbx_poly_seq_scheme.mon_id 
_pdbx_poly_seq_scheme.ndb_seq_num 
_pdbx_poly_seq_scheme.pdb_seq_num 
_pdbx_poly_seq_scheme.auth_seq_num 
_pdbx_poly_seq_scheme.pdb_mon_id 
_pdbx_poly_seq_scheme.auth_mon_id 
_pdbx_poly_seq_scheme.pdb_strand_id 
_pdbx_poly_seq_scheme.pdb_ins_code 
_pdbx_poly_seq_scheme.hetero 
A 1 1   MET 1   1   1   MET MET A . n 
A 1 2   ALA 2   2   2   ALA ALA A . n 
A 1 3   PRO 3   3   3   PRO PRO A . n 
A 1 4   ASN 4   4   4   ASN ASN A . n 
A 1 5   THR 5   5   5   THR THR A . n 
A 1 6   THR 6   6   6   THR THR A . n 
A 1 7   GLU 7   7   7   GLU GLU A . n 
A 1 8   VAL 8   8   8   VAL VAL A . n 
A 1 9   GLU 9   9   9   GLU GLU A . n 
A 1 10  ILE 10  10  10  ILE ILE A . n 
A 1 11  ILE 11  11  11  ILE ILE A . n 
A 1 12  SER 12  12  12  SER SER A . n 
A 1 13  GLU 13  13  13  GLU GLU A . n 
A 1 14  GLY 14  14  14  GLY GLY A . n 
A 1 15  ASP 15  15  15  ASP ASP A . n 
A 1 16  GLY 16  16  16  GLY GLY A . n 
A 1 17  LYS 17  17  17  LYS LYS A . n 
A 1 18  VAL 18  18  18  VAL VAL A . n 
A 1 19  PHE 19  19  19  PHE PHE A . n 
A 1 20  PRO 20  20  20  PRO PRO A . n 
A 1 21  LYS 21  21  21  LYS LYS A . n 
A 1 22  VAL 22  22  22  VAL VAL A . n 
A 1 23  GLY 23  23  23  GLY GLY A . n 
A 1 24  ASP 24  24  24  ASP ASP A . n 
A 1 25  THR 25  25  25  THR THR A . n 
A 1 26  VAL 26  26  26  VAL VAL A . n 
A 1 27  THR 27  27  27  THR THR A . n 
A 1 28  ILE 28  28  28  ILE ILE A . n 
A 1 29  HIS 29  29  29  HIS HIS A . n 
A 1 30  TYR 30  30  30  TYR TYR A . n 
A 1 31  THR 31  31  31  THR THR A . n 
A 1 32  GLY 32  32  32  GLY GLY A . n 
A 1 33  THR 33  33  33  THR THR A . n 
A 1 34  LEU 34  34  34  LEU LEU A . n 
A 1 35  GLU 35  35  35  GLU GLU A . n 
A 1 36  ASN 36  36  36  ASN ASN A . n 
A 1 37  GLY 37  37  37  GLY GLY A . n 
A 1 38  LYS 38  38  38  LYS LYS A . n 
A 1 39  LYS 39  39  39  LYS LYS A . n 
A 1 40  PHE 40  40  40  PHE PHE A . n 
A 1 41  ASP 41  41  41  ASP ASP A . n 
A 1 42  SER 42  42  42  SER SER A . n 
A 1 43  SER 43  43  43  SER SER A . n 
A 1 44  ARG 44  44  44  ARG ARG A . n 
A 1 45  ASP 45  45  45  ASP ASP A . n 
A 1 46  ARG 46  46  46  ARG ARG A . n 
A 1 47  GLY 47  47  47  GLY GLY A . n 
A 1 48  LYS 48  48  48  LYS LYS A . n 
A 1 49  PRO 49  49  49  PRO PRO A . n 
A 1 50  PHE 50  50  50  PHE PHE A . n 
A 1 51  GLN 51  51  51  GLN GLN A . n 
A 1 52  CYS 52  52  52  CYS CYS A . n 
A 1 53  THR 53  53  53  THR THR A . n 
A 1 54  ILE 54  54  54  ILE ILE A . n 
A 1 55  GLY 55  55  55  GLY GLY A . n 
A 1 56  VAL 56  56  56  VAL VAL A . n 
A 1 57  GLY 57  57  57  GLY GLY A . n 
A 1 58  HIS 58  58  58  HIS HIS A . n 
A 1 59  VAL 59  59  59  VAL VAL A . n 
A 1 60  ILE 60  60  60  ILE ILE A . n 
A 1 61  LYS 61  61  61  LYS LYS A . n 
A 1 62  GLY 62  62  62  GLY GLY A . n 
A 1 63  TRP 63  63  63  TRP TRP A . n 
A 1 64  ASP 64  64  64  ASP ASP A . n 
A 1 65  ILE 65  65  65  ILE ILE A . n 
A 1 66  GLY 66  66  66  GLY GLY A . n 
A 1 67  ILE 67  67  67  ILE ILE A . n 
A 1 68  PRO 68  68  68  PRO PRO A . n 
A 1 69  LYS 69  69  69  LYS LYS A . n 
A 1 70  LEU 70  70  70  LEU LEU A . n 
A 1 71  SER 71  71  71  SER SER A . n 
A 1 72  VAL 72  72  72  VAL VAL A . n 
A 1 73  GLY 73  73  73  GLY GLY A . n 
A 1 74  SER 74  74  74  SER SER A . n 
A 1 75  GLN 75  75  75  GLN GLN A . n 
A 1 76  ALA 76  76  76  ALA ALA A . n 
A 1 77  LYS 77  77  77  LYS LYS A . n 
A 1 78  LEU 78  78  78  LEU LEU A . n 
A 1 79  THR 79  79  79  THR THR A . n 
A 1 80  ILE 80  80  80  ILE ILE A . n 
A 1 81  PRO 81  81  81  PRO PRO A . n 
A 1 82  GLY 82  82  82  GLY GLY A . n 
A 1 83  HIS 83  83  83  HIS HIS A . n 
A 1 84  GLU 84  84  84  GLU GLU A . n 
A 1 85  ALA 85  85  85  ALA ALA A . n 
A 1 86  TYR 86  86  86  TYR TYR A . n 
A 1 87  GLY 87  87  87  GLY GLY A . n 
A 1 88  SER 88  88  88  SER SER A . n 
A 1 89  ARG 89  89  89  ARG ARG A . n 
A 1 90  GLY 90  90  90  GLY GLY A . n 
A 1 91  PHE 91  91  91  PHE PHE A . n 
A 1 92  PRO 92  92  92  PRO PRO A . n 
A 1 93  GLY 93  93  93  GLY GLY A . n 
A 1 94  LEU 94  94  94  LEU LEU A . n 
A 1 95  ILE 95  95  95  ILE ILE A . n 
A 1 96  PRO 96  96  96  PRO PRO A . n 
A 1 97  PRO 97  97  97  PRO PRO A . n 
A 1 98  ASP 98  98  98  ASP ASP A . n 
A 1 99  ALA 99  99  99  ALA ALA A . n 
A 1 100 THR 100 100 100 THR THR A . n 
A 1 101 LEU 101 101 101 LEU LEU A . n 
A 1 102 ILE 102 102 102 ILE ILE A . n 
A 1 103 PHE 103 103 103 PHE PHE A . n 
A 1 104 ASP 104 104 104 ASP ASP A . n 
A 1 105 VAL 105 105 105 VAL VAL A . n 
A 1 106 GLU 106 106 106 GLU GLU A . n 
A 1 107 LEU 107 107 107 LEU LEU A . n 
A 1 108 LEU 108 108 108 LEU LEU A . n 
A 1 109 GLY 109 109 109 GLY GLY A . n 
A 1 110 VAL 110 110 110 VAL VAL A . n 
A 1 111 ASN 111 111 111 ASN ASN A . n 
# 
loop_
_pdbx_nonpoly_scheme.asym_id 
_pdbx_nonpoly_scheme.entity_id 
_pdbx_nonpoly_scheme.mon_id 
_pdbx_nonpoly_scheme.ndb_seq_num 
_pdbx_nonpoly_scheme.pdb_seq_num 
_pdbx_nonpoly_scheme.auth_seq_num 
_pdbx_nonpoly_scheme.pdb_mon_id 
_pdbx_nonpoly_scheme.auth_mon_id 
_pdbx_nonpoly_scheme.pdb_strand_id 
_pdbx_nonpoly_scheme.pdb_ins_code 
B 2 SO4 1  201 1  SO4 SO4 A . 
C 3 HOH 1  301 69 HOH HOH A . 
C 3 HOH 2  302 13 HOH HOH A . 
C 3 HOH 3  303 35 HOH HOH A . 
C 3 HOH 4  304 50 HOH HOH A . 
C 3 HOH 5  305 9  HOH HOH A . 
C 3 HOH 6  306 48 HOH HOH A . 
C 3 HOH 7  307 12 HOH HOH A . 
C 3 HOH 8  308 5  HOH HOH A . 
C 3 HOH 9  309 66 HOH HOH A . 
C 3 HOH 10 310 38 HOH HOH A . 
C 3 HOH 11 311 32 HOH HOH A . 
C 3 HOH 12 312 76 HOH HOH A . 
C 3 HOH 13 313 62 HOH HOH A . 
C 3 HOH 14 314 19 HOH HOH A . 
C 3 HOH 15 315 28 HOH HOH A . 
C 3 HOH 16 316 43 HOH HOH A . 
C 3 HOH 17 317 34 HOH HOH A . 
C 3 HOH 18 318 8  HOH HOH A . 
C 3 HOH 19 319 44 HOH HOH A . 
C 3 HOH 20 320 17 HOH HOH A . 
C 3 HOH 21 321 36 HOH HOH A . 
C 3 HOH 22 322 20 HOH HOH A . 
C 3 HOH 23 323 27 HOH HOH A . 
C 3 HOH 24 324 21 HOH HOH A . 
C 3 HOH 25 325 39 HOH HOH A . 
C 3 HOH 26 326 61 HOH HOH A . 
C 3 HOH 27 327 6  HOH HOH A . 
C 3 HOH 28 328 71 HOH HOH A . 
C 3 HOH 29 329 49 HOH HOH A . 
C 3 HOH 30 330 4  HOH HOH A . 
C 3 HOH 31 331 29 HOH HOH A . 
C 3 HOH 32 332 16 HOH HOH A . 
C 3 HOH 33 333 15 HOH HOH A . 
C 3 HOH 34 334 10 HOH HOH A . 
C 3 HOH 35 335 3  HOH HOH A . 
C 3 HOH 36 336 70 HOH HOH A . 
C 3 HOH 37 337 7  HOH HOH A . 
C 3 HOH 38 338 1  HOH HOH A . 
C 3 HOH 39 339 25 HOH HOH A . 
C 3 HOH 40 340 64 HOH HOH A . 
C 3 HOH 41 341 53 HOH HOH A . 
C 3 HOH 42 342 37 HOH HOH A . 
C 3 HOH 43 343 11 HOH HOH A . 
C 3 HOH 44 344 72 HOH HOH A . 
C 3 HOH 45 345 73 HOH HOH A . 
C 3 HOH 46 346 2  HOH HOH A . 
C 3 HOH 47 347 14 HOH HOH A . 
C 3 HOH 48 348 60 HOH HOH A . 
C 3 HOH 49 349 55 HOH HOH A . 
C 3 HOH 50 350 77 HOH HOH A . 
C 3 HOH 51 351 22 HOH HOH A . 
C 3 HOH 52 352 67 HOH HOH A . 
C 3 HOH 53 353 31 HOH HOH A . 
C 3 HOH 54 354 46 HOH HOH A . 
C 3 HOH 55 355 41 HOH HOH A . 
C 3 HOH 56 356 75 HOH HOH A . 
C 3 HOH 57 357 33 HOH HOH A . 
C 3 HOH 58 358 52 HOH HOH A . 
C 3 HOH 59 359 59 HOH HOH A . 
C 3 HOH 60 360 18 HOH HOH A . 
C 3 HOH 61 361 78 HOH HOH A . 
C 3 HOH 62 362 40 HOH HOH A . 
C 3 HOH 63 363 54 HOH HOH A . 
C 3 HOH 64 364 65 HOH HOH A . 
C 3 HOH 65 365 23 HOH HOH A . 
C 3 HOH 66 366 47 HOH HOH A . 
C 3 HOH 67 367 24 HOH HOH A . 
C 3 HOH 68 368 45 HOH HOH A . 
C 3 HOH 69 369 56 HOH HOH A . 
C 3 HOH 70 370 68 HOH HOH A . 
C 3 HOH 71 371 26 HOH HOH A . 
C 3 HOH 72 372 58 HOH HOH A . 
C 3 HOH 73 373 74 HOH HOH A . 
C 3 HOH 74 374 42 HOH HOH A . 
C 3 HOH 75 375 30 HOH HOH A . 
C 3 HOH 76 376 51 HOH HOH A . 
C 3 HOH 77 377 57 HOH HOH A . 
C 3 HOH 78 378 63 HOH HOH A . 
# 
_pdbx_struct_assembly.id                   1 
_pdbx_struct_assembly.details              author_and_software_defined_assembly 
_pdbx_struct_assembly.method_details       PISA 
_pdbx_struct_assembly.oligomeric_details   dimeric 
_pdbx_struct_assembly.oligomeric_count     2 
# 
_pdbx_struct_assembly_gen.assembly_id       1 
_pdbx_struct_assembly_gen.oper_expression   1,2 
_pdbx_struct_assembly_gen.asym_id_list      A,B,C 
# 
loop_
_pdbx_struct_assembly_prop.biol_id 
_pdbx_struct_assembly_prop.type 
_pdbx_struct_assembly_prop.value 
_pdbx_struct_assembly_prop.details 
1 'ABSA (A^2)' 1820  ? 
1 MORE         -34   ? 
1 'SSA (A^2)'  10620 ? 
# 
loop_
_pdbx_struct_oper_list.id 
_pdbx_struct_oper_list.type 
_pdbx_struct_oper_list.name 
_pdbx_struct_oper_list.symmetry_operation 
_pdbx_struct_oper_list.matrix[1][1] 
_pdbx_struct_oper_list.matrix[1][2] 
_pdbx_struct_oper_list.matrix[1][3] 
_pdbx_struct_oper_list.vector[1] 
_pdbx_struct_oper_list.matrix[2][1] 
_pdbx_struct_oper_list.matrix[2][2] 
_pdbx_struct_oper_list.matrix[2][3] 
_pdbx_struct_oper_list.vector[2] 
_pdbx_struct_oper_list.matrix[3][1] 
_pdbx_struct_oper_list.matrix[3][2] 
_pdbx_struct_oper_list.matrix[3][3] 
_pdbx_struct_oper_list.vector[3] 
1 'identity operation'         1_555 x,y,z     1.0000000000  0.0000000000 0.0000000000 0.0000000000   0.0000000000 1.0000000000 0.0000000000 0.0000000000  0.0000000000 0.0000000000 1.0000000000  0.0000000000  
2 'crystal symmetry operation' 5_655 -x+1,y,-z -0.9987594088 0.0496744956 0.0034767503 -22.4270788933 0.0496744956 0.9890158344 0.1392125133 -0.5605629039 0.0034767503 0.1392125133 -0.9902564255 16.0116520476 
# 
loop_
_pdbx_struct_special_symmetry.id 
_pdbx_struct_special_symmetry.PDB_model_num 
_pdbx_struct_special_symmetry.auth_asym_id 
_pdbx_struct_special_symmetry.auth_comp_id 
_pdbx_struct_special_symmetry.auth_seq_id 
_pdbx_struct_special_symmetry.PDB_ins_code 
_pdbx_struct_special_symmetry.label_asym_id 
_pdbx_struct_special_symmetry.label_comp_id 
_pdbx_struct_special_symmetry.label_seq_id 
1 1 A HOH 335 ? C HOH . 
2 1 A HOH 336 ? C HOH . 
# 
loop_
_pdbx_audit_revision_history.ordinal 
_pdbx_audit_revision_history.data_content_type 
_pdbx_audit_revision_history.major_revision 
_pdbx_audit_revision_history.minor_revision 
_pdbx_audit_revision_history.revision_date 
1 'Structure model' 1 0 2020-04-01 
2 'Structure model' 1 1 2020-04-29 
3 'Structure model' 1 2 2023-10-11 
# 
_pdbx_audit_revision_details.ordinal             1 
_pdbx_audit_revision_details.revision_ordinal    1 
_pdbx_audit_revision_details.data_content_type   'Structure model' 
_pdbx_audit_revision_details.provider            repository 
_pdbx_audit_revision_details.type                'Initial release' 
_pdbx_audit_revision_details.description         ? 
_pdbx_audit_revision_details.details             ? 
# 
loop_
_pdbx_audit_revision_group.ordinal 
_pdbx_audit_revision_group.revision_ordinal 
_pdbx_audit_revision_group.data_content_type 
_pdbx_audit_revision_group.group 
1 2 'Structure model' 'Database references'    
2 3 'Structure model' Advisory                 
3 3 'Structure model' 'Data collection'        
4 3 'Structure model' 'Database references'    
5 3 'Structure model' 'Refinement description' 
# 
loop_
_pdbx_audit_revision_category.ordinal 
_pdbx_audit_revision_category.revision_ordinal 
_pdbx_audit_revision_category.data_content_type 
_pdbx_audit_revision_category.category 
1 2 'Structure model' citation                      
2 3 'Structure model' chem_comp_atom                
3 3 'Structure model' chem_comp_bond                
4 3 'Structure model' database_2                    
5 3 'Structure model' pdbx_initial_refinement_model 
6 3 'Structure model' pdbx_unobs_or_zero_occ_atoms  
# 
loop_
_pdbx_audit_revision_item.ordinal 
_pdbx_audit_revision_item.revision_ordinal 
_pdbx_audit_revision_item.data_content_type 
_pdbx_audit_revision_item.item 
1 2 'Structure model' '_citation.journal_volume'            
2 2 'Structure model' '_citation.page_first'                
3 2 'Structure model' '_citation.page_last'                 
4 3 'Structure model' '_database_2.pdbx_DOI'                
5 3 'Structure model' '_database_2.pdbx_database_accession' 
# 
_pdbx_phasing_MR.entry_id                     6VSI 
_pdbx_phasing_MR.method_rotation              ? 
_pdbx_phasing_MR.method_translation           ? 
_pdbx_phasing_MR.model_details                ? 
_pdbx_phasing_MR.R_factor                     ? 
_pdbx_phasing_MR.R_rigid_body                 ? 
_pdbx_phasing_MR.correlation_coeff_Fo_to_Fc   ? 
_pdbx_phasing_MR.correlation_coeff_Io_to_Ic   ? 
_pdbx_phasing_MR.d_res_high_rotation          3.460 
_pdbx_phasing_MR.d_res_low_rotation           52.890 
_pdbx_phasing_MR.d_res_high_translation       ? 
_pdbx_phasing_MR.d_res_low_translation        ? 
_pdbx_phasing_MR.packing                      ? 
_pdbx_phasing_MR.reflns_percent_rotation      ? 
_pdbx_phasing_MR.reflns_percent_translation   ? 
_pdbx_phasing_MR.sigma_F_rotation             ? 
_pdbx_phasing_MR.sigma_F_translation          ? 
_pdbx_phasing_MR.sigma_I_rotation             ? 
_pdbx_phasing_MR.sigma_I_translation          ? 
# 
_phasing.method   MR 
# 
loop_
_software.citation_id 
_software.classification 
_software.compiler_name 
_software.compiler_version 
_software.contact_author 
_software.contact_author_email 
_software.date 
_software.description 
_software.dependencies 
_software.hardware 
_software.language 
_software.location 
_software.mods 
_software.name 
_software.os 
_software.os_version 
_software.type 
_software.version 
_software.pdbx_ordinal 
? 'data scaling'    ? ? ? ? ? ? ? ? ? ? ? XSCALE      ? ? ? .           1 
? phasing           ? ? ? ? ? ? ? ? ? ? ? PHASER      ? ? ? 2.7.16      2 
? refinement        ? ? ? ? ? ? ? ? ? ? ? PHENIX      ? ? ? 1.11.1-2575 3 
? 'data extraction' ? ? ? ? ? ? ? ? ? ? ? PDB_EXTRACT ? ? ? 3.25        4 
? 'data reduction'  ? ? ? ? ? ? ? ? ? ? ? XDS         ? ? ? .           5 
# 
_pdbx_entry_details.entry_id                 6VSI 
_pdbx_entry_details.has_ligand_of_interest   N 
_pdbx_entry_details.compound_details         ? 
_pdbx_entry_details.source_details           ? 
_pdbx_entry_details.nonpolymer_details       ? 
_pdbx_entry_details.sequence_details         ? 
# 
loop_
_pdbx_validate_close_contact.id 
_pdbx_validate_close_contact.PDB_model_num 
_pdbx_validate_close_contact.auth_atom_id_1 
_pdbx_validate_close_contact.auth_asym_id_1 
_pdbx_validate_close_contact.auth_comp_id_1 
_pdbx_validate_close_contact.auth_seq_id_1 
_pdbx_validate_close_contact.PDB_ins_code_1 
_pdbx_validate_close_contact.label_alt_id_1 
_pdbx_validate_close_contact.auth_atom_id_2 
_pdbx_validate_close_contact.auth_asym_id_2 
_pdbx_validate_close_contact.auth_comp_id_2 
_pdbx_validate_close_contact.auth_seq_id_2 
_pdbx_validate_close_contact.PDB_ins_code_2 
_pdbx_validate_close_contact.label_alt_id_2 
_pdbx_validate_close_contact.dist 
1 1 O A HOH 303 ? ? O A HOH 326 ? ? 2.05 
2 1 O A HOH 359 ? ? O A HOH 377 ? ? 2.18 
# 
_pdbx_validate_symm_contact.id                1 
_pdbx_validate_symm_contact.PDB_model_num     1 
_pdbx_validate_symm_contact.auth_atom_id_1    O 
_pdbx_validate_symm_contact.auth_asym_id_1    A 
_pdbx_validate_symm_contact.auth_comp_id_1    HOH 
_pdbx_validate_symm_contact.auth_seq_id_1     355 
_pdbx_validate_symm_contact.PDB_ins_code_1    ? 
_pdbx_validate_symm_contact.label_alt_id_1    ? 
_pdbx_validate_symm_contact.site_symmetry_1   1_555 
_pdbx_validate_symm_contact.auth_atom_id_2    O 
_pdbx_validate_symm_contact.auth_asym_id_2    A 
_pdbx_validate_symm_contact.auth_comp_id_2    HOH 
_pdbx_validate_symm_contact.auth_seq_id_2     368 
_pdbx_validate_symm_contact.PDB_ins_code_2    ? 
_pdbx_validate_symm_contact.label_alt_id_2    ? 
_pdbx_validate_symm_contact.site_symmetry_2   6_555 
_pdbx_validate_symm_contact.dist              1.92 
# 
loop_
_pdbx_validate_torsion.id 
_pdbx_validate_torsion.PDB_model_num 
_pdbx_validate_torsion.auth_comp_id 
_pdbx_validate_torsion.auth_asym_id 
_pdbx_validate_torsion.auth_seq_id 
_pdbx_validate_torsion.PDB_ins_code 
_pdbx_validate_torsion.label_alt_id 
_pdbx_validate_torsion.phi 
_pdbx_validate_torsion.psi 
1 1 ASP A 41 ? ? -171.70 147.57  
2 1 ALA A 85 ? ? -125.95 -108.63 
# 
_pdbx_unobs_or_zero_occ_atoms.id               1 
_pdbx_unobs_or_zero_occ_atoms.PDB_model_num    1 
_pdbx_unobs_or_zero_occ_atoms.polymer_flag     Y 
_pdbx_unobs_or_zero_occ_atoms.occupancy_flag   0 
_pdbx_unobs_or_zero_occ_atoms.auth_asym_id     A 
_pdbx_unobs_or_zero_occ_atoms.auth_comp_id     LYS 
_pdbx_unobs_or_zero_occ_atoms.auth_seq_id      61 
_pdbx_unobs_or_zero_occ_atoms.PDB_ins_code     ? 
_pdbx_unobs_or_zero_occ_atoms.auth_atom_id     CE 
_pdbx_unobs_or_zero_occ_atoms.label_alt_id     ? 
_pdbx_unobs_or_zero_occ_atoms.label_asym_id    A 
_pdbx_unobs_or_zero_occ_atoms.label_comp_id    LYS 
_pdbx_unobs_or_zero_occ_atoms.label_seq_id     61 
_pdbx_unobs_or_zero_occ_atoms.label_atom_id    CE 
# 
loop_
_chem_comp_atom.comp_id 
_chem_comp_atom.atom_id 
_chem_comp_atom.type_symbol 
_chem_comp_atom.pdbx_aromatic_flag 
_chem_comp_atom.pdbx_stereo_config 
_chem_comp_atom.pdbx_ordinal 
ALA N    N N N 1   
ALA CA   C N S 2   
ALA C    C N N 3   
ALA O    O N N 4   
ALA CB   C N N 5   
ALA OXT  O N N 6   
ALA H    H N N 7   
ALA H2   H N N 8   
ALA HA   H N N 9   
ALA HB1  H N N 10  
ALA HB2  H N N 11  
ALA HB3  H N N 12  
ALA HXT  H N N 13  
ARG N    N N N 14  
ARG CA   C N S 15  
ARG C    C N N 16  
ARG O    O N N 17  
ARG CB   C N N 18  
ARG CG   C N N 19  
ARG CD   C N N 20  
ARG NE   N N N 21  
ARG CZ   C N N 22  
ARG NH1  N N N 23  
ARG NH2  N N N 24  
ARG OXT  O N N 25  
ARG H    H N N 26  
ARG H2   H N N 27  
ARG HA   H N N 28  
ARG HB2  H N N 29  
ARG HB3  H N N 30  
ARG HG2  H N N 31  
ARG HG3  H N N 32  
ARG HD2  H N N 33  
ARG HD3  H N N 34  
ARG HE   H N N 35  
ARG HH11 H N N 36  
ARG HH12 H N N 37  
ARG HH21 H N N 38  
ARG HH22 H N N 39  
ARG HXT  H N N 40  
ASN N    N N N 41  
ASN CA   C N S 42  
ASN C    C N N 43  
ASN O    O N N 44  
ASN CB   C N N 45  
ASN CG   C N N 46  
ASN OD1  O N N 47  
ASN ND2  N N N 48  
ASN OXT  O N N 49  
ASN H    H N N 50  
ASN H2   H N N 51  
ASN HA   H N N 52  
ASN HB2  H N N 53  
ASN HB3  H N N 54  
ASN HD21 H N N 55  
ASN HD22 H N N 56  
ASN HXT  H N N 57  
ASP N    N N N 58  
ASP CA   C N S 59  
ASP C    C N N 60  
ASP O    O N N 61  
ASP CB   C N N 62  
ASP CG   C N N 63  
ASP OD1  O N N 64  
ASP OD2  O N N 65  
ASP OXT  O N N 66  
ASP H    H N N 67  
ASP H2   H N N 68  
ASP HA   H N N 69  
ASP HB2  H N N 70  
ASP HB3  H N N 71  
ASP HD2  H N N 72  
ASP HXT  H N N 73  
CYS N    N N N 74  
CYS CA   C N R 75  
CYS C    C N N 76  
CYS O    O N N 77  
CYS CB   C N N 78  
CYS SG   S N N 79  
CYS OXT  O N N 80  
CYS H    H N N 81  
CYS H2   H N N 82  
CYS HA   H N N 83  
CYS HB2  H N N 84  
CYS HB3  H N N 85  
CYS HG   H N N 86  
CYS HXT  H N N 87  
GLN N    N N N 88  
GLN CA   C N S 89  
GLN C    C N N 90  
GLN O    O N N 91  
GLN CB   C N N 92  
GLN CG   C N N 93  
GLN CD   C N N 94  
GLN OE1  O N N 95  
GLN NE2  N N N 96  
GLN OXT  O N N 97  
GLN H    H N N 98  
GLN H2   H N N 99  
GLN HA   H N N 100 
GLN HB2  H N N 101 
GLN HB3  H N N 102 
GLN HG2  H N N 103 
GLN HG3  H N N 104 
GLN HE21 H N N 105 
GLN HE22 H N N 106 
GLN HXT  H N N 107 
GLU N    N N N 108 
GLU CA   C N S 109 
GLU C    C N N 110 
GLU O    O N N 111 
GLU CB   C N N 112 
GLU CG   C N N 113 
GLU CD   C N N 114 
GLU OE1  O N N 115 
GLU OE2  O N N 116 
GLU OXT  O N N 117 
GLU H    H N N 118 
GLU H2   H N N 119 
GLU HA   H N N 120 
GLU HB2  H N N 121 
GLU HB3  H N N 122 
GLU HG2  H N N 123 
GLU HG3  H N N 124 
GLU HE2  H N N 125 
GLU HXT  H N N 126 
GLY N    N N N 127 
GLY CA   C N N 128 
GLY C    C N N 129 
GLY O    O N N 130 
GLY OXT  O N N 131 
GLY H    H N N 132 
GLY H2   H N N 133 
GLY HA2  H N N 134 
GLY HA3  H N N 135 
GLY HXT  H N N 136 
HIS N    N N N 137 
HIS CA   C N S 138 
HIS C    C N N 139 
HIS O    O N N 140 
HIS CB   C N N 141 
HIS CG   C Y N 142 
HIS ND1  N Y N 143 
HIS CD2  C Y N 144 
HIS CE1  C Y N 145 
HIS NE2  N Y N 146 
HIS OXT  O N N 147 
HIS H    H N N 148 
HIS H2   H N N 149 
HIS HA   H N N 150 
HIS HB2  H N N 151 
HIS HB3  H N N 152 
HIS HD1  H N N 153 
HIS HD2  H N N 154 
HIS HE1  H N N 155 
HIS HE2  H N N 156 
HIS HXT  H N N 157 
HOH O    O N N 158 
HOH H1   H N N 159 
HOH H2   H N N 160 
ILE N    N N N 161 
ILE CA   C N S 162 
ILE C    C N N 163 
ILE O    O N N 164 
ILE CB   C N S 165 
ILE CG1  C N N 166 
ILE CG2  C N N 167 
ILE CD1  C N N 168 
ILE OXT  O N N 169 
ILE H    H N N 170 
ILE H2   H N N 171 
ILE HA   H N N 172 
ILE HB   H N N 173 
ILE HG12 H N N 174 
ILE HG13 H N N 175 
ILE HG21 H N N 176 
ILE HG22 H N N 177 
ILE HG23 H N N 178 
ILE HD11 H N N 179 
ILE HD12 H N N 180 
ILE HD13 H N N 181 
ILE HXT  H N N 182 
LEU N    N N N 183 
LEU CA   C N S 184 
LEU C    C N N 185 
LEU O    O N N 186 
LEU CB   C N N 187 
LEU CG   C N N 188 
LEU CD1  C N N 189 
LEU CD2  C N N 190 
LEU OXT  O N N 191 
LEU H    H N N 192 
LEU H2   H N N 193 
LEU HA   H N N 194 
LEU HB2  H N N 195 
LEU HB3  H N N 196 
LEU HG   H N N 197 
LEU HD11 H N N 198 
LEU HD12 H N N 199 
LEU HD13 H N N 200 
LEU HD21 H N N 201 
LEU HD22 H N N 202 
LEU HD23 H N N 203 
LEU HXT  H N N 204 
LYS N    N N N 205 
LYS CA   C N S 206 
LYS C    C N N 207 
LYS O    O N N 208 
LYS CB   C N N 209 
LYS CG   C N N 210 
LYS CD   C N N 211 
LYS CE   C N N 212 
LYS NZ   N N N 213 
LYS OXT  O N N 214 
LYS H    H N N 215 
LYS H2   H N N 216 
LYS HA   H N N 217 
LYS HB2  H N N 218 
LYS HB3  H N N 219 
LYS HG2  H N N 220 
LYS HG3  H N N 221 
LYS HD2  H N N 222 
LYS HD3  H N N 223 
LYS HE2  H N N 224 
LYS HE3  H N N 225 
LYS HZ1  H N N 226 
LYS HZ2  H N N 227 
LYS HZ3  H N N 228 
LYS HXT  H N N 229 
MET N    N N N 230 
MET CA   C N S 231 
MET C    C N N 232 
MET O    O N N 233 
MET CB   C N N 234 
MET CG   C N N 235 
MET SD   S N N 236 
MET CE   C N N 237 
MET OXT  O N N 238 
MET H    H N N 239 
MET H2   H N N 240 
MET HA   H N N 241 
MET HB2  H N N 242 
MET HB3  H N N 243 
MET HG2  H N N 244 
MET HG3  H N N 245 
MET HE1  H N N 246 
MET HE2  H N N 247 
MET HE3  H N N 248 
MET HXT  H N N 249 
PHE N    N N N 250 
PHE CA   C N S 251 
PHE C    C N N 252 
PHE O    O N N 253 
PHE CB   C N N 254 
PHE CG   C Y N 255 
PHE CD1  C Y N 256 
PHE CD2  C Y N 257 
PHE CE1  C Y N 258 
PHE CE2  C Y N 259 
PHE CZ   C Y N 260 
PHE OXT  O N N 261 
PHE H    H N N 262 
PHE H2   H N N 263 
PHE HA   H N N 264 
PHE HB2  H N N 265 
PHE HB3  H N N 266 
PHE HD1  H N N 267 
PHE HD2  H N N 268 
PHE HE1  H N N 269 
PHE HE2  H N N 270 
PHE HZ   H N N 271 
PHE HXT  H N N 272 
PRO N    N N N 273 
PRO CA   C N S 274 
PRO C    C N N 275 
PRO O    O N N 276 
PRO CB   C N N 277 
PRO CG   C N N 278 
PRO CD   C N N 279 
PRO OXT  O N N 280 
PRO H    H N N 281 
PRO HA   H N N 282 
PRO HB2  H N N 283 
PRO HB3  H N N 284 
PRO HG2  H N N 285 
PRO HG3  H N N 286 
PRO HD2  H N N 287 
PRO HD3  H N N 288 
PRO HXT  H N N 289 
SER N    N N N 290 
SER CA   C N S 291 
SER C    C N N 292 
SER O    O N N 293 
SER CB   C N N 294 
SER OG   O N N 295 
SER OXT  O N N 296 
SER H    H N N 297 
SER H2   H N N 298 
SER HA   H N N 299 
SER HB2  H N N 300 
SER HB3  H N N 301 
SER HG   H N N 302 
SER HXT  H N N 303 
SO4 S    S N N 304 
SO4 O1   O N N 305 
SO4 O2   O N N 306 
SO4 O3   O N N 307 
SO4 O4   O N N 308 
THR N    N N N 309 
THR CA   C N S 310 
THR C    C N N 311 
THR O    O N N 312 
THR CB   C N R 313 
THR OG1  O N N 314 
THR CG2  C N N 315 
THR OXT  O N N 316 
THR H    H N N 317 
THR H2   H N N 318 
THR HA   H N N 319 
THR HB   H N N 320 
THR HG1  H N N 321 
THR HG21 H N N 322 
THR HG22 H N N 323 
THR HG23 H N N 324 
THR HXT  H N N 325 
TRP N    N N N 326 
TRP CA   C N S 327 
TRP C    C N N 328 
TRP O    O N N 329 
TRP CB   C N N 330 
TRP CG   C Y N 331 
TRP CD1  C Y N 332 
TRP CD2  C Y N 333 
TRP NE1  N Y N 334 
TRP CE2  C Y N 335 
TRP CE3  C Y N 336 
TRP CZ2  C Y N 337 
TRP CZ3  C Y N 338 
TRP CH2  C Y N 339 
TRP OXT  O N N 340 
TRP H    H N N 341 
TRP H2   H N N 342 
TRP HA   H N N 343 
TRP HB2  H N N 344 
TRP HB3  H N N 345 
TRP HD1  H N N 346 
TRP HE1  H N N 347 
TRP HE3  H N N 348 
TRP HZ2  H N N 349 
TRP HZ3  H N N 350 
TRP HH2  H N N 351 
TRP HXT  H N N 352 
TYR N    N N N 353 
TYR CA   C N S 354 
TYR C    C N N 355 
TYR O    O N N 356 
TYR CB   C N N 357 
TYR CG   C Y N 358 
TYR CD1  C Y N 359 
TYR CD2  C Y N 360 
TYR CE1  C Y N 361 
TYR CE2  C Y N 362 
TYR CZ   C Y N 363 
TYR OH   O N N 364 
TYR OXT  O N N 365 
TYR H    H N N 366 
TYR H2   H N N 367 
TYR HA   H N N 368 
TYR HB2  H N N 369 
TYR HB3  H N N 370 
TYR HD1  H N N 371 
TYR HD2  H N N 372 
TYR HE1  H N N 373 
TYR HE2  H N N 374 
TYR HH   H N N 375 
TYR HXT  H N N 376 
VAL N    N N N 377 
VAL CA   C N S 378 
VAL C    C N N 379 
VAL O    O N N 380 
VAL CB   C N N 381 
VAL CG1  C N N 382 
VAL CG2  C N N 383 
VAL OXT  O N N 384 
VAL H    H N N 385 
VAL H2   H N N 386 
VAL HA   H N N 387 
VAL HB   H N N 388 
VAL HG11 H N N 389 
VAL HG12 H N N 390 
VAL HG13 H N N 391 
VAL HG21 H N N 392 
VAL HG22 H N N 393 
VAL HG23 H N N 394 
VAL HXT  H N N 395 
# 
loop_
_chem_comp_bond.comp_id 
_chem_comp_bond.atom_id_1 
_chem_comp_bond.atom_id_2 
_chem_comp_bond.value_order 
_chem_comp_bond.pdbx_aromatic_flag 
_chem_comp_bond.pdbx_stereo_config 
_chem_comp_bond.pdbx_ordinal 
ALA N   CA   sing N N 1   
ALA N   H    sing N N 2   
ALA N   H2   sing N N 3   
ALA CA  C    sing N N 4   
ALA CA  CB   sing N N 5   
ALA CA  HA   sing N N 6   
ALA C   O    doub N N 7   
ALA C   OXT  sing N N 8   
ALA CB  HB1  sing N N 9   
ALA CB  HB2  sing N N 10  
ALA CB  HB3  sing N N 11  
ALA OXT HXT  sing N N 12  
ARG N   CA   sing N N 13  
ARG N   H    sing N N 14  
ARG N   H2   sing N N 15  
ARG CA  C    sing N N 16  
ARG CA  CB   sing N N 17  
ARG CA  HA   sing N N 18  
ARG C   O    doub N N 19  
ARG C   OXT  sing N N 20  
ARG CB  CG   sing N N 21  
ARG CB  HB2  sing N N 22  
ARG CB  HB3  sing N N 23  
ARG CG  CD   sing N N 24  
ARG CG  HG2  sing N N 25  
ARG CG  HG3  sing N N 26  
ARG CD  NE   sing N N 27  
ARG CD  HD2  sing N N 28  
ARG CD  HD3  sing N N 29  
ARG NE  CZ   sing N N 30  
ARG NE  HE   sing N N 31  
ARG CZ  NH1  sing N N 32  
ARG CZ  NH2  doub N N 33  
ARG NH1 HH11 sing N N 34  
ARG NH1 HH12 sing N N 35  
ARG NH2 HH21 sing N N 36  
ARG NH2 HH22 sing N N 37  
ARG OXT HXT  sing N N 38  
ASN N   CA   sing N N 39  
ASN N   H    sing N N 40  
ASN N   H2   sing N N 41  
ASN CA  C    sing N N 42  
ASN CA  CB   sing N N 43  
ASN CA  HA   sing N N 44  
ASN C   O    doub N N 45  
ASN C   OXT  sing N N 46  
ASN CB  CG   sing N N 47  
ASN CB  HB2  sing N N 48  
ASN CB  HB3  sing N N 49  
ASN CG  OD1  doub N N 50  
ASN CG  ND2  sing N N 51  
ASN ND2 HD21 sing N N 52  
ASN ND2 HD22 sing N N 53  
ASN OXT HXT  sing N N 54  
ASP N   CA   sing N N 55  
ASP N   H    sing N N 56  
ASP N   H2   sing N N 57  
ASP CA  C    sing N N 58  
ASP CA  CB   sing N N 59  
ASP CA  HA   sing N N 60  
ASP C   O    doub N N 61  
ASP C   OXT  sing N N 62  
ASP CB  CG   sing N N 63  
ASP CB  HB2  sing N N 64  
ASP CB  HB3  sing N N 65  
ASP CG  OD1  doub N N 66  
ASP CG  OD2  sing N N 67  
ASP OD2 HD2  sing N N 68  
ASP OXT HXT  sing N N 69  
CYS N   CA   sing N N 70  
CYS N   H    sing N N 71  
CYS N   H2   sing N N 72  
CYS CA  C    sing N N 73  
CYS CA  CB   sing N N 74  
CYS CA  HA   sing N N 75  
CYS C   O    doub N N 76  
CYS C   OXT  sing N N 77  
CYS CB  SG   sing N N 78  
CYS CB  HB2  sing N N 79  
CYS CB  HB3  sing N N 80  
CYS SG  HG   sing N N 81  
CYS OXT HXT  sing N N 82  
GLN N   CA   sing N N 83  
GLN N   H    sing N N 84  
GLN N   H2   sing N N 85  
GLN CA  C    sing N N 86  
GLN CA  CB   sing N N 87  
GLN CA  HA   sing N N 88  
GLN C   O    doub N N 89  
GLN C   OXT  sing N N 90  
GLN CB  CG   sing N N 91  
GLN CB  HB2  sing N N 92  
GLN CB  HB3  sing N N 93  
GLN CG  CD   sing N N 94  
GLN CG  HG2  sing N N 95  
GLN CG  HG3  sing N N 96  
GLN CD  OE1  doub N N 97  
GLN CD  NE2  sing N N 98  
GLN NE2 HE21 sing N N 99  
GLN NE2 HE22 sing N N 100 
GLN OXT HXT  sing N N 101 
GLU N   CA   sing N N 102 
GLU N   H    sing N N 103 
GLU N   H2   sing N N 104 
GLU CA  C    sing N N 105 
GLU CA  CB   sing N N 106 
GLU CA  HA   sing N N 107 
GLU C   O    doub N N 108 
GLU C   OXT  sing N N 109 
GLU CB  CG   sing N N 110 
GLU CB  HB2  sing N N 111 
GLU CB  HB3  sing N N 112 
GLU CG  CD   sing N N 113 
GLU CG  HG2  sing N N 114 
GLU CG  HG3  sing N N 115 
GLU CD  OE1  doub N N 116 
GLU CD  OE2  sing N N 117 
GLU OE2 HE2  sing N N 118 
GLU OXT HXT  sing N N 119 
GLY N   CA   sing N N 120 
GLY N   H    sing N N 121 
GLY N   H2   sing N N 122 
GLY CA  C    sing N N 123 
GLY CA  HA2  sing N N 124 
GLY CA  HA3  sing N N 125 
GLY C   O    doub N N 126 
GLY C   OXT  sing N N 127 
GLY OXT HXT  sing N N 128 
HIS N   CA   sing N N 129 
HIS N   H    sing N N 130 
HIS N   H2   sing N N 131 
HIS CA  C    sing N N 132 
HIS CA  CB   sing N N 133 
HIS CA  HA   sing N N 134 
HIS C   O    doub N N 135 
HIS C   OXT  sing N N 136 
HIS CB  CG   sing N N 137 
HIS CB  HB2  sing N N 138 
HIS CB  HB3  sing N N 139 
HIS CG  ND1  sing Y N 140 
HIS CG  CD2  doub Y N 141 
HIS ND1 CE1  doub Y N 142 
HIS ND1 HD1  sing N N 143 
HIS CD2 NE2  sing Y N 144 
HIS CD2 HD2  sing N N 145 
HIS CE1 NE2  sing Y N 146 
HIS CE1 HE1  sing N N 147 
HIS NE2 HE2  sing N N 148 
HIS OXT HXT  sing N N 149 
HOH O   H1   sing N N 150 
HOH O   H2   sing N N 151 
ILE N   CA   sing N N 152 
ILE N   H    sing N N 153 
ILE N   H2   sing N N 154 
ILE CA  C    sing N N 155 
ILE CA  CB   sing N N 156 
ILE CA  HA   sing N N 157 
ILE C   O    doub N N 158 
ILE C   OXT  sing N N 159 
ILE CB  CG1  sing N N 160 
ILE CB  CG2  sing N N 161 
ILE CB  HB   sing N N 162 
ILE CG1 CD1  sing N N 163 
ILE CG1 HG12 sing N N 164 
ILE CG1 HG13 sing N N 165 
ILE CG2 HG21 sing N N 166 
ILE CG2 HG22 sing N N 167 
ILE CG2 HG23 sing N N 168 
ILE CD1 HD11 sing N N 169 
ILE CD1 HD12 sing N N 170 
ILE CD1 HD13 sing N N 171 
ILE OXT HXT  sing N N 172 
LEU N   CA   sing N N 173 
LEU N   H    sing N N 174 
LEU N   H2   sing N N 175 
LEU CA  C    sing N N 176 
LEU CA  CB   sing N N 177 
LEU CA  HA   sing N N 178 
LEU C   O    doub N N 179 
LEU C   OXT  sing N N 180 
LEU CB  CG   sing N N 181 
LEU CB  HB2  sing N N 182 
LEU CB  HB3  sing N N 183 
LEU CG  CD1  sing N N 184 
LEU CG  CD2  sing N N 185 
LEU CG  HG   sing N N 186 
LEU CD1 HD11 sing N N 187 
LEU CD1 HD12 sing N N 188 
LEU CD1 HD13 sing N N 189 
LEU CD2 HD21 sing N N 190 
LEU CD2 HD22 sing N N 191 
LEU CD2 HD23 sing N N 192 
LEU OXT HXT  sing N N 193 
LYS N   CA   sing N N 194 
LYS N   H    sing N N 195 
LYS N   H2   sing N N 196 
LYS CA  C    sing N N 197 
LYS CA  CB   sing N N 198 
LYS CA  HA   sing N N 199 
LYS C   O    doub N N 200 
LYS C   OXT  sing N N 201 
LYS CB  CG   sing N N 202 
LYS CB  HB2  sing N N 203 
LYS CB  HB3  sing N N 204 
LYS CG  CD   sing N N 205 
LYS CG  HG2  sing N N 206 
LYS CG  HG3  sing N N 207 
LYS CD  CE   sing N N 208 
LYS CD  HD2  sing N N 209 
LYS CD  HD3  sing N N 210 
LYS CE  NZ   sing N N 211 
LYS CE  HE2  sing N N 212 
LYS CE  HE3  sing N N 213 
LYS NZ  HZ1  sing N N 214 
LYS NZ  HZ2  sing N N 215 
LYS NZ  HZ3  sing N N 216 
LYS OXT HXT  sing N N 217 
MET N   CA   sing N N 218 
MET N   H    sing N N 219 
MET N   H2   sing N N 220 
MET CA  C    sing N N 221 
MET CA  CB   sing N N 222 
MET CA  HA   sing N N 223 
MET C   O    doub N N 224 
MET C   OXT  sing N N 225 
MET CB  CG   sing N N 226 
MET CB  HB2  sing N N 227 
MET CB  HB3  sing N N 228 
MET CG  SD   sing N N 229 
MET CG  HG2  sing N N 230 
MET CG  HG3  sing N N 231 
MET SD  CE   sing N N 232 
MET CE  HE1  sing N N 233 
MET CE  HE2  sing N N 234 
MET CE  HE3  sing N N 235 
MET OXT HXT  sing N N 236 
PHE N   CA   sing N N 237 
PHE N   H    sing N N 238 
PHE N   H2   sing N N 239 
PHE CA  C    sing N N 240 
PHE CA  CB   sing N N 241 
PHE CA  HA   sing N N 242 
PHE C   O    doub N N 243 
PHE C   OXT  sing N N 244 
PHE CB  CG   sing N N 245 
PHE CB  HB2  sing N N 246 
PHE CB  HB3  sing N N 247 
PHE CG  CD1  doub Y N 248 
PHE CG  CD2  sing Y N 249 
PHE CD1 CE1  sing Y N 250 
PHE CD1 HD1  sing N N 251 
PHE CD2 CE2  doub Y N 252 
PHE CD2 HD2  sing N N 253 
PHE CE1 CZ   doub Y N 254 
PHE CE1 HE1  sing N N 255 
PHE CE2 CZ   sing Y N 256 
PHE CE2 HE2  sing N N 257 
PHE CZ  HZ   sing N N 258 
PHE OXT HXT  sing N N 259 
PRO N   CA   sing N N 260 
PRO N   CD   sing N N 261 
PRO N   H    sing N N 262 
PRO CA  C    sing N N 263 
PRO CA  CB   sing N N 264 
PRO CA  HA   sing N N 265 
PRO C   O    doub N N 266 
PRO C   OXT  sing N N 267 
PRO CB  CG   sing N N 268 
PRO CB  HB2  sing N N 269 
PRO CB  HB3  sing N N 270 
PRO CG  CD   sing N N 271 
PRO CG  HG2  sing N N 272 
PRO CG  HG3  sing N N 273 
PRO CD  HD2  sing N N 274 
PRO CD  HD3  sing N N 275 
PRO OXT HXT  sing N N 276 
SER N   CA   sing N N 277 
SER N   H    sing N N 278 
SER N   H2   sing N N 279 
SER CA  C    sing N N 280 
SER CA  CB   sing N N 281 
SER CA  HA   sing N N 282 
SER C   O    doub N N 283 
SER C   OXT  sing N N 284 
SER CB  OG   sing N N 285 
SER CB  HB2  sing N N 286 
SER CB  HB3  sing N N 287 
SER OG  HG   sing N N 288 
SER OXT HXT  sing N N 289 
SO4 S   O1   doub N N 290 
SO4 S   O2   doub N N 291 
SO4 S   O3   sing N N 292 
SO4 S   O4   sing N N 293 
THR N   CA   sing N N 294 
THR N   H    sing N N 295 
THR N   H2   sing N N 296 
THR CA  C    sing N N 297 
THR CA  CB   sing N N 298 
THR CA  HA   sing N N 299 
THR C   O    doub N N 300 
THR C   OXT  sing N N 301 
THR CB  OG1  sing N N 302 
THR CB  CG2  sing N N 303 
THR CB  HB   sing N N 304 
THR OG1 HG1  sing N N 305 
THR CG2 HG21 sing N N 306 
THR CG2 HG22 sing N N 307 
THR CG2 HG23 sing N N 308 
THR OXT HXT  sing N N 309 
TRP N   CA   sing N N 310 
TRP N   H    sing N N 311 
TRP N   H2   sing N N 312 
TRP CA  C    sing N N 313 
TRP CA  CB   sing N N 314 
TRP CA  HA   sing N N 315 
TRP C   O    doub N N 316 
TRP C   OXT  sing N N 317 
TRP CB  CG   sing N N 318 
TRP CB  HB2  sing N N 319 
TRP CB  HB3  sing N N 320 
TRP CG  CD1  doub Y N 321 
TRP CG  CD2  sing Y N 322 
TRP CD1 NE1  sing Y N 323 
TRP CD1 HD1  sing N N 324 
TRP CD2 CE2  doub Y N 325 
TRP CD2 CE3  sing Y N 326 
TRP NE1 CE2  sing Y N 327 
TRP NE1 HE1  sing N N 328 
TRP CE2 CZ2  sing Y N 329 
TRP CE3 CZ3  doub Y N 330 
TRP CE3 HE3  sing N N 331 
TRP CZ2 CH2  doub Y N 332 
TRP CZ2 HZ2  sing N N 333 
TRP CZ3 CH2  sing Y N 334 
TRP CZ3 HZ3  sing N N 335 
TRP CH2 HH2  sing N N 336 
TRP OXT HXT  sing N N 337 
TYR N   CA   sing N N 338 
TYR N   H    sing N N 339 
TYR N   H2   sing N N 340 
TYR CA  C    sing N N 341 
TYR CA  CB   sing N N 342 
TYR CA  HA   sing N N 343 
TYR C   O    doub N N 344 
TYR C   OXT  sing N N 345 
TYR CB  CG   sing N N 346 
TYR CB  HB2  sing N N 347 
TYR CB  HB3  sing N N 348 
TYR CG  CD1  doub Y N 349 
TYR CG  CD2  sing Y N 350 
TYR CD1 CE1  sing Y N 351 
TYR CD1 HD1  sing N N 352 
TYR CD2 CE2  doub Y N 353 
TYR CD2 HD2  sing N N 354 
TYR CE1 CZ   doub Y N 355 
TYR CE1 HE1  sing N N 356 
TYR CE2 CZ   sing Y N 357 
TYR CE2 HE2  sing N N 358 
TYR CZ  OH   sing N N 359 
TYR OH  HH   sing N N 360 
TYR OXT HXT  sing N N 361 
VAL N   CA   sing N N 362 
VAL N   H    sing N N 363 
VAL N   H2   sing N N 364 
VAL CA  C    sing N N 365 
VAL CA  CB   sing N N 366 
VAL CA  HA   sing N N 367 
VAL C   O    doub N N 368 
VAL C   OXT  sing N N 369 
VAL CB  CG1  sing N N 370 
VAL CB  CG2  sing N N 371 
VAL CB  HB   sing N N 372 
VAL CG1 HG11 sing N N 373 
VAL CG1 HG12 sing N N 374 
VAL CG1 HG13 sing N N 375 
VAL CG2 HG21 sing N N 376 
VAL CG2 HG22 sing N N 377 
VAL CG2 HG23 sing N N 378 
VAL OXT HXT  sing N N 379 
# 
_pdbx_audit_support.funding_organization   
'National Institutes of Health/National Institute of General Medical Sciences (NIH/NIGMS)' 
_pdbx_audit_support.country                'United States' 
_pdbx_audit_support.grant_number           GM119152 
_pdbx_audit_support.ordinal                1 
# 
loop_
_pdbx_entity_nonpoly.entity_id 
_pdbx_entity_nonpoly.name 
_pdbx_entity_nonpoly.comp_id 
2 'SULFATE ION' SO4 
3 water         HOH 
# 
_pdbx_initial_refinement_model.id               1 
_pdbx_initial_refinement_model.entity_id_list   ? 
_pdbx_initial_refinement_model.type             'experimental model' 
_pdbx_initial_refinement_model.source_name      PDB 
_pdbx_initial_refinement_model.accession_code   5HT1 
_pdbx_initial_refinement_model.details          'PDB entry 5HT1' 
# 
_pdbx_struct_assembly_auth_evidence.id                     1 
_pdbx_struct_assembly_auth_evidence.assembly_id            1 
_pdbx_struct_assembly_auth_evidence.experimental_support   'gel filtration' 
_pdbx_struct_assembly_auth_evidence.details                ? 
# 
